data_3RDC
# 
_entry.id   3RDC 
# 
_audit_conform.dict_name       mmcif_pdbx.dic 
_audit_conform.dict_version    5.379 
_audit_conform.dict_location   http://mmcif.pdb.org/dictionaries/ascii/mmcif_pdbx.dic 
# 
loop_
_database_2.database_id 
_database_2.database_code 
_database_2.pdbx_database_accession 
_database_2.pdbx_DOI 
PDB   3RDC         pdb_00003rdc 10.2210/pdb3rdc/pdb 
RCSB  RCSB064791   ?            ?                   
WWPDB D_1000064791 ?            ?                   
# 
loop_
_pdbx_database_related.db_name 
_pdbx_database_related.db_id 
_pdbx_database_related.details 
_pdbx_database_related.content_type 
PDB 3R49 . unspecified 
PDB 3R4G . unspecified 
PDB 3R54 . unspecified 
PDB 3R56 . unspecified 
PDB 3R57 . unspecified 
PDB 3R59 . unspecified 
PDB 3RCF . unspecified 
PDB 3RCG . unspecified 
PDB 3RCI . unspecified 
PDB 3RCK . unspecified 
PDB 3RCL . unspecified 
PDB 3RD9 . unspecified 
PDB 3RDA . unspecified 
PDB 3RDB . unspecified 
PDB 3RDD . unspecified 
# 
_pdbx_database_status.status_code                     REL 
_pdbx_database_status.entry_id                        3RDC 
_pdbx_database_status.recvd_initial_deposition_date   2011-04-01 
_pdbx_database_status.deposit_site                    RCSB 
_pdbx_database_status.process_site                    RCSB 
_pdbx_database_status.status_code_sf                  REL 
_pdbx_database_status.status_code_mr                  ? 
_pdbx_database_status.SG_entry                        ? 
_pdbx_database_status.status_code_cs                  ? 
_pdbx_database_status.pdb_format_compatible           Y 
_pdbx_database_status.status_code_nmr_data            ? 
_pdbx_database_status.methods_development_category    ? 
# 
loop_
_audit_author.name 
_audit_author.pdbx_ordinal 
'Colliandre, L.'     1 
'Ahmed-Belkacem, H.' 2 
'Bessin, Y.'         3 
'Pawlotsky, J.M.'    4 
'Guichou, J.F.'      5 
# 
loop_
_citation.id 
_citation.title 
_citation.journal_abbrev 
_citation.journal_volume 
_citation.page_first 
_citation.page_last 
_citation.year 
_citation.journal_id_ASTM 
_citation.country 
_citation.journal_id_ISSN 
_citation.journal_id_CSD 
_citation.book_publisher 
_citation.pdbx_database_id_PubMed 
_citation.pdbx_database_id_DOI 
primary 
;Combining 'dry' co-crystallization and in situ diffraction to facilitate ligand screening by X-ray crystallography.
;
'Acta Crystallogr.,Sect.D' 71 1777  1787  2015 ABCRE6 DK 0907-4449 0766 ? 26249358 10.1107/S1399004715010342 
1       
'Fragment-based discovery of a new family of non-peptidic small-molecule cyclophilin inhibitors with potent antiviral activities.' 
'Nat Commun'               7  12777 12777 2016 ?      UK 2041-1723 ?    ? 27652979 10.1038/ncomms12777       
# 
loop_
_citation_author.citation_id 
_citation_author.name 
_citation_author.ordinal 
_citation_author.identifier_ORCID 
primary 'Gelin, M.'          1  ? 
primary 'Delfosse, V.'       2  ? 
primary 'Allemand, F.'       3  ? 
primary 'Hoh, F.'            4  ? 
primary 'Sallaz-Damaz, Y.'   5  ? 
primary 'Pirocchi, M.'       6  ? 
primary 'Bourguet, W.'       7  ? 
primary 'Ferrer, J.L.'       8  ? 
primary 'Labesse, G.'        9  ? 
primary 'Guichou, J.F.'      10 ? 
1       'Ahmed-Belkacem, A.' 11 ? 
1       'Colliandre, L.'     12 ? 
1       'Ahnou, N.'          13 ? 
1       'Nevers, Q.'         14 ? 
1       'Gelin, M.'          15 ? 
1       'Bessin, Y.'         16 ? 
1       'Brillet, R.'        17 ? 
1       'Cala, O.'           18 ? 
1       'Douguet, D.'        19 ? 
1       'Bourguet, W.'       20 ? 
1       'Krimm, I.'          21 ? 
1       'Pawlotsky, J.M.'    22 ? 
1       'Guichou, J.F.'      23 ? 
# 
_cell.entry_id           3RDC 
_cell.length_a           56.445 
_cell.length_b           56.445 
_cell.length_c           86.995 
_cell.angle_alpha        90.00 
_cell.angle_beta         90.00 
_cell.angle_gamma        90.00 
_cell.Z_PDB              8 
_cell.pdbx_unique_axis   ? 
_cell.length_a_esd       ? 
_cell.length_b_esd       ? 
_cell.length_c_esd       ? 
_cell.angle_alpha_esd    ? 
_cell.angle_beta_esd     ? 
_cell.angle_gamma_esd    ? 
# 
_symmetry.entry_id                         3RDC 
_symmetry.space_group_name_H-M             'P 41 21 2' 
_symmetry.pdbx_full_space_group_name_H-M   ? 
_symmetry.cell_setting                     ? 
_symmetry.Int_Tables_number                92 
_symmetry.space_group_name_Hall            ? 
# 
loop_
_entity.id 
_entity.type 
_entity.src_method 
_entity.pdbx_description 
_entity.formula_weight 
_entity.pdbx_number_of_molecules 
_entity.pdbx_ec 
_entity.pdbx_mutation 
_entity.pdbx_fragment 
_entity.details 
1 polymer     man 'Peptidyl-prolyl cis-trans isomerase F, mitochondrial' 17870.400 1   5.2.1.8 K175I 'UNP residues 43-207' ? 
2 non-polymer syn 'ethyl N-[(4-aminobenzyl)carbamoyl]glycinate'          251.282   1   ?       ?     ?                     ? 
3 water       nat water                                                  18.015    223 ?       ?     ?                     ? 
# 
_entity_name_com.entity_id   1 
_entity_name_com.name        'PPIase F, Cyclophilin F, Rotamase F' 
# 
_entity_poly.entity_id                      1 
_entity_poly.type                           'polypeptide(L)' 
_entity_poly.nstd_linkage                   no 
_entity_poly.nstd_monomer                   no 
_entity_poly.pdbx_seq_one_letter_code       
;MSGNPLVYLDVDANGKPLGRVVLELKADVVPKTAENFRALCTGEKGFGYKGSTFHRVIPSFMCQAGDFTNHNGTGGKSIY
GSRFPDENFTLKHVGPGVLSMANAGPNTNGSQFFICTIKTDWLDGKHVVFGHVIEGMDVVKKIESFGSKSGRTSKKIVIT
DCGQLS
;
_entity_poly.pdbx_seq_one_letter_code_can   
;MSGNPLVYLDVDANGKPLGRVVLELKADVVPKTAENFRALCTGEKGFGYKGSTFHRVIPSFMCQAGDFTNHNGTGGKSIY
GSRFPDENFTLKHVGPGVLSMANAGPNTNGSQFFICTIKTDWLDGKHVVFGHVIEGMDVVKKIESFGSKSGRTSKKIVIT
DCGQLS
;
_entity_poly.pdbx_strand_id                 A 
_entity_poly.pdbx_target_identifier         ? 
# 
loop_
_entity_poly_seq.entity_id 
_entity_poly_seq.num 
_entity_poly_seq.mon_id 
_entity_poly_seq.hetero 
1 1   MET n 
1 2   SER n 
1 3   GLY n 
1 4   ASN n 
1 5   PRO n 
1 6   LEU n 
1 7   VAL n 
1 8   TYR n 
1 9   LEU n 
1 10  ASP n 
1 11  VAL n 
1 12  ASP n 
1 13  ALA n 
1 14  ASN n 
1 15  GLY n 
1 16  LYS n 
1 17  PRO n 
1 18  LEU n 
1 19  GLY n 
1 20  ARG n 
1 21  VAL n 
1 22  VAL n 
1 23  LEU n 
1 24  GLU n 
1 25  LEU n 
1 26  LYS n 
1 27  ALA n 
1 28  ASP n 
1 29  VAL n 
1 30  VAL n 
1 31  PRO n 
1 32  LYS n 
1 33  THR n 
1 34  ALA n 
1 35  GLU n 
1 36  ASN n 
1 37  PHE n 
1 38  ARG n 
1 39  ALA n 
1 40  LEU n 
1 41  CYS n 
1 42  THR n 
1 43  GLY n 
1 44  GLU n 
1 45  LYS n 
1 46  GLY n 
1 47  PHE n 
1 48  GLY n 
1 49  TYR n 
1 50  LYS n 
1 51  GLY n 
1 52  SER n 
1 53  THR n 
1 54  PHE n 
1 55  HIS n 
1 56  ARG n 
1 57  VAL n 
1 58  ILE n 
1 59  PRO n 
1 60  SER n 
1 61  PHE n 
1 62  MET n 
1 63  CYS n 
1 64  GLN n 
1 65  ALA n 
1 66  GLY n 
1 67  ASP n 
1 68  PHE n 
1 69  THR n 
1 70  ASN n 
1 71  HIS n 
1 72  ASN n 
1 73  GLY n 
1 74  THR n 
1 75  GLY n 
1 76  GLY n 
1 77  LYS n 
1 78  SER n 
1 79  ILE n 
1 80  TYR n 
1 81  GLY n 
1 82  SER n 
1 83  ARG n 
1 84  PHE n 
1 85  PRO n 
1 86  ASP n 
1 87  GLU n 
1 88  ASN n 
1 89  PHE n 
1 90  THR n 
1 91  LEU n 
1 92  LYS n 
1 93  HIS n 
1 94  VAL n 
1 95  GLY n 
1 96  PRO n 
1 97  GLY n 
1 98  VAL n 
1 99  LEU n 
1 100 SER n 
1 101 MET n 
1 102 ALA n 
1 103 ASN n 
1 104 ALA n 
1 105 GLY n 
1 106 PRO n 
1 107 ASN n 
1 108 THR n 
1 109 ASN n 
1 110 GLY n 
1 111 SER n 
1 112 GLN n 
1 113 PHE n 
1 114 PHE n 
1 115 ILE n 
1 116 CYS n 
1 117 THR n 
1 118 ILE n 
1 119 LYS n 
1 120 THR n 
1 121 ASP n 
1 122 TRP n 
1 123 LEU n 
1 124 ASP n 
1 125 GLY n 
1 126 LYS n 
1 127 HIS n 
1 128 VAL n 
1 129 VAL n 
1 130 PHE n 
1 131 GLY n 
1 132 HIS n 
1 133 VAL n 
1 134 ILE n 
1 135 GLU n 
1 136 GLY n 
1 137 MET n 
1 138 ASP n 
1 139 VAL n 
1 140 VAL n 
1 141 LYS n 
1 142 LYS n 
1 143 ILE n 
1 144 GLU n 
1 145 SER n 
1 146 PHE n 
1 147 GLY n 
1 148 SER n 
1 149 LYS n 
1 150 SER n 
1 151 GLY n 
1 152 ARG n 
1 153 THR n 
1 154 SER n 
1 155 LYS n 
1 156 LYS n 
1 157 ILE n 
1 158 VAL n 
1 159 ILE n 
1 160 THR n 
1 161 ASP n 
1 162 CYS n 
1 163 GLY n 
1 164 GLN n 
1 165 LEU n 
1 166 SER n 
# 
_entity_src_gen.entity_id                          1 
_entity_src_gen.pdbx_src_id                        1 
_entity_src_gen.pdbx_alt_source_flag               sample 
_entity_src_gen.pdbx_seq_type                      ? 
_entity_src_gen.pdbx_beg_seq_num                   ? 
_entity_src_gen.pdbx_end_seq_num                   ? 
_entity_src_gen.gene_src_common_name               human 
_entity_src_gen.gene_src_genus                     ? 
_entity_src_gen.pdbx_gene_src_gene                 'PPIF, CYP3' 
_entity_src_gen.gene_src_species                   ? 
_entity_src_gen.gene_src_strain                    ? 
_entity_src_gen.gene_src_tissue                    ? 
_entity_src_gen.gene_src_tissue_fraction           ? 
_entity_src_gen.gene_src_details                   ? 
_entity_src_gen.pdbx_gene_src_fragment             ? 
_entity_src_gen.pdbx_gene_src_scientific_name      'Homo sapiens' 
_entity_src_gen.pdbx_gene_src_ncbi_taxonomy_id     9606 
_entity_src_gen.pdbx_gene_src_variant              ? 
_entity_src_gen.pdbx_gene_src_cell_line            ? 
_entity_src_gen.pdbx_gene_src_atcc                 ? 
_entity_src_gen.pdbx_gene_src_organ                ? 
_entity_src_gen.pdbx_gene_src_organelle            ? 
_entity_src_gen.pdbx_gene_src_cell                 ? 
_entity_src_gen.pdbx_gene_src_cellular_location    ? 
_entity_src_gen.host_org_common_name               ? 
_entity_src_gen.pdbx_host_org_scientific_name      'Escherichia coli' 
_entity_src_gen.pdbx_host_org_ncbi_taxonomy_id     562 
_entity_src_gen.host_org_genus                     ? 
_entity_src_gen.pdbx_host_org_gene                 ? 
_entity_src_gen.pdbx_host_org_organ                ? 
_entity_src_gen.host_org_species                   ? 
_entity_src_gen.pdbx_host_org_tissue               ? 
_entity_src_gen.pdbx_host_org_tissue_fraction      ? 
_entity_src_gen.pdbx_host_org_strain               ? 
_entity_src_gen.pdbx_host_org_variant              ? 
_entity_src_gen.pdbx_host_org_cell_line            ? 
_entity_src_gen.pdbx_host_org_atcc                 ? 
_entity_src_gen.pdbx_host_org_culture_collection   ? 
_entity_src_gen.pdbx_host_org_cell                 ? 
_entity_src_gen.pdbx_host_org_organelle            ? 
_entity_src_gen.pdbx_host_org_cellular_location    ? 
_entity_src_gen.pdbx_host_org_vector_type          ? 
_entity_src_gen.pdbx_host_org_vector               ? 
_entity_src_gen.host_org_details                   ? 
_entity_src_gen.expression_system_id               ? 
_entity_src_gen.plasmid_name                       ? 
_entity_src_gen.plasmid_details                    ? 
_entity_src_gen.pdbx_description                   ? 
# 
_struct_ref.id                         1 
_struct_ref.db_name                    UNP 
_struct_ref.db_code                    PPIF_HUMAN 
_struct_ref.pdbx_db_accession          P30405 
_struct_ref.entity_id                  1 
_struct_ref.pdbx_seq_one_letter_code   
;SGNPLVYLDVDANGKPLGRVVLELKADVVPKTAENFRALCTGEKGFGYKGSTFHRVIPSFMCQAGDFTNHNGTGGKSIYG
SRFPDENFTLKHVGPGVLSMANAGPNTNGSQFFICTIKTDWLDGKHVVFGHVKEGMDVVKKIESFGSKSGRTSKKIVITD
CGQLS
;
_struct_ref.pdbx_align_begin           43 
_struct_ref.pdbx_db_isoform            ? 
# 
_struct_ref_seq.align_id                      1 
_struct_ref_seq.ref_id                        1 
_struct_ref_seq.pdbx_PDB_id_code              3RDC 
_struct_ref_seq.pdbx_strand_id                A 
_struct_ref_seq.seq_align_beg                 2 
_struct_ref_seq.pdbx_seq_align_beg_ins_code   ? 
_struct_ref_seq.seq_align_end                 166 
_struct_ref_seq.pdbx_seq_align_end_ins_code   ? 
_struct_ref_seq.pdbx_db_accession             P30405 
_struct_ref_seq.db_align_beg                  43 
_struct_ref_seq.pdbx_db_align_beg_ins_code    ? 
_struct_ref_seq.db_align_end                  207 
_struct_ref_seq.pdbx_db_align_end_ins_code    ? 
_struct_ref_seq.pdbx_auth_seq_align_beg       43 
_struct_ref_seq.pdbx_auth_seq_align_end       207 
# 
loop_
_struct_ref_seq_dif.align_id 
_struct_ref_seq_dif.pdbx_pdb_id_code 
_struct_ref_seq_dif.mon_id 
_struct_ref_seq_dif.pdbx_pdb_strand_id 
_struct_ref_seq_dif.seq_num 
_struct_ref_seq_dif.pdbx_pdb_ins_code 
_struct_ref_seq_dif.pdbx_seq_db_name 
_struct_ref_seq_dif.pdbx_seq_db_accession_code 
_struct_ref_seq_dif.db_mon_id 
_struct_ref_seq_dif.pdbx_seq_db_seq_num 
_struct_ref_seq_dif.details 
_struct_ref_seq_dif.pdbx_auth_seq_num 
_struct_ref_seq_dif.pdbx_ordinal 
1 3RDC MET A 1   ? UNP P30405 ?   ?   'initiating methionine' 42  1 
1 3RDC ILE A 134 ? UNP P30405 LYS 175 'engineered mutation'   175 2 
# 
loop_
_chem_comp.id 
_chem_comp.type 
_chem_comp.mon_nstd_flag 
_chem_comp.name 
_chem_comp.pdbx_synonyms 
_chem_comp.formula 
_chem_comp.formula_weight 
ALA 'L-peptide linking' y ALANINE                                       ? 'C3 H7 N O2'     89.093  
ARG 'L-peptide linking' y ARGININE                                      ? 'C6 H15 N4 O2 1' 175.209 
ASN 'L-peptide linking' y ASPARAGINE                                    ? 'C4 H8 N2 O3'    132.118 
ASP 'L-peptide linking' y 'ASPARTIC ACID'                               ? 'C4 H7 N O4'     133.103 
CYS 'L-peptide linking' y CYSTEINE                                      ? 'C3 H7 N O2 S'   121.158 
EA4 non-polymer         . 'ethyl N-[(4-aminobenzyl)carbamoyl]glycinate' ? 'C12 H17 N3 O3'  251.282 
GLN 'L-peptide linking' y GLUTAMINE                                     ? 'C5 H10 N2 O3'   146.144 
GLU 'L-peptide linking' y 'GLUTAMIC ACID'                               ? 'C5 H9 N O4'     147.129 
GLY 'peptide linking'   y GLYCINE                                       ? 'C2 H5 N O2'     75.067  
HIS 'L-peptide linking' y HISTIDINE                                     ? 'C6 H10 N3 O2 1' 156.162 
HOH non-polymer         . WATER                                         ? 'H2 O'           18.015  
ILE 'L-peptide linking' y ISOLEUCINE                                    ? 'C6 H13 N O2'    131.173 
LEU 'L-peptide linking' y LEUCINE                                       ? 'C6 H13 N O2'    131.173 
LYS 'L-peptide linking' y LYSINE                                        ? 'C6 H15 N2 O2 1' 147.195 
MET 'L-peptide linking' y METHIONINE                                    ? 'C5 H11 N O2 S'  149.211 
PHE 'L-peptide linking' y PHENYLALANINE                                 ? 'C9 H11 N O2'    165.189 
PRO 'L-peptide linking' y PROLINE                                       ? 'C5 H9 N O2'     115.130 
SER 'L-peptide linking' y SERINE                                        ? 'C3 H7 N O3'     105.093 
THR 'L-peptide linking' y THREONINE                                     ? 'C4 H9 N O3'     119.119 
TRP 'L-peptide linking' y TRYPTOPHAN                                    ? 'C11 H12 N2 O2'  204.225 
TYR 'L-peptide linking' y TYROSINE                                      ? 'C9 H11 N O3'    181.189 
VAL 'L-peptide linking' y VALINE                                        ? 'C5 H11 N O2'    117.146 
# 
_exptl.entry_id          3RDC 
_exptl.method            'X-RAY DIFFRACTION' 
_exptl.crystals_number   1 
# 
_exptl_crystal.id                    1 
_exptl_crystal.density_meas          ? 
_exptl_crystal.density_Matthews      1.94 
_exptl_crystal.density_percent_sol   36.56 
_exptl_crystal.description           ? 
_exptl_crystal.F_000                 ? 
_exptl_crystal.preparation           ? 
# 
_exptl_crystal_grow.crystal_id      1 
_exptl_crystal_grow.method          'VAPOR DIFFUSION, HANGING DROP' 
_exptl_crystal_grow.temp            291 
_exptl_crystal_grow.temp_details    ? 
_exptl_crystal_grow.pH              7.3 
_exptl_crystal_grow.pdbx_details    '30% PEG4000, pH 7.3, VAPOR DIFFUSION, HANGING DROP, temperature 291K' 
_exptl_crystal_grow.pdbx_pH_range   ? 
# 
_diffrn.id                     1 
_diffrn.ambient_temp           100 
_diffrn.ambient_temp_details   ? 
_diffrn.crystal_id             1 
# 
_diffrn_detector.diffrn_id              1 
_diffrn_detector.detector               'AREA DETECTOR' 
_diffrn_detector.type                   MARRESEARCH 
_diffrn_detector.pdbx_collection_date   2008-10-12 
_diffrn_detector.details                ? 
# 
_diffrn_radiation.diffrn_id                        1 
_diffrn_radiation.wavelength_id                    1 
_diffrn_radiation.pdbx_monochromatic_or_laue_m_l   M 
_diffrn_radiation.monochromator                    'yale mirror' 
_diffrn_radiation.pdbx_diffrn_protocol             'SINGLE WAVELENGTH' 
_diffrn_radiation.pdbx_scattering_type             x-ray 
# 
_diffrn_radiation_wavelength.id           1 
_diffrn_radiation_wavelength.wavelength   1.5418 
_diffrn_radiation_wavelength.wt           1.0 
# 
_diffrn_source.diffrn_id                   1 
_diffrn_source.source                      'ROTATING ANODE' 
_diffrn_source.type                        RIGAKU 
_diffrn_source.pdbx_synchrotron_site       ? 
_diffrn_source.pdbx_synchrotron_beamline   ? 
_diffrn_source.pdbx_wavelength             1.5418 
_diffrn_source.pdbx_wavelength_list        ? 
# 
_reflns.entry_id                     3RDC 
_reflns.observed_criterion_sigma_I   9.1 
_reflns.observed_criterion_sigma_F   ? 
_reflns.d_resolution_low             28.2 
_reflns.d_resolution_high            1.93 
_reflns.number_obs                   10358 
_reflns.number_all                   10623 
_reflns.percent_possible_obs         97.5 
_reflns.pdbx_Rmerge_I_obs            ? 
_reflns.pdbx_Rsym_value              0.059 
_reflns.pdbx_netI_over_sigmaI        ? 
_reflns.B_iso_Wilson_estimate        ? 
_reflns.pdbx_redundancy              4.1 
_reflns.R_free_details               ? 
_reflns.limit_h_max                  ? 
_reflns.limit_h_min                  ? 
_reflns.limit_k_max                  ? 
_reflns.limit_k_min                  ? 
_reflns.limit_l_max                  ? 
_reflns.limit_l_min                  ? 
_reflns.observed_criterion_F_max     ? 
_reflns.observed_criterion_F_min     ? 
_reflns.pdbx_chi_squared             ? 
_reflns.pdbx_scaling_rejects         ? 
_reflns.pdbx_ordinal                 1 
_reflns.pdbx_diffrn_id               1 
# 
_reflns_shell.d_res_high             1.93 
_reflns_shell.d_res_low              1.987 
_reflns_shell.percent_possible_all   84.0 
_reflns_shell.Rmerge_I_obs           ? 
_reflns_shell.pdbx_Rsym_value        0.188 
_reflns_shell.meanI_over_sigI_obs    3.5 
_reflns_shell.pdbx_redundancy        4.8 
_reflns_shell.percent_possible_obs   ? 
_reflns_shell.number_unique_all      ? 
_reflns_shell.number_measured_all    ? 
_reflns_shell.number_measured_obs    ? 
_reflns_shell.number_unique_obs      ? 
_reflns_shell.pdbx_chi_squared       ? 
_reflns_shell.pdbx_ordinal           1 
_reflns_shell.pdbx_diffrn_id         1 
# 
_refine.entry_id                                 3RDC 
_refine.ls_number_reflns_obs                     10358 
_refine.ls_number_reflns_all                     10623 
_refine.pdbx_ls_sigma_I                          ? 
_refine.pdbx_ls_sigma_F                          ? 
_refine.pdbx_data_cutoff_high_absF               ? 
_refine.pdbx_data_cutoff_low_absF                ? 
_refine.pdbx_data_cutoff_high_rms_absF           ? 
_refine.ls_d_res_low                             25.79 
_refine.ls_d_res_high                            1.94 
_refine.ls_percent_reflns_obs                    98.99 
_refine.ls_R_factor_obs                          0.20781 
_refine.ls_R_factor_all                          ? 
_refine.ls_R_factor_R_work                       0.20461 
_refine.ls_R_factor_R_free                       0.27014 
_refine.ls_R_factor_R_free_error                 ? 
_refine.ls_R_factor_R_free_error_details         ? 
_refine.ls_percent_reflns_R_free                 4.9 
_refine.ls_number_reflns_R_free                  529 
_refine.ls_number_parameters                     ? 
_refine.ls_number_restraints                     ? 
_refine.occupancy_min                            ? 
_refine.occupancy_max                            ? 
_refine.correlation_coeff_Fo_to_Fc               0.908 
_refine.correlation_coeff_Fo_to_Fc_free          0.853 
_refine.B_iso_mean                               12.287 
_refine.aniso_B[1][1]                            -0.58 
_refine.aniso_B[2][2]                            -0.58 
_refine.aniso_B[3][3]                            1.15 
_refine.aniso_B[1][2]                            0.00 
_refine.aniso_B[1][3]                            0.00 
_refine.aniso_B[2][3]                            0.00 
_refine.solvent_model_details                    MASK 
_refine.solvent_model_param_ksol                 ? 
_refine.solvent_model_param_bsol                 ? 
_refine.pdbx_solvent_vdw_probe_radii             1.40 
_refine.pdbx_solvent_ion_probe_radii             0.80 
_refine.pdbx_solvent_shrinkage_radii             0.80 
_refine.pdbx_ls_cross_valid_method               THROUGHOUT 
_refine.details                                  'HYDROGENS HAVE BEEN ADDED IN THE RIDING POSITIONS' 
_refine.pdbx_starting_model                      'PDB ENTRY 2BIT' 
_refine.pdbx_method_to_determine_struct          'MOLECULAR REPLACEMENT' 
_refine.pdbx_isotropic_thermal_model             ? 
_refine.pdbx_stereochemistry_target_values       'MAXIMUM LIKELIHOOD' 
_refine.pdbx_stereochem_target_val_spec_case     ? 
_refine.pdbx_R_Free_selection_details            RANDOM 
_refine.pdbx_overall_ESU_R_Free                  0.201 
_refine.overall_SU_ML                            0.130 
_refine.overall_SU_B                             4.259 
_refine.overall_SU_R_Cruickshank_DPI             ? 
_refine.ls_redundancy_reflns_obs                 ? 
_refine.B_iso_min                                ? 
_refine.B_iso_max                                ? 
_refine.overall_SU_R_free                        ? 
_refine.ls_wR_factor_R_free                      ? 
_refine.ls_wR_factor_R_work                      ? 
_refine.overall_FOM_free_R_set                   ? 
_refine.overall_FOM_work_R_set                   ? 
_refine.pdbx_overall_phase_error                 ? 
_refine.pdbx_refine_id                           'X-RAY DIFFRACTION' 
_refine.pdbx_overall_ESU_R                       0.232 
_refine.pdbx_diffrn_id                           1 
_refine.pdbx_TLS_residual_ADP_flag               ? 
_refine.pdbx_overall_SU_R_free_Cruickshank_DPI   ? 
_refine.pdbx_overall_SU_R_Blow_DPI               ? 
_refine.pdbx_overall_SU_R_free_Blow_DPI          ? 
# 
_refine_hist.pdbx_refine_id                   'X-RAY DIFFRACTION' 
_refine_hist.cycle_id                         LAST 
_refine_hist.pdbx_number_atoms_protein        1232 
_refine_hist.pdbx_number_atoms_nucleic_acid   0 
_refine_hist.pdbx_number_atoms_ligand         18 
_refine_hist.number_atoms_solvent             223 
_refine_hist.number_atoms_total               1473 
_refine_hist.d_res_high                       1.94 
_refine_hist.d_res_low                        25.79 
# 
loop_
_refine_ls_restr.type 
_refine_ls_restr.dev_ideal 
_refine_ls_restr.dev_ideal_target 
_refine_ls_restr.weight 
_refine_ls_restr.number 
_refine_ls_restr.pdbx_restraint_function 
_refine_ls_restr.pdbx_refine_id 
r_bond_refined_d       0.007  0.022  ? 1277 ? 'X-RAY DIFFRACTION' 
r_bond_other_d         0.002  0.020  ? 865  ? 'X-RAY DIFFRACTION' 
r_angle_refined_deg    1.063  1.962  ? 1721 ? 'X-RAY DIFFRACTION' 
r_angle_other_deg      0.809  3.003  ? 2102 ? 'X-RAY DIFFRACTION' 
r_dihedral_angle_1_deg 5.879  5.000  ? 163  ? 'X-RAY DIFFRACTION' 
r_dihedral_angle_2_deg 33.292 24.510 ? 51   ? 'X-RAY DIFFRACTION' 
r_dihedral_angle_3_deg 10.362 15.000 ? 208  ? 'X-RAY DIFFRACTION' 
r_dihedral_angle_4_deg 12.106 15.000 ? 4    ? 'X-RAY DIFFRACTION' 
r_chiral_restr         0.063  0.200  ? 186  ? 'X-RAY DIFFRACTION' 
r_gen_planes_refined   0.004  0.021  ? 1439 ? 'X-RAY DIFFRACTION' 
r_gen_planes_other     0.001  0.020  ? 256  ? 'X-RAY DIFFRACTION' 
r_mcbond_it            0.349  1.500  ? 810  ? 'X-RAY DIFFRACTION' 
r_mcbond_other         0.084  1.500  ? 345  ? 'X-RAY DIFFRACTION' 
r_mcangle_it           0.605  2.000  ? 1301 ? 'X-RAY DIFFRACTION' 
r_scbond_it            0.970  3.000  ? 467  ? 'X-RAY DIFFRACTION' 
r_scangle_it           1.477  4.500  ? 420  ? 'X-RAY DIFFRACTION' 
# 
_refine_ls_shell.pdbx_total_number_of_bins_used   20 
_refine_ls_shell.d_res_high                       1.937 
_refine_ls_shell.d_res_low                        1.987 
_refine_ls_shell.number_reflns_R_work             672 
_refine_ls_shell.R_factor_R_work                  0.186 
_refine_ls_shell.percent_reflns_obs               90.66 
_refine_ls_shell.R_factor_R_free                  0.340 
_refine_ls_shell.R_factor_R_free_error            ? 
_refine_ls_shell.percent_reflns_R_free            ? 
_refine_ls_shell.number_reflns_R_free             37 
_refine_ls_shell.number_reflns_all                ? 
_refine_ls_shell.R_factor_all                     ? 
_refine_ls_shell.number_reflns_obs                ? 
_refine_ls_shell.redundancy_reflns_obs            ? 
_refine_ls_shell.pdbx_refine_id                   'X-RAY DIFFRACTION' 
# 
_struct.entry_id                  3RDC 
_struct.title                     'Human Cyclophilin D Complexed with an Inhibitor' 
_struct.pdbx_model_details        ? 
_struct.pdbx_CASP_flag            ? 
_struct.pdbx_model_type_details   ? 
# 
_struct_keywords.entry_id        3RDC 
_struct_keywords.pdbx_keywords   'ISOMERASE/ISOMERASE INHIBITOR' 
_struct_keywords.text            
'beta barrel, prolyl cis/trans isomerase, mitochondria, inhibitor, ISOMERASE-ISOMERASE INHIBITOR complex' 
# 
loop_
_struct_asym.id 
_struct_asym.pdbx_blank_PDB_chainid_flag 
_struct_asym.pdbx_modified 
_struct_asym.entity_id 
_struct_asym.details 
A N N 1 ? 
B N N 2 ? 
C N N 3 ? 
# 
_struct_biol.id        1 
_struct_biol.details   ? 
# 
loop_
_struct_conf.conf_type_id 
_struct_conf.id 
_struct_conf.pdbx_PDB_helix_id 
_struct_conf.beg_label_comp_id 
_struct_conf.beg_label_asym_id 
_struct_conf.beg_label_seq_id 
_struct_conf.pdbx_beg_PDB_ins_code 
_struct_conf.end_label_comp_id 
_struct_conf.end_label_asym_id 
_struct_conf.end_label_seq_id 
_struct_conf.pdbx_end_PDB_ins_code 
_struct_conf.beg_auth_comp_id 
_struct_conf.beg_auth_asym_id 
_struct_conf.beg_auth_seq_id 
_struct_conf.end_auth_comp_id 
_struct_conf.end_auth_asym_id 
_struct_conf.end_auth_seq_id 
_struct_conf.pdbx_PDB_helix_class 
_struct_conf.details 
_struct_conf.pdbx_PDB_helix_length 
HELX_P HELX_P1 1 VAL A 30  ? GLY A 43  ? VAL A 71  GLY A 84  1 ? 14 
HELX_P HELX_P2 2 THR A 120 ? ASP A 124 ? THR A 161 ASP A 165 5 ? 5  
HELX_P HELX_P3 3 GLY A 136 ? PHE A 146 ? GLY A 177 PHE A 187 1 ? 11 
# 
_struct_conf_type.id          HELX_P 
_struct_conf_type.criteria    ? 
_struct_conf_type.reference   ? 
# 
_struct_sheet.id               A 
_struct_sheet.type             ? 
_struct_sheet.number_strands   8 
_struct_sheet.details          ? 
# 
loop_
_struct_sheet_order.sheet_id 
_struct_sheet_order.range_id_1 
_struct_sheet_order.range_id_2 
_struct_sheet_order.offset 
_struct_sheet_order.sense 
A 1 2 ? anti-parallel 
A 2 3 ? anti-parallel 
A 3 4 ? anti-parallel 
A 4 5 ? anti-parallel 
A 5 6 ? anti-parallel 
A 6 7 ? anti-parallel 
A 7 8 ? anti-parallel 
# 
loop_
_struct_sheet_range.sheet_id 
_struct_sheet_range.id 
_struct_sheet_range.beg_label_comp_id 
_struct_sheet_range.beg_label_asym_id 
_struct_sheet_range.beg_label_seq_id 
_struct_sheet_range.pdbx_beg_PDB_ins_code 
_struct_sheet_range.end_label_comp_id 
_struct_sheet_range.end_label_asym_id 
_struct_sheet_range.end_label_seq_id 
_struct_sheet_range.pdbx_end_PDB_ins_code 
_struct_sheet_range.beg_auth_comp_id 
_struct_sheet_range.beg_auth_asym_id 
_struct_sheet_range.beg_auth_seq_id 
_struct_sheet_range.end_auth_comp_id 
_struct_sheet_range.end_auth_asym_id 
_struct_sheet_range.end_auth_seq_id 
A 1 PHE A 54  ? ILE A 58  ? PHE A 95  ILE A 99  
A 2 MET A 62  ? ALA A 65  ? MET A 103 ALA A 106 
A 3 PHE A 113 ? CYS A 116 ? PHE A 154 CYS A 157 
A 4 VAL A 98  ? MET A 101 ? VAL A 139 MET A 142 
A 5 VAL A 129 ? GLU A 135 ? VAL A 170 GLU A 176 
A 6 LYS A 16  ? LEU A 25  ? LYS A 57  LEU A 66  
A 7 LEU A 6   ? ALA A 13  ? LEU A 47  ALA A 54  
A 8 ILE A 157 ? GLN A 164 ? ILE A 198 GLN A 205 
# 
loop_
_pdbx_struct_sheet_hbond.sheet_id 
_pdbx_struct_sheet_hbond.range_id_1 
_pdbx_struct_sheet_hbond.range_id_2 
_pdbx_struct_sheet_hbond.range_1_label_atom_id 
_pdbx_struct_sheet_hbond.range_1_label_comp_id 
_pdbx_struct_sheet_hbond.range_1_label_asym_id 
_pdbx_struct_sheet_hbond.range_1_label_seq_id 
_pdbx_struct_sheet_hbond.range_1_PDB_ins_code 
_pdbx_struct_sheet_hbond.range_1_auth_atom_id 
_pdbx_struct_sheet_hbond.range_1_auth_comp_id 
_pdbx_struct_sheet_hbond.range_1_auth_asym_id 
_pdbx_struct_sheet_hbond.range_1_auth_seq_id 
_pdbx_struct_sheet_hbond.range_2_label_atom_id 
_pdbx_struct_sheet_hbond.range_2_label_comp_id 
_pdbx_struct_sheet_hbond.range_2_label_asym_id 
_pdbx_struct_sheet_hbond.range_2_label_seq_id 
_pdbx_struct_sheet_hbond.range_2_PDB_ins_code 
_pdbx_struct_sheet_hbond.range_2_auth_atom_id 
_pdbx_struct_sheet_hbond.range_2_auth_comp_id 
_pdbx_struct_sheet_hbond.range_2_auth_asym_id 
_pdbx_struct_sheet_hbond.range_2_auth_seq_id 
A 1 2 N ARG A 56  ? N ARG A 97  O GLN A 64  ? O GLN A 105 
A 2 3 N ALA A 65  ? N ALA A 106 O PHE A 113 ? O PHE A 154 
A 3 4 O PHE A 114 ? O PHE A 155 N SER A 100 ? N SER A 141 
A 4 5 N LEU A 99  ? N LEU A 140 O GLY A 131 ? O GLY A 172 
A 5 6 O GLU A 135 ? O GLU A 176 N VAL A 22  ? N VAL A 63  
A 6 7 O LEU A 18  ? O LEU A 59  N VAL A 11  ? N VAL A 52  
A 7 8 N ASP A 10  ? N ASP A 51  O ASP A 161 ? O ASP A 202 
# 
_struct_site.id                   AC1 
_struct_site.pdbx_evidence_code   Software 
_struct_site.pdbx_auth_asym_id    A 
_struct_site.pdbx_auth_comp_id    EA4 
_struct_site.pdbx_auth_seq_id     1 
_struct_site.pdbx_auth_ins_code   ? 
_struct_site.pdbx_num_residues    14 
_struct_site.details              'BINDING SITE FOR RESIDUE EA4 A 1' 
# 
loop_
_struct_site_gen.id 
_struct_site_gen.site_id 
_struct_site_gen.pdbx_num_res 
_struct_site_gen.label_comp_id 
_struct_site_gen.label_asym_id 
_struct_site_gen.label_seq_id 
_struct_site_gen.pdbx_auth_ins_code 
_struct_site_gen.auth_comp_id 
_struct_site_gen.auth_asym_id 
_struct_site_gen.auth_seq_id 
_struct_site_gen.label_atom_id 
_struct_site_gen.label_alt_id 
_struct_site_gen.symmetry 
_struct_site_gen.details 
1  AC1 14 ARG A 56  ? ARG A 97  . ? 1_555 ? 
2  AC1 14 GLN A 64  ? GLN A 105 . ? 1_555 ? 
3  AC1 14 GLY A 73  ? GLY A 114 . ? 1_555 ? 
4  AC1 14 ARG A 83  ? ARG A 124 . ? 1_555 ? 
5  AC1 14 ALA A 102 ? ALA A 143 . ? 1_555 ? 
6  AC1 14 ASN A 103 ? ASN A 144 . ? 1_555 ? 
7  AC1 14 THR A 108 ? THR A 149 . ? 1_555 ? 
8  AC1 14 GLY A 110 ? GLY A 151 . ? 1_555 ? 
9  AC1 14 GLN A 112 ? GLN A 153 . ? 1_555 ? 
10 AC1 14 PHE A 114 ? PHE A 155 . ? 1_555 ? 
11 AC1 14 HIS A 127 ? HIS A 168 . ? 1_555 ? 
12 AC1 14 HOH C .   ? HOH A 283 . ? 1_555 ? 
13 AC1 14 HOH C .   ? HOH A 303 . ? 1_555 ? 
14 AC1 14 HOH C .   ? HOH A 315 . ? 4_454 ? 
# 
_atom_sites.entry_id                    3RDC 
_atom_sites.fract_transf_matrix[1][1]   0.00059079 
_atom_sites.fract_transf_matrix[1][2]   -0.01576938 
_atom_sites.fract_transf_matrix[1][3]   0.00805198 
_atom_sites.fract_transf_matrix[2][1]   -0.01621995 
_atom_sites.fract_transf_matrix[2][2]   -0.00371292 
_atom_sites.fract_transf_matrix[2][3]   -0.00608146 
_atom_sites.fract_transf_matrix[3][1]   0.00460733 
_atom_sites.fract_transf_matrix[3][2]   -0.00465173 
_atom_sites.fract_transf_matrix[3][3]   -0.00944822 
_atom_sites.fract_transf_vector[1]      0.214140 
_atom_sites.fract_transf_vector[2]      0.243933 
_atom_sites.fract_transf_vector[3]      0.268263 
# 
loop_
_atom_type.symbol 
C 
N 
O 
S 
# 
loop_
_atom_site.group_PDB 
_atom_site.id 
_atom_site.type_symbol 
_atom_site.label_atom_id 
_atom_site.label_alt_id 
_atom_site.label_comp_id 
_atom_site.label_asym_id 
_atom_site.label_entity_id 
_atom_site.label_seq_id 
_atom_site.pdbx_PDB_ins_code 
_atom_site.Cartn_x 
_atom_site.Cartn_y 
_atom_site.Cartn_z 
_atom_site.occupancy 
_atom_site.B_iso_or_equiv 
_atom_site.pdbx_formal_charge 
_atom_site.auth_seq_id 
_atom_site.auth_comp_id 
_atom_site.auth_asym_id 
_atom_site.auth_atom_id 
_atom_site.pdbx_PDB_model_num 
ATOM   1    N N   . GLY A 1 3   ? 9.265   -15.020 -11.694 1.00 18.48 ? 44  GLY A N   1 
ATOM   2    C CA  . GLY A 1 3   ? 7.798   -14.789 -11.605 1.00 17.75 ? 44  GLY A CA  1 
ATOM   3    C C   . GLY A 1 3   ? 7.485   -13.448 -10.989 1.00 17.70 ? 44  GLY A C   1 
ATOM   4    O O   . GLY A 1 3   ? 8.295   -12.523 -11.054 1.00 17.33 ? 44  GLY A O   1 
ATOM   5    N N   . ASN A 1 4   ? 6.308   -13.351 -10.376 1.00 17.13 ? 45  ASN A N   1 
ATOM   6    C CA  . ASN A 1 4   ? 5.860   -12.108 -9.739  1.00 16.73 ? 45  ASN A CA  1 
ATOM   7    C C   . ASN A 1 4   ? 6.705   -11.767 -8.526  1.00 16.44 ? 45  ASN A C   1 
ATOM   8    O O   . ASN A 1 4   ? 7.033   -12.654 -7.727  1.00 16.81 ? 45  ASN A O   1 
ATOM   9    C CB  . ASN A 1 4   ? 4.399   -12.218 -9.303  1.00 16.56 ? 45  ASN A CB  1 
ATOM   10   C CG  . ASN A 1 4   ? 3.424   -12.159 -10.466 1.00 15.83 ? 45  ASN A CG  1 
ATOM   11   O OD1 . ASN A 1 4   ? 3.710   -11.591 -11.520 1.00 16.66 ? 45  ASN A OD1 1 
ATOM   12   N ND2 . ASN A 1 4   ? 2.256   -12.737 -10.267 1.00 13.57 ? 45  ASN A ND2 1 
ATOM   13   N N   . PRO A 1 5   ? 7.058   -10.478 -8.374  1.00 15.89 ? 46  PRO A N   1 
ATOM   14   C CA  . PRO A 1 5   ? 7.872   -10.104 -7.221  1.00 15.70 ? 46  PRO A CA  1 
ATOM   15   C C   . PRO A 1 5   ? 7.170   -10.296 -5.867  1.00 15.33 ? 46  PRO A C   1 
ATOM   16   O O   . PRO A 1 5   ? 5.950   -10.167 -5.769  1.00 15.41 ? 46  PRO A O   1 
ATOM   17   C CB  . PRO A 1 5   ? 8.183   -8.616  -7.463  1.00 15.55 ? 46  PRO A CB  1 
ATOM   18   C CG  . PRO A 1 5   ? 7.892   -8.369  -8.893  1.00 15.48 ? 46  PRO A CG  1 
ATOM   19   C CD  . PRO A 1 5   ? 6.870   -9.357  -9.315  1.00 15.64 ? 46  PRO A CD  1 
ATOM   20   N N   . LEU A 1 6   ? 7.953   -10.650 -4.855  1.00 14.86 ? 47  LEU A N   1 
ATOM   21   C CA  . LEU A 1 6   ? 7.517   -10.608 -3.466  1.00 14.29 ? 47  LEU A CA  1 
ATOM   22   C C   . LEU A 1 6   ? 8.307   -9.476  -2.846  1.00 13.79 ? 47  LEU A C   1 
ATOM   23   O O   . LEU A 1 6   ? 9.508   -9.359  -3.083  1.00 13.45 ? 47  LEU A O   1 
ATOM   24   C CB  . LEU A 1 6   ? 7.824   -11.922 -2.734  1.00 14.65 ? 47  LEU A CB  1 
ATOM   25   C CG  . LEU A 1 6   ? 7.088   -13.206 -3.146  1.00 14.37 ? 47  LEU A CG  1 
ATOM   26   C CD1 . LEU A 1 6   ? 7.361   -14.340 -2.159  1.00 14.67 ? 47  LEU A CD1 1 
ATOM   27   C CD2 . LEU A 1 6   ? 5.588   -12.985 -3.267  1.00 15.45 ? 47  LEU A CD2 1 
ATOM   28   N N   . VAL A 1 7   ? 7.620   -8.620  -2.095  1.00 13.21 ? 48  VAL A N   1 
ATOM   29   C CA  . VAL A 1 7   ? 8.264   -7.542  -1.353  1.00 12.83 ? 48  VAL A CA  1 
ATOM   30   C C   . VAL A 1 7   ? 7.718   -7.574  0.071   1.00 12.94 ? 48  VAL A C   1 
ATOM   31   O O   . VAL A 1 7   ? 6.694   -8.203  0.332   1.00 12.53 ? 48  VAL A O   1 
ATOM   32   C CB  . VAL A 1 7   ? 7.992   -6.157  -1.989  1.00 12.67 ? 48  VAL A CB  1 
ATOM   33   C CG1 . VAL A 1 7   ? 8.548   -6.092  -3.435  1.00 12.88 ? 48  VAL A CG1 1 
ATOM   34   C CG2 . VAL A 1 7   ? 6.497   -5.848  -1.985  1.00 13.20 ? 48  VAL A CG2 1 
ATOM   35   N N   . TYR A 1 8   ? 8.414   -6.906  0.980   1.00 13.10 ? 49  TYR A N   1 
ATOM   36   C CA  . TYR A 1 8   ? 8.011   -6.855  2.374   1.00 13.48 ? 49  TYR A CA  1 
ATOM   37   C C   . TYR A 1 8   ? 7.939   -5.433  2.882   1.00 13.48 ? 49  TYR A C   1 
ATOM   38   O O   . TYR A 1 8   ? 8.616   -4.533  2.357   1.00 12.56 ? 49  TYR A O   1 
ATOM   39   C CB  . TYR A 1 8   ? 8.976   -7.659  3.256   1.00 13.72 ? 49  TYR A CB  1 
ATOM   40   C CG  . TYR A 1 8   ? 10.366  -7.078  3.350   1.00 14.50 ? 49  TYR A CG  1 
ATOM   41   C CD1 . TYR A 1 8   ? 10.739  -6.250  4.411   1.00 15.80 ? 49  TYR A CD1 1 
ATOM   42   C CD2 . TYR A 1 8   ? 11.308  -7.348  2.371   1.00 15.05 ? 49  TYR A CD2 1 
ATOM   43   C CE1 . TYR A 1 8   ? 12.021  -5.712  4.480   1.00 16.72 ? 49  TYR A CE1 1 
ATOM   44   C CE2 . TYR A 1 8   ? 12.573  -6.826  2.434   1.00 16.13 ? 49  TYR A CE2 1 
ATOM   45   C CZ  . TYR A 1 8   ? 12.931  -6.011  3.480   1.00 15.94 ? 49  TYR A CZ  1 
ATOM   46   O OH  . TYR A 1 8   ? 14.211  -5.505  3.503   1.00 19.17 ? 49  TYR A OH  1 
ATOM   47   N N   . LEU A 1 9   ? 7.099   -5.263  3.910   1.00 13.95 ? 50  LEU A N   1 
ATOM   48   C CA  . LEU A 1 9   ? 7.025   -4.060  4.729   1.00 13.95 ? 50  LEU A CA  1 
ATOM   49   C C   . LEU A 1 9   ? 7.144   -4.500  6.181   1.00 14.66 ? 50  LEU A C   1 
ATOM   50   O O   . LEU A 1 9   ? 6.328   -5.295  6.645   1.00 14.91 ? 50  LEU A O   1 
ATOM   51   C CB  . LEU A 1 9   ? 5.669   -3.366  4.553   1.00 13.90 ? 50  LEU A CB  1 
ATOM   52   C CG  . LEU A 1 9   ? 5.162   -3.061  3.135   1.00 13.71 ? 50  LEU A CG  1 
ATOM   53   C CD1 . LEU A 1 9   ? 3.724   -2.551  3.185   1.00 13.30 ? 50  LEU A CD1 1 
ATOM   54   C CD2 . LEU A 1 9   ? 6.056   -2.069  2.409   1.00 10.78 ? 50  LEU A CD2 1 
ATOM   55   N N   . ASP A 1 10  ? 8.163   -4.005  6.885   1.00 14.98 ? 51  ASP A N   1 
ATOM   56   C CA  . ASP A 1 10  ? 8.274   -4.188  8.332   1.00 15.60 ? 51  ASP A CA  1 
ATOM   57   C C   . ASP A 1 10  ? 7.677   -2.970  9.024   1.00 15.55 ? 51  ASP A C   1 
ATOM   58   O O   . ASP A 1 10  ? 8.123   -1.846  8.803   1.00 16.18 ? 51  ASP A O   1 
ATOM   59   C CB  . ASP A 1 10  ? 9.733   -4.377  8.753   1.00 15.57 ? 51  ASP A CB  1 
ATOM   60   C CG  . ASP A 1 10  ? 10.336  -5.659  8.201   1.00 16.76 ? 51  ASP A CG  1 
ATOM   61   O OD1 . ASP A 1 10  ? 9.568   -6.617  7.975   1.00 18.17 ? 51  ASP A OD1 1 
ATOM   62   O OD2 . ASP A 1 10  ? 11.564  -5.711  7.975   1.00 18.16 ? 51  ASP A OD2 1 
ATOM   63   N N   . VAL A 1 11  ? 6.678   -3.201  9.872   1.00 15.60 ? 52  VAL A N   1 
ATOM   64   C CA  . VAL A 1 11  ? 5.878   -2.112  10.431  1.00 15.67 ? 52  VAL A CA  1 
ATOM   65   C C   . VAL A 1 11  ? 6.041   -2.012  11.943  1.00 15.78 ? 52  VAL A C   1 
ATOM   66   O O   . VAL A 1 11  ? 5.972   -3.010  12.643  1.00 15.65 ? 52  VAL A O   1 
ATOM   67   C CB  . VAL A 1 11  ? 4.385   -2.283  10.086  1.00 15.65 ? 52  VAL A CB  1 
ATOM   68   C CG1 . VAL A 1 11  ? 3.560   -1.079  10.571  1.00 15.05 ? 52  VAL A CG1 1 
ATOM   69   C CG2 . VAL A 1 11  ? 4.214   -2.485  8.588   1.00 15.55 ? 52  VAL A CG2 1 
ATOM   70   N N   . ASP A 1 12  ? 6.279   -0.788  12.413  1.00 16.12 ? 53  ASP A N   1 
ATOM   71   C CA  . ASP A 1 12  ? 6.263   -0.439  13.830  1.00 16.80 ? 53  ASP A CA  1 
ATOM   72   C C   . ASP A 1 12  ? 4.930   0.221   14.160  1.00 16.97 ? 53  ASP A C   1 
ATOM   73   O O   . ASP A 1 12  ? 4.291   0.804   13.292  1.00 16.99 ? 53  ASP A O   1 
ATOM   74   C CB  . ASP A 1 12  ? 7.360   0.588   14.150  1.00 16.75 ? 53  ASP A CB  1 
ATOM   75   C CG  . ASP A 1 12  ? 8.667   -0.037  14.580  0.80 16.95 ? 53  ASP A CG  1 
ATOM   76   O OD1 . ASP A 1 12  ? 9.491   0.713   15.143  0.80 17.64 ? 53  ASP A OD1 1 
ATOM   77   O OD2 . ASP A 1 12  ? 8.893   -1.240  14.347  0.80 16.78 ? 53  ASP A OD2 1 
ATOM   78   N N   . ALA A 1 13  ? 4.521   0.127   15.419  1.00 17.55 ? 54  ALA A N   1 
ATOM   79   C CA  . ALA A 1 13  ? 3.431   0.943   15.951  1.00 18.02 ? 54  ALA A CA  1 
ATOM   80   C C   . ALA A 1 13  ? 3.929   1.515   17.268  1.00 18.57 ? 54  ALA A C   1 
ATOM   81   O O   . ALA A 1 13  ? 4.258   0.759   18.185  1.00 18.26 ? 54  ALA A O   1 
ATOM   82   C CB  . ALA A 1 13  ? 2.183   0.121   16.166  1.00 18.29 ? 54  ALA A CB  1 
ATOM   83   N N   . ASN A 1 14  ? 4.027   2.843   17.342  1.00 19.34 ? 55  ASN A N   1 
ATOM   84   C CA  . ASN A 1 14  ? 4.644   3.511   18.491  1.00 19.61 ? 55  ASN A CA  1 
ATOM   85   C C   . ASN A 1 14  ? 6.028   2.941   18.841  1.00 20.13 ? 55  ASN A C   1 
ATOM   86   O O   . ASN A 1 14  ? 6.338   2.682   20.016  1.00 20.20 ? 55  ASN A O   1 
ATOM   87   C CB  . ASN A 1 14  ? 3.711   3.432   19.701  1.00 19.79 ? 55  ASN A CB  1 
ATOM   88   C CG  . ASN A 1 14  ? 2.450   4.244   19.520  1.00 20.26 ? 55  ASN A CG  1 
ATOM   89   O OD1 . ASN A 1 14  ? 2.386   5.144   18.680  1.00 22.19 ? 55  ASN A OD1 1 
ATOM   90   N ND2 . ASN A 1 14  ? 1.439   3.946   20.326  1.00 19.60 ? 55  ASN A ND2 1 
ATOM   91   N N   . GLY A 1 15  ? 6.844   2.726   17.810  1.00 20.18 ? 56  GLY A N   1 
ATOM   92   C CA  . GLY A 1 15  ? 8.225   2.277   17.981  1.00 20.42 ? 56  GLY A CA  1 
ATOM   93   C C   . GLY A 1 15  ? 8.431   0.830   18.406  1.00 20.49 ? 56  GLY A C   1 
ATOM   94   O O   . GLY A 1 15  ? 9.558   0.438   18.681  1.00 21.02 ? 56  GLY A O   1 
ATOM   95   N N   . LYS A 1 16  ? 7.361   0.037   18.479  1.00 20.45 ? 57  LYS A N   1 
ATOM   96   C CA  . LYS A 1 16  ? 7.485   -1.402  18.715  1.00 20.31 ? 57  LYS A CA  1 
ATOM   97   C C   . LYS A 1 16  ? 7.084   -2.198  17.466  1.00 20.11 ? 57  LYS A C   1 
ATOM   98   O O   . LYS A 1 16  ? 6.025   -1.956  16.884  1.00 20.06 ? 57  LYS A O   1 
ATOM   99   C CB  . LYS A 1 16  ? 6.650   -1.829  19.915  1.00 20.42 ? 57  LYS A CB  1 
ATOM   100  C CG  . LYS A 1 16  ? 7.301   -1.485  21.249  1.00 20.57 ? 57  LYS A CG  1 
ATOM   101  N N   . PRO A 1 17  ? 7.935   -3.147  17.044  1.00 19.83 ? 58  PRO A N   1 
ATOM   102  C CA  . PRO A 1 17  ? 7.655   -3.852  15.792  1.00 19.52 ? 58  PRO A CA  1 
ATOM   103  C C   . PRO A 1 17  ? 6.410   -4.743  15.862  1.00 19.07 ? 58  PRO A C   1 
ATOM   104  O O   . PRO A 1 17  ? 6.232   -5.511  16.817  1.00 19.13 ? 58  PRO A O   1 
ATOM   105  C CB  . PRO A 1 17  ? 8.934   -4.668  15.541  1.00 19.82 ? 58  PRO A CB  1 
ATOM   106  C CG  . PRO A 1 17  ? 9.617   -4.759  16.851  1.00 19.66 ? 58  PRO A CG  1 
ATOM   107  C CD  . PRO A 1 17  ? 9.192   -3.592  17.671  1.00 19.99 ? 58  PRO A CD  1 
ATOM   108  N N   . LEU A 1 18  ? 5.549   -4.602  14.858  1.00 18.05 ? 59  LEU A N   1 
ATOM   109  C CA  . LEU A 1 18  ? 4.348   -5.417  14.731  1.00 17.87 ? 59  LEU A CA  1 
ATOM   110  C C   . LEU A 1 18  ? 4.638   -6.684  13.933  1.00 17.15 ? 59  LEU A C   1 
ATOM   111  O O   . LEU A 1 18  ? 3.918   -7.675  14.061  1.00 17.25 ? 59  LEU A O   1 
ATOM   112  C CB  . LEU A 1 18  ? 3.237   -4.635  14.025  1.00 18.13 ? 59  LEU A CB  1 
ATOM   113  C CG  . LEU A 1 18  ? 2.722   -3.361  14.704  1.00 18.75 ? 59  LEU A CG  1 
ATOM   114  C CD1 . LEU A 1 18  ? 1.644   -2.733  13.841  1.00 17.83 ? 59  LEU A CD1 1 
ATOM   115  C CD2 . LEU A 1 18  ? 2.189   -3.672  16.104  1.00 19.59 ? 59  LEU A CD2 1 
ATOM   116  N N   . GLY A 1 19  ? 5.679   -6.637  13.101  1.00 16.35 ? 60  GLY A N   1 
ATOM   117  C CA  . GLY A 1 19  ? 6.068   -7.763  12.259  1.00 15.79 ? 60  GLY A CA  1 
ATOM   118  C C   . GLY A 1 19  ? 6.227   -7.380  10.794  1.00 15.40 ? 60  GLY A C   1 
ATOM   119  O O   . GLY A 1 19  ? 6.483   -6.228  10.472  1.00 14.76 ? 60  GLY A O   1 
ATOM   120  N N   . ARG A 1 20  ? 6.071   -8.368  9.915   1.00 15.04 ? 61  ARG A N   1 
ATOM   121  C CA  . ARG A 1 20  ? 6.303   -8.200  8.487   1.00 14.87 ? 61  ARG A CA  1 
ATOM   122  C C   . ARG A 1 20  ? 5.073   -8.568  7.683   1.00 14.62 ? 61  ARG A C   1 
ATOM   123  O O   . ARG A 1 20  ? 4.461   -9.603  7.925   1.00 15.04 ? 61  ARG A O   1 
ATOM   124  C CB  . ARG A 1 20  ? 7.467   -9.088  8.039   1.00 14.98 ? 61  ARG A CB  1 
ATOM   125  C CG  . ARG A 1 20  ? 7.760   -9.049  6.544   1.00 14.90 ? 61  ARG A CG  1 
ATOM   126  C CD  . ARG A 1 20  ? 9.090   -9.684  6.198   1.00 16.01 ? 61  ARG A CD  1 
ATOM   127  N NE  . ARG A 1 20  ? 10.221  -8.987  6.823   1.00 17.34 ? 61  ARG A NE  1 
ATOM   128  C CZ  . ARG A 1 20  ? 11.501  -9.239  6.560   1.00 18.03 ? 61  ARG A CZ  1 
ATOM   129  N NH1 . ARG A 1 20  ? 11.844  -10.185 5.698   1.00 17.79 ? 61  ARG A NH1 1 
ATOM   130  N NH2 . ARG A 1 20  ? 12.449  -8.556  7.190   1.00 18.63 ? 61  ARG A NH2 1 
ATOM   131  N N   . VAL A 1 21  ? 4.741   -7.715  6.714   1.00 14.16 ? 62  VAL A N   1 
ATOM   132  C CA  . VAL A 1 21  ? 3.699   -7.974  5.732   1.00 13.54 ? 62  VAL A CA  1 
ATOM   133  C C   . VAL A 1 21  ? 4.384   -8.291  4.404   1.00 13.11 ? 62  VAL A C   1 
ATOM   134  O O   . VAL A 1 21  ? 5.138   -7.472  3.886   1.00 13.19 ? 62  VAL A O   1 
ATOM   135  C CB  . VAL A 1 21  ? 2.785   -6.751  5.557   1.00 13.54 ? 62  VAL A CB  1 
ATOM   136  C CG1 . VAL A 1 21  ? 1.676   -7.032  4.539   1.00 12.71 ? 62  VAL A CG1 1 
ATOM   137  C CG2 . VAL A 1 21  ? 2.184   -6.344  6.904   1.00 13.98 ? 62  VAL A CG2 1 
ATOM   138  N N   . VAL A 1 22  ? 4.136   -9.484  3.870   1.00 12.72 ? 63  VAL A N   1 
ATOM   139  C CA  . VAL A 1 22  ? 4.699   -9.879  2.579   1.00 12.37 ? 63  VAL A CA  1 
ATOM   140  C C   . VAL A 1 22  ? 3.617   -9.720  1.518   1.00 12.62 ? 63  VAL A C   1 
ATOM   141  O O   . VAL A 1 22  ? 2.470   -10.143 1.709   1.00 13.05 ? 63  VAL A O   1 
ATOM   142  C CB  . VAL A 1 22  ? 5.265   -11.313 2.610   1.00 11.92 ? 63  VAL A CB  1 
ATOM   143  C CG1 . VAL A 1 22  ? 5.878   -11.680 1.266   1.00 11.39 ? 63  VAL A CG1 1 
ATOM   144  C CG2 . VAL A 1 22  ? 6.332   -11.445 3.727   1.00 11.44 ? 63  VAL A CG2 1 
ATOM   145  N N   . LEU A 1 23  ? 3.984   -9.083  0.410   1.00 12.78 ? 64  LEU A N   1 
ATOM   146  C CA  . LEU A 1 23  ? 3.053   -8.761  -0.656  1.00 12.55 ? 64  LEU A CA  1 
ATOM   147  C C   . LEU A 1 23  ? 3.519   -9.405  -1.952  1.00 12.77 ? 64  LEU A C   1 
ATOM   148  O O   . LEU A 1 23  ? 4.687   -9.272  -2.314  1.00 13.17 ? 64  LEU A O   1 
ATOM   149  C CB  . LEU A 1 23  ? 2.972   -7.240  -0.838  1.00 12.52 ? 64  LEU A CB  1 
ATOM   150  C CG  . LEU A 1 23  ? 2.412   -6.477  0.370   1.00 12.72 ? 64  LEU A CG  1 
ATOM   151  C CD1 . LEU A 1 23  ? 2.794   -4.999  0.329   1.00 12.39 ? 64  LEU A CD1 1 
ATOM   152  C CD2 . LEU A 1 23  ? 0.912   -6.652  0.437   1.00 10.89 ? 64  LEU A CD2 1 
ATOM   153  N N   . GLU A 1 24  ? 2.618   -10.100 -2.647  1.00 12.87 ? 65  GLU A N   1 
ATOM   154  C CA  . GLU A 1 24  ? 2.881   -10.509 -4.028  1.00 13.31 ? 65  GLU A CA  1 
ATOM   155  C C   . GLU A 1 24  ? 2.422   -9.400  -4.959  1.00 13.08 ? 65  GLU A C   1 
ATOM   156  O O   . GLU A 1 24  ? 1.275   -8.951  -4.871  1.00 12.36 ? 65  GLU A O   1 
ATOM   157  C CB  . GLU A 1 24  ? 2.158   -11.807 -4.400  1.00 13.89 ? 65  GLU A CB  1 
ATOM   158  C CG  . GLU A 1 24  ? 2.454   -12.221 -5.854  1.00 14.99 ? 65  GLU A CG  1 
ATOM   159  C CD  . GLU A 1 24  ? 1.669   -13.418 -6.335  1.00 16.48 ? 65  GLU A CD  1 
ATOM   160  O OE1 . GLU A 1 24  ? 1.004   -14.084 -5.519  1.00 18.54 ? 65  GLU A OE1 1 
ATOM   161  O OE2 . GLU A 1 24  ? 1.721   -13.688 -7.556  1.00 16.05 ? 65  GLU A OE2 1 
ATOM   162  N N   . LEU A 1 25  ? 3.313   -8.955  -5.844  1.00 12.80 ? 66  LEU A N   1 
ATOM   163  C CA  . LEU A 1 25  ? 2.970   -7.946  -6.839  1.00 13.27 ? 66  LEU A CA  1 
ATOM   164  C C   . LEU A 1 25  ? 2.643   -8.631  -8.162  1.00 13.67 ? 66  LEU A C   1 
ATOM   165  O O   . LEU A 1 25  ? 3.468   -9.378  -8.702  1.00 14.33 ? 66  LEU A O   1 
ATOM   166  C CB  . LEU A 1 25  ? 4.110   -6.924  -6.993  1.00 12.90 ? 66  LEU A CB  1 
ATOM   167  C CG  . LEU A 1 25  ? 4.647   -6.344  -5.677  1.00 12.85 ? 66  LEU A CG  1 
ATOM   168  C CD1 . LEU A 1 25  ? 5.750   -5.308  -5.948  1.00 12.97 ? 66  LEU A CD1 1 
ATOM   169  C CD2 . LEU A 1 25  ? 3.536   -5.732  -4.850  1.00 11.31 ? 66  LEU A CD2 1 
ATOM   170  N N   . LYS A 1 26  ? 1.447   -8.381  -8.690  1.00 13.92 ? 67  LYS A N   1 
ATOM   171  C CA  . LYS A 1 26  ? 0.947   -9.130  -9.848  1.00 14.32 ? 67  LYS A CA  1 
ATOM   172  C C   . LYS A 1 26  ? 1.432   -8.520  -11.164 1.00 14.42 ? 67  LYS A C   1 
ATOM   173  O O   . LYS A 1 26  ? 0.639   -8.031  -11.975 1.00 14.32 ? 67  LYS A O   1 
ATOM   174  C CB  . LYS A 1 26  ? -0.585  -9.216  -9.808  1.00 14.67 ? 67  LYS A CB  1 
ATOM   175  C CG  . LYS A 1 26  ? -1.135  -10.104 -8.699  1.00 15.54 ? 67  LYS A CG  1 
ATOM   176  C CD  . LYS A 1 26  ? -0.780  -11.571 -8.953  1.00 17.22 ? 67  LYS A CD  1 
ATOM   177  C CE  . LYS A 1 26  ? -1.347  -12.504 -7.891  1.00 18.16 ? 67  LYS A CE  1 
ATOM   178  N NZ  . LYS A 1 26  ? -0.922  -13.921 -8.146  1.00 17.37 ? 67  LYS A NZ  1 
ATOM   179  N N   . ALA A 1 27  ? 2.750   -8.563  -11.358 1.00 14.64 ? 68  ALA A N   1 
ATOM   180  C CA  . ALA A 1 27  ? 3.396   -8.022  -12.553 1.00 14.91 ? 68  ALA A CA  1 
ATOM   181  C C   . ALA A 1 27  ? 2.882   -8.663  -13.839 1.00 15.18 ? 68  ALA A C   1 
ATOM   182  O O   . ALA A 1 27  ? 2.961   -8.067  -14.914 1.00 14.92 ? 68  ALA A O   1 
ATOM   183  C CB  . ALA A 1 27  ? 4.912   -8.202  -12.451 1.00 14.77 ? 68  ALA A CB  1 
ATOM   184  N N   . ASP A 1 28  ? 2.385   -9.892  -13.728 1.00 15.91 ? 69  ASP A N   1 
ATOM   185  C CA  . ASP A 1 28  ? 1.819   -10.608 -14.872 1.00 16.42 ? 69  ASP A CA  1 
ATOM   186  C C   . ASP A 1 28  ? 0.575   -9.906  -15.404 1.00 16.13 ? 69  ASP A C   1 
ATOM   187  O O   . ASP A 1 28  ? 0.292   -9.987  -16.593 1.00 16.85 ? 69  ASP A O   1 
ATOM   188  C CB  . ASP A 1 28  ? 1.500   -12.063 -14.507 1.00 16.32 ? 69  ASP A CB  1 
ATOM   189  C CG  . ASP A 1 28  ? 0.490   -12.190 -13.374 1.00 18.33 ? 69  ASP A CG  1 
ATOM   190  O OD1 . ASP A 1 28  ? 0.390   -11.281 -12.514 1.00 18.84 ? 69  ASP A OD1 1 
ATOM   191  O OD2 . ASP A 1 28  ? -0.199  -13.228 -13.335 1.00 23.28 ? 69  ASP A OD2 1 
ATOM   192  N N   . VAL A 1 29  ? -0.146  -9.211  -14.519 1.00 15.96 ? 70  VAL A N   1 
ATOM   193  C CA  . VAL A 1 29  ? -1.366  -8.477  -14.877 1.00 16.01 ? 70  VAL A CA  1 
ATOM   194  C C   . VAL A 1 29  ? -1.095  -6.978  -15.041 1.00 15.63 ? 70  VAL A C   1 
ATOM   195  O O   . VAL A 1 29  ? -1.562  -6.354  -15.992 1.00 16.06 ? 70  VAL A O   1 
ATOM   196  C CB  . VAL A 1 29  ? -2.479  -8.653  -13.802 1.00 15.94 ? 70  VAL A CB  1 
ATOM   197  C CG1 . VAL A 1 29  ? -3.788  -8.026  -14.283 1.00 16.52 ? 70  VAL A CG1 1 
ATOM   198  C CG2 . VAL A 1 29  ? -2.705  -10.128 -13.477 1.00 16.38 ? 70  VAL A CG2 1 
ATOM   199  N N   . VAL A 1 30  ? -0.345  -6.410  -14.097 1.00 15.26 ? 71  VAL A N   1 
ATOM   200  C CA  . VAL A 1 30  ? -0.103  -4.967  -14.042 1.00 14.41 ? 71  VAL A CA  1 
ATOM   201  C C   . VAL A 1 30  ? 1.383   -4.710  -13.824 1.00 13.85 ? 71  VAL A C   1 
ATOM   202  O O   . VAL A 1 30  ? 1.802   -4.317  -12.730 1.00 13.28 ? 71  VAL A O   1 
ATOM   203  C CB  . VAL A 1 30  ? -0.941  -4.281  -12.934 1.00 14.42 ? 71  VAL A CB  1 
ATOM   204  C CG1 . VAL A 1 30  ? -2.359  -4.042  -13.416 1.00 13.67 ? 71  VAL A CG1 1 
ATOM   205  C CG2 . VAL A 1 30  ? -0.910  -5.090  -11.634 1.00 13.79 ? 71  VAL A CG2 1 
ATOM   206  N N   . PRO A 1 31  ? 2.190   -4.939  -14.875 1.00 13.32 ? 72  PRO A N   1 
ATOM   207  C CA  . PRO A 1 31  ? 3.644   -4.854  -14.766 1.00 13.06 ? 72  PRO A CA  1 
ATOM   208  C C   . PRO A 1 31  ? 4.162   -3.469  -14.365 1.00 12.77 ? 72  PRO A C   1 
ATOM   209  O O   . PRO A 1 31  ? 5.088   -3.367  -13.575 1.00 12.89 ? 72  PRO A O   1 
ATOM   210  C CB  . PRO A 1 31  ? 4.123   -5.215  -16.177 1.00 12.91 ? 72  PRO A CB  1 
ATOM   211  C CG  . PRO A 1 31  ? 2.945   -5.032  -17.061 1.00 12.42 ? 72  PRO A CG  1 
ATOM   212  C CD  . PRO A 1 31  ? 1.773   -5.378  -16.223 1.00 13.54 ? 72  PRO A CD  1 
ATOM   213  N N   . LYS A 1 32  ? 3.559   -2.420  -14.904 1.00 12.66 ? 73  LYS A N   1 
ATOM   214  C CA  . LYS A 1 32  ? 4.011   -1.059  -14.631 1.00 12.62 ? 73  LYS A CA  1 
ATOM   215  C C   . LYS A 1 32  ? 3.723   -0.668  -13.188 1.00 12.53 ? 73  LYS A C   1 
ATOM   216  O O   . LYS A 1 32  ? 4.549   -0.033  -12.515 1.00 12.05 ? 73  LYS A O   1 
ATOM   217  C CB  . LYS A 1 32  ? 3.358   -0.074  -15.605 1.00 12.80 ? 73  LYS A CB  1 
ATOM   218  C CG  . LYS A 1 32  ? 3.731   -0.345  -17.063 1.00 13.39 ? 73  LYS A CG  1 
ATOM   219  C CD  . LYS A 1 32  ? 2.839   0.416   -18.039 1.00 13.58 ? 73  LYS A CD  1 
ATOM   220  C CE  . LYS A 1 32  ? 3.264   0.145   -19.485 1.00 13.89 ? 73  LYS A CE  1 
ATOM   221  N NZ  . LYS A 1 32  ? 2.884   -1.225  -19.931 1.00 12.68 ? 73  LYS A NZ  1 
ATOM   222  N N   . THR A 1 33  ? 2.553   -1.066  -12.705 1.00 12.26 ? 74  THR A N   1 
ATOM   223  C CA  . THR A 1 33  ? 2.146   -0.732  -11.347 1.00 12.52 ? 74  THR A CA  1 
ATOM   224  C C   . THR A 1 33  ? 2.968   -1.517  -10.331 1.00 12.52 ? 74  THR A C   1 
ATOM   225  O O   . THR A 1 33  ? 3.375   -0.969  -9.314  1.00 12.88 ? 74  THR A O   1 
ATOM   226  C CB  . THR A 1 33  ? 0.661   -0.991  -11.147 1.00 12.43 ? 74  THR A CB  1 
ATOM   227  O OG1 . THR A 1 33  ? -0.077  -0.274  -12.150 1.00 13.05 ? 74  THR A OG1 1 
ATOM   228  C CG2 . THR A 1 33  ? 0.213   -0.538  -9.756  1.00 12.16 ? 74  THR A CG2 1 
ATOM   229  N N   . ALA A 1 34  ? 3.210   -2.795  -10.631 1.00 13.00 ? 75  ALA A N   1 
ATOM   230  C CA  . ALA A 1 34  ? 4.027   -3.681  -9.793  1.00 12.94 ? 75  ALA A CA  1 
ATOM   231  C C   . ALA A 1 34  ? 5.470   -3.197  -9.725  1.00 12.83 ? 75  ALA A C   1 
ATOM   232  O O   . ALA A 1 34  ? 6.065   -3.159  -8.656  1.00 12.88 ? 75  ALA A O   1 
ATOM   233  C CB  . ALA A 1 34  ? 3.984   -5.104  -10.346 1.00 12.91 ? 75  ALA A CB  1 
ATOM   234  N N   . GLU A 1 35  ? 6.030   -2.827  -10.878 1.00 12.41 ? 76  GLU A N   1 
ATOM   235  C CA  . GLU A 1 35  ? 7.408   -2.346  -10.941 1.00 12.55 ? 76  GLU A CA  1 
ATOM   236  C C   . GLU A 1 35  ? 7.588   -1.107  -10.075 1.00 12.67 ? 76  GLU A C   1 
ATOM   237  O O   . GLU A 1 35  ? 8.592   -0.979  -9.386  1.00 12.35 ? 76  GLU A O   1 
ATOM   238  C CB  . GLU A 1 35  ? 7.817   -2.059  -12.398 1.00 12.50 ? 76  GLU A CB  1 
ATOM   239  C CG  . GLU A 1 35  ? 9.184   -1.382  -12.606 1.00 13.14 ? 76  GLU A CG  1 
ATOM   240  C CD  . GLU A 1 35  ? 10.352  -2.119  -11.980 1.00 13.60 ? 76  GLU A CD  1 
ATOM   241  O OE1 . GLU A 1 35  ? 10.237  -3.320  -11.672 1.00 15.31 ? 76  GLU A OE1 1 
ATOM   242  O OE2 . GLU A 1 35  ? 11.412  -1.493  -11.814 1.00 15.74 ? 76  GLU A OE2 1 
ATOM   243  N N   . ASN A 1 36  ? 6.614   -0.202  -10.116 1.00 12.65 ? 77  ASN A N   1 
ATOM   244  C CA  . ASN A 1 36  ? 6.670   1.015   -9.308  1.00 12.58 ? 77  ASN A CA  1 
ATOM   245  C C   . ASN A 1 36  ? 6.785   0.652   -7.826  1.00 12.44 ? 77  ASN A C   1 
ATOM   246  O O   . ASN A 1 36  ? 7.712   1.073   -7.141  1.00 12.49 ? 77  ASN A O   1 
ATOM   247  C CB  . ASN A 1 36  ? 5.425   1.874   -9.576  1.00 12.56 ? 77  ASN A CB  1 
ATOM   248  C CG  . ASN A 1 36  ? 5.414   3.174   -8.768  1.00 12.20 ? 77  ASN A CG  1 
ATOM   249  O OD1 . ASN A 1 36  ? 6.294   4.023   -8.922  1.00 11.98 ? 77  ASN A OD1 1 
ATOM   250  N ND2 . ASN A 1 36  ? 4.402   3.335   -7.921  1.00 13.04 ? 77  ASN A ND2 1 
ATOM   251  N N   . PHE A 1 37  ? 5.847   -0.152  -7.345  1.00 12.70 ? 78  PHE A N   1 
ATOM   252  C CA  . PHE A 1 37  ? 5.809   -0.532  -5.940  1.00 12.65 ? 78  PHE A CA  1 
ATOM   253  C C   . PHE A 1 37  ? 7.070   -1.286  -5.498  1.00 13.16 ? 78  PHE A C   1 
ATOM   254  O O   . PHE A 1 37  ? 7.579   -1.046  -4.406  1.00 13.63 ? 78  PHE A O   1 
ATOM   255  C CB  . PHE A 1 37  ? 4.569   -1.373  -5.664  1.00 12.53 ? 78  PHE A CB  1 
ATOM   256  C CG  . PHE A 1 37  ? 4.255   -1.525  -4.211  1.00 12.53 ? 78  PHE A CG  1 
ATOM   257  C CD1 . PHE A 1 37  ? 3.357   -0.669  -3.590  1.00 11.47 ? 78  PHE A CD1 1 
ATOM   258  C CD2 . PHE A 1 37  ? 4.847   -2.536  -3.466  1.00 11.77 ? 78  PHE A CD2 1 
ATOM   259  C CE1 . PHE A 1 37  ? 3.071   -0.809  -2.252  1.00 10.83 ? 78  PHE A CE1 1 
ATOM   260  C CE2 . PHE A 1 37  ? 4.566   -2.674  -2.123  1.00 11.61 ? 78  PHE A CE2 1 
ATOM   261  C CZ  . PHE A 1 37  ? 3.668   -1.818  -1.519  1.00 11.55 ? 78  PHE A CZ  1 
ATOM   262  N N   . ARG A 1 38  ? 7.551   -2.195  -6.348  1.00 13.50 ? 79  ARG A N   1 
ATOM   263  C CA  . ARG A 1 38  ? 8.780   -2.953  -6.113  1.00 13.41 ? 79  ARG A CA  1 
ATOM   264  C C   . ARG A 1 38  ? 9.994   -2.045  -5.894  1.00 13.57 ? 79  ARG A C   1 
ATOM   265  O O   . ARG A 1 38  ? 10.724  -2.210  -4.918  1.00 13.27 ? 79  ARG A O   1 
ATOM   266  C CB  . ARG A 1 38  ? 9.060   -3.882  -7.303  1.00 13.44 ? 79  ARG A CB  1 
ATOM   267  C CG  . ARG A 1 38  ? 10.314  -4.758  -7.152  1.00 12.79 ? 79  ARG A CG  1 
ATOM   268  C CD  . ARG A 1 38  ? 10.881  -5.206  -8.511  1.00 13.50 ? 79  ARG A CD  1 
ATOM   269  N NE  . ARG A 1 38  ? 11.481  -4.082  -9.227  1.00 12.15 ? 79  ARG A NE  1 
ATOM   270  C CZ  . ARG A 1 38  ? 12.682  -3.575  -8.958  1.00 13.78 ? 79  ARG A CZ  1 
ATOM   271  N NH1 . ARG A 1 38  ? 13.438  -4.082  -7.986  1.00 13.70 ? 79  ARG A NH1 1 
ATOM   272  N NH2 . ARG A 1 38  ? 13.125  -2.539  -9.659  1.00 14.30 ? 79  ARG A NH2 1 
ATOM   273  N N   . ALA A 1 39  ? 10.210  -1.104  -6.816  1.00 13.99 ? 80  ALA A N   1 
ATOM   274  C CA  . ALA A 1 39  ? 11.340  -0.170  -6.730  1.00 14.28 ? 80  ALA A CA  1 
ATOM   275  C C   . ALA A 1 39  ? 11.215  0.825   -5.570  1.00 14.51 ? 80  ALA A C   1 
ATOM   276  O O   . ALA A 1 39  ? 12.233  1.244   -4.993  1.00 14.66 ? 80  ALA A O   1 
ATOM   277  C CB  . ALA A 1 39  ? 11.525  0.573   -8.053  1.00 14.19 ? 80  ALA A CB  1 
ATOM   278  N N   . LEU A 1 40  ? 9.985   1.207   -5.222  1.00 14.43 ? 81  LEU A N   1 
ATOM   279  C CA  . LEU A 1 40  ? 9.751   2.052   -4.035  1.00 14.30 ? 81  LEU A CA  1 
ATOM   280  C C   . LEU A 1 40  ? 10.018  1.289   -2.733  1.00 14.51 ? 81  LEU A C   1 
ATOM   281  O O   . LEU A 1 40  ? 10.378  1.891   -1.721  1.00 15.04 ? 81  LEU A O   1 
ATOM   282  C CB  . LEU A 1 40  ? 8.325   2.622   -4.037  1.00 13.91 ? 81  LEU A CB  1 
ATOM   283  C CG  . LEU A 1 40  ? 8.040   3.653   -5.136  1.00 14.58 ? 81  LEU A CG  1 
ATOM   284  C CD1 . LEU A 1 40  ? 6.542   4.017   -5.224  1.00 14.27 ? 81  LEU A CD1 1 
ATOM   285  C CD2 . LEU A 1 40  ? 8.886   4.893   -4.923  1.00 13.89 ? 81  LEU A CD2 1 
ATOM   286  N N   . CYS A 1 41  ? 9.830   -0.034  -2.759  1.00 14.64 ? 82  CYS A N   1 
ATOM   287  C CA  . CYS A 1 41  ? 10.178  -0.882  -1.619  1.00 14.55 ? 82  CYS A CA  1 
ATOM   288  C C   . CYS A 1 41  ? 11.702  -0.990  -1.471  1.00 14.50 ? 82  CYS A C   1 
ATOM   289  O O   . CYS A 1 41  ? 12.224  -0.854  -0.367  1.00 14.33 ? 82  CYS A O   1 
ATOM   290  C CB  . CYS A 1 41  ? 9.543   -2.271  -1.736  1.00 14.67 ? 82  CYS A CB  1 
ATOM   291  S SG  . CYS A 1 41  ? 7.774   -2.359  -1.302  1.00 14.47 ? 82  CYS A SG  1 
ATOM   292  N N   . THR A 1 42  ? 12.410  -1.218  -2.578  1.00 14.54 ? 83  THR A N   1 
ATOM   293  C CA  . THR A 1 42  ? 13.874  -1.291  -2.536  1.00 14.87 ? 83  THR A CA  1 
ATOM   294  C C   . THR A 1 42  ? 14.534  0.066   -2.210  1.00 15.12 ? 83  THR A C   1 
ATOM   295  O O   . THR A 1 42  ? 15.594  0.107   -1.576  1.00 15.04 ? 83  THR A O   1 
ATOM   296  C CB  . THR A 1 42  ? 14.485  -1.853  -3.843  1.00 14.97 ? 83  THR A CB  1 
ATOM   297  O OG1 . THR A 1 42  ? 14.267  -0.940  -4.927  1.00 13.85 ? 83  THR A OG1 1 
ATOM   298  C CG2 . THR A 1 42  ? 13.904  -3.214  -4.179  1.00 14.84 ? 83  THR A CG2 1 
ATOM   299  N N   . GLY A 1 43  ? 13.903  1.162   -2.633  1.00 15.47 ? 84  GLY A N   1 
ATOM   300  C CA  . GLY A 1 43  ? 14.473  2.511   -2.481  1.00 15.27 ? 84  GLY A CA  1 
ATOM   301  C C   . GLY A 1 43  ? 15.526  2.826   -3.524  1.00 15.73 ? 84  GLY A C   1 
ATOM   302  O O   . GLY A 1 43  ? 16.236  3.827   -3.414  1.00 15.58 ? 84  GLY A O   1 
ATOM   303  N N   . GLU A 1 44  ? 15.610  1.988   -4.555  1.00 15.60 ? 85  GLU A N   1 
ATOM   304  C CA  . GLU A 1 44  ? 16.736  2.016   -5.502  1.00 15.68 ? 85  GLU A CA  1 
ATOM   305  C C   . GLU A 1 44  ? 16.788  3.234   -6.432  1.00 16.31 ? 85  GLU A C   1 
ATOM   306  O O   . GLU A 1 44  ? 17.792  3.428   -7.128  1.00 16.24 ? 85  GLU A O   1 
ATOM   307  C CB  . GLU A 1 44  ? 16.757  0.725   -6.337  1.00 15.61 ? 85  GLU A CB  1 
ATOM   308  C CG  . GLU A 1 44  ? 15.623  0.618   -7.374  1.00 14.93 ? 85  GLU A CG  1 
ATOM   309  C CD  . GLU A 1 44  ? 15.492  -0.765  -7.967  1.00 14.79 ? 85  GLU A CD  1 
ATOM   310  O OE1 . GLU A 1 44  ? 15.315  -1.747  -7.200  1.00 11.61 ? 85  GLU A OE1 1 
ATOM   311  O OE2 . GLU A 1 44  ? 15.555  -0.867  -9.216  1.00 14.81 ? 85  GLU A OE2 1 
ATOM   312  N N   . LYS A 1 45  ? 15.721  4.035   -6.461  1.00 16.78 ? 86  LYS A N   1 
ATOM   313  C CA  . LYS A 1 45  ? 15.714  5.298   -7.213  1.00 17.38 ? 86  LYS A CA  1 
ATOM   314  C C   . LYS A 1 45  ? 16.089  6.515   -6.353  1.00 17.47 ? 86  LYS A C   1 
ATOM   315  O O   . LYS A 1 45  ? 16.108  7.642   -6.857  1.00 18.73 ? 86  LYS A O   1 
ATOM   316  C CB  . LYS A 1 45  ? 14.343  5.554   -7.866  1.00 17.15 ? 86  LYS A CB  1 
ATOM   317  C CG  . LYS A 1 45  ? 13.737  4.373   -8.624  1.00 17.44 ? 86  LYS A CG  1 
ATOM   318  C CD  . LYS A 1 45  ? 14.446  4.070   -9.937  1.00 17.26 ? 86  LYS A CD  1 
ATOM   319  C CE  . LYS A 1 45  ? 13.762  2.907   -10.659 1.00 17.77 ? 86  LYS A CE  1 
ATOM   320  N NZ  . LYS A 1 45  ? 14.537  2.417   -11.841 1.00 16.80 ? 86  LYS A NZ  1 
ATOM   321  N N   . GLY A 1 46  ? 16.394  6.303   -5.076  1.00 17.18 ? 87  GLY A N   1 
ATOM   322  C CA  . GLY A 1 46  ? 16.762  7.401   -4.172  1.00 16.82 ? 87  GLY A CA  1 
ATOM   323  C C   . GLY A 1 46  ? 15.653  7.824   -3.229  1.00 16.67 ? 87  GLY A C   1 
ATOM   324  O O   . GLY A 1 46  ? 15.854  8.698   -2.381  1.00 16.44 ? 87  GLY A O   1 
ATOM   325  N N   . PHE A 1 47  ? 14.488  7.193   -3.374  1.00 16.26 ? 88  PHE A N   1 
ATOM   326  C CA  . PHE A 1 47  ? 13.307  7.497   -2.576  1.00 15.97 ? 88  PHE A CA  1 
ATOM   327  C C   . PHE A 1 47  ? 12.404  6.262   -2.520  1.00 15.67 ? 88  PHE A C   1 
ATOM   328  O O   . PHE A 1 47  ? 12.524  5.344   -3.352  1.00 15.55 ? 88  PHE A O   1 
ATOM   329  C CB  . PHE A 1 47  ? 12.544  8.711   -3.143  1.00 15.99 ? 88  PHE A CB  1 
ATOM   330  C CG  . PHE A 1 47  ? 12.181  8.591   -4.604  1.00 16.18 ? 88  PHE A CG  1 
ATOM   331  C CD1 . PHE A 1 47  ? 10.989  7.991   -4.995  1.00 16.93 ? 88  PHE A CD1 1 
ATOM   332  C CD2 . PHE A 1 47  ? 13.017  9.108   -5.588  1.00 16.52 ? 88  PHE A CD2 1 
ATOM   333  C CE1 . PHE A 1 47  ? 10.642  7.891   -6.344  1.00 16.57 ? 88  PHE A CE1 1 
ATOM   334  C CE2 . PHE A 1 47  ? 12.680  9.005   -6.943  1.00 16.68 ? 88  PHE A CE2 1 
ATOM   335  C CZ  . PHE A 1 47  ? 11.490  8.396   -7.319  1.00 16.53 ? 88  PHE A CZ  1 
ATOM   336  N N   . GLY A 1 48  ? 11.515  6.237   -1.536  1.00 15.40 ? 89  GLY A N   1 
ATOM   337  C CA  . GLY A 1 48  ? 10.632  5.096   -1.340  1.00 15.15 ? 89  GLY A CA  1 
ATOM   338  C C   . GLY A 1 48  ? 9.938   5.061   0.002   1.00 15.16 ? 89  GLY A C   1 
ATOM   339  O O   . GLY A 1 48  ? 9.948   6.047   0.744   1.00 15.69 ? 89  GLY A O   1 
ATOM   340  N N   . TYR A 1 49  ? 9.341   3.910   0.315   1.00 14.74 ? 90  TYR A N   1 
ATOM   341  C CA  . TYR A 1 49  ? 8.459   3.790   1.468   1.00 14.58 ? 90  TYR A CA  1 
ATOM   342  C C   . TYR A 1 49  ? 9.184   3.805   2.816   1.00 14.85 ? 90  TYR A C   1 
ATOM   343  O O   . TYR A 1 49  ? 8.581   4.183   3.814   1.00 14.57 ? 90  TYR A O   1 
ATOM   344  C CB  . TYR A 1 49  ? 7.583   2.539   1.353   1.00 14.36 ? 90  TYR A CB  1 
ATOM   345  C CG  . TYR A 1 49  ? 6.643   2.531   0.153   1.00 13.18 ? 90  TYR A CG  1 
ATOM   346  C CD1 . TYR A 1 49  ? 5.724   3.556   -0.036  1.00 11.74 ? 90  TYR A CD1 1 
ATOM   347  C CD2 . TYR A 1 49  ? 6.673   1.495   -0.779  1.00 13.12 ? 90  TYR A CD2 1 
ATOM   348  C CE1 . TYR A 1 49  ? 4.867   3.564   -1.109  1.00 10.95 ? 90  TYR A CE1 1 
ATOM   349  C CE2 . TYR A 1 49  ? 5.818   1.488   -1.871  1.00 12.38 ? 90  TYR A CE2 1 
ATOM   350  C CZ  . TYR A 1 49  ? 4.920   2.529   -2.039  1.00 11.73 ? 90  TYR A CZ  1 
ATOM   351  O OH  . TYR A 1 49  ? 4.069   2.521   -3.106  1.00 10.88 ? 90  TYR A OH  1 
ATOM   352  N N   . LYS A 1 50  ? 10.459  3.404   2.855   1.00 15.24 ? 91  LYS A N   1 
ATOM   353  C CA  . LYS A 1 50  ? 11.189  3.315   4.135   1.00 15.65 ? 91  LYS A CA  1 
ATOM   354  C C   . LYS A 1 50  ? 11.031  4.599   4.931   1.00 16.06 ? 91  LYS A C   1 
ATOM   355  O O   . LYS A 1 50  ? 11.366  5.684   4.439   1.00 15.72 ? 91  LYS A O   1 
ATOM   356  C CB  . LYS A 1 50  ? 12.684  3.033   3.939   1.00 15.65 ? 91  LYS A CB  1 
ATOM   357  C CG  . LYS A 1 50  ? 13.432  2.697   5.243   1.00 15.99 ? 91  LYS A CG  1 
ATOM   358  C CD  . LYS A 1 50  ? 14.941  2.761   5.046   0.80 15.89 ? 91  LYS A CD  1 
ATOM   359  C CE  . LYS A 1 50  ? 15.726  2.215   6.245   0.70 16.05 ? 91  LYS A CE  1 
ATOM   360  N NZ  . LYS A 1 50  ? 15.657  0.725   6.339   0.50 15.90 ? 91  LYS A NZ  1 
ATOM   361  N N   . GLY A 1 51  ? 10.511  4.460   6.150   1.00 16.65 ? 92  GLY A N   1 
ATOM   362  C CA  . GLY A 1 51  ? 10.323  5.591   7.058   1.00 17.14 ? 92  GLY A CA  1 
ATOM   363  C C   . GLY A 1 51  ? 8.943   6.231   6.991   1.00 17.70 ? 92  GLY A C   1 
ATOM   364  O O   . GLY A 1 51  ? 8.594   7.044   7.856   1.00 17.82 ? 92  GLY A O   1 
ATOM   365  N N   . SER A 1 52  ? 8.158   5.878   5.972   1.00 17.83 ? 93  SER A N   1 
ATOM   366  C CA  . SER A 1 52  ? 6.852   6.500   5.756   1.00 17.99 ? 93  SER A CA  1 
ATOM   367  C C   . SER A 1 52  ? 5.791   5.829   6.639   1.00 17.95 ? 93  SER A C   1 
ATOM   368  O O   . SER A 1 52  ? 6.070   4.835   7.312   1.00 18.22 ? 93  SER A O   1 
ATOM   369  C CB  . SER A 1 52  ? 6.469   6.478   4.269   1.00 18.17 ? 93  SER A CB  1 
ATOM   370  O OG  . SER A 1 52  ? 6.245   5.166   3.777   1.00 18.58 ? 93  SER A OG  1 
ATOM   371  N N   . THR A 1 53  ? 4.592   6.393   6.665   1.00 17.58 ? 94  THR A N   1 
ATOM   372  C CA  . THR A 1 53  ? 3.574   5.961   7.619   1.00 17.58 ? 94  THR A CA  1 
ATOM   373  C C   . THR A 1 53  ? 2.315   5.399   6.969   1.00 17.39 ? 94  THR A C   1 
ATOM   374  O O   . THR A 1 53  ? 2.003   5.708   5.816   1.00 18.09 ? 94  THR A O   1 
ATOM   375  C CB  . THR A 1 53  ? 3.143   7.132   8.542   1.00 17.46 ? 94  THR A CB  1 
ATOM   376  O OG1 . THR A 1 53  ? 2.416   8.110   7.779   1.00 17.08 ? 94  THR A OG1 1 
ATOM   377  C CG2 . THR A 1 53  ? 4.373   7.786   9.209   1.00 17.72 ? 94  THR A CG2 1 
ATOM   378  N N   . PHE A 1 54  ? 1.605   4.558   7.721   1.00 17.04 ? 95  PHE A N   1 
ATOM   379  C CA  . PHE A 1 54  ? 0.177   4.337   7.495   1.00 16.42 ? 95  PHE A CA  1 
ATOM   380  C C   . PHE A 1 54  ? -0.560  5.522   8.121   1.00 16.37 ? 95  PHE A C   1 
ATOM   381  O O   . PHE A 1 54  ? -0.684  5.617   9.345   1.00 16.39 ? 95  PHE A O   1 
ATOM   382  C CB  . PHE A 1 54  ? -0.296  3.004   8.095   1.00 16.59 ? 95  PHE A CB  1 
ATOM   383  C CG  . PHE A 1 54  ? 0.105   1.802   7.283   1.00 15.09 ? 95  PHE A CG  1 
ATOM   384  C CD1 . PHE A 1 54  ? 1.386   1.274   7.389   1.00 14.58 ? 95  PHE A CD1 1 
ATOM   385  C CD2 . PHE A 1 54  ? -0.792  1.214   6.402   1.00 15.38 ? 95  PHE A CD2 1 
ATOM   386  C CE1 . PHE A 1 54  ? 1.763   0.169   6.637   1.00 14.26 ? 95  PHE A CE1 1 
ATOM   387  C CE2 . PHE A 1 54  ? -0.426  0.110   5.639   1.00 14.93 ? 95  PHE A CE2 1 
ATOM   388  C CZ  . PHE A 1 54  ? 0.853   -0.412  5.757   1.00 14.60 ? 95  PHE A CZ  1 
ATOM   389  N N   . HIS A 1 55  ? -1.030  6.428   7.268   1.00 16.08 ? 96  HIS A N   1 
ATOM   390  C CA  . HIS A 1 55  ? -1.595  7.711   7.711   1.00 16.13 ? 96  HIS A CA  1 
ATOM   391  C C   . HIS A 1 55  ? -3.119  7.703   7.820   1.00 16.38 ? 96  HIS A C   1 
ATOM   392  O O   . HIS A 1 55  ? -3.691  8.540   8.518   1.00 16.44 ? 96  HIS A O   1 
ATOM   393  C CB  . HIS A 1 55  ? -1.172  8.823   6.746   1.00 16.00 ? 96  HIS A CB  1 
ATOM   394  C CG  . HIS A 1 55  ? -1.714  8.654   5.362   1.00 15.41 ? 96  HIS A CG  1 
ATOM   395  N ND1 . HIS A 1 55  ? -1.088  7.881   4.409   1.00 14.75 ? 96  HIS A ND1 1 
ATOM   396  C CD2 . HIS A 1 55  ? -2.830  9.145   4.775   1.00 15.27 ? 96  HIS A CD2 1 
ATOM   397  C CE1 . HIS A 1 55  ? -1.796  7.899   3.295   1.00 15.24 ? 96  HIS A CE1 1 
ATOM   398  N NE2 . HIS A 1 55  ? -2.853  8.668   3.487   1.00 14.54 ? 96  HIS A NE2 1 
ATOM   399  N N   . ARG A 1 56  ? -3.767  6.776   7.117   1.00 16.62 ? 97  ARG A N   1 
ATOM   400  C CA  . ARG A 1 56  ? -5.225  6.690   7.075   1.00 16.90 ? 97  ARG A CA  1 
ATOM   401  C C   . ARG A 1 56  ? -5.650  5.226   7.188   1.00 16.85 ? 97  ARG A C   1 
ATOM   402  O O   . ARG A 1 56  ? -5.419  4.419   6.274   1.00 16.91 ? 97  ARG A O   1 
ATOM   403  C CB  . ARG A 1 56  ? -5.754  7.324   5.784   1.00 17.20 ? 97  ARG A CB  1 
ATOM   404  C CG  . ARG A 1 56  ? -7.255  7.194   5.568   1.00 18.35 ? 97  ARG A CG  1 
ATOM   405  C CD  . ARG A 1 56  ? -7.714  8.018   4.367   1.00 19.79 ? 97  ARG A CD  1 
ATOM   406  N NE  . ARG A 1 56  ? -9.176  8.012   4.220   1.00 20.05 ? 97  ARG A NE  1 
ATOM   407  C CZ  . ARG A 1 56  ? -9.870  7.386   3.265   1.00 20.14 ? 97  ARG A CZ  1 
ATOM   408  N NH1 . ARG A 1 56  ? -9.273  6.684   2.304   1.00 20.19 ? 97  ARG A NH1 1 
ATOM   409  N NH2 . ARG A 1 56  ? -11.194 7.467   3.260   1.00 19.70 ? 97  ARG A NH2 1 
ATOM   410  N N   . VAL A 1 57  ? -6.243  4.885   8.331   1.00 16.37 ? 98  VAL A N   1 
ATOM   411  C CA  . VAL A 1 57  ? -6.634  3.513   8.622   1.00 15.96 ? 98  VAL A CA  1 
ATOM   412  C C   . VAL A 1 57  ? -8.051  3.532   9.148   1.00 16.10 ? 98  VAL A C   1 
ATOM   413  O O   . VAL A 1 57  ? -8.320  4.178   10.161  1.00 16.61 ? 98  VAL A O   1 
ATOM   414  C CB  . VAL A 1 57  ? -5.690  2.889   9.664   1.00 15.80 ? 98  VAL A CB  1 
ATOM   415  C CG1 . VAL A 1 57  ? -6.207  1.539   10.137  1.00 15.43 ? 98  VAL A CG1 1 
ATOM   416  C CG2 . VAL A 1 57  ? -4.266  2.769   9.087   1.00 14.68 ? 98  VAL A CG2 1 
ATOM   417  N N   . ILE A 1 58  ? -8.950  2.838   8.449   1.00 15.87 ? 99  ILE A N   1 
ATOM   418  C CA  . ILE A 1 58  ? -10.370 2.813   8.801   1.00 15.77 ? 99  ILE A CA  1 
ATOM   419  C C   . ILE A 1 58  ? -10.791 1.373   9.080   1.00 15.92 ? 99  ILE A C   1 
ATOM   420  O O   . ILE A 1 58  ? -10.764 0.538   8.173   1.00 15.22 ? 99  ILE A O   1 
ATOM   421  C CB  . ILE A 1 58  ? -11.238 3.408   7.670   1.00 15.45 ? 99  ILE A CB  1 
ATOM   422  C CG1 . ILE A 1 58  ? -10.880 4.886   7.450   1.00 15.27 ? 99  ILE A CG1 1 
ATOM   423  C CG2 . ILE A 1 58  ? -12.719 3.255   7.976   1.00 15.40 ? 99  ILE A CG2 1 
ATOM   424  C CD1 . ILE A 1 58  ? -11.489 5.484   6.203   1.00 15.12 ? 99  ILE A CD1 1 
ATOM   425  N N   . PRO A 1 59  ? -11.169 1.070   10.342  1.00 16.27 ? 100 PRO A N   1 
ATOM   426  C CA  . PRO A 1 59  ? -11.595 -0.296  10.679  1.00 16.59 ? 100 PRO A CA  1 
ATOM   427  C C   . PRO A 1 59  ? -12.714 -0.818  9.777   1.00 16.74 ? 100 PRO A C   1 
ATOM   428  O O   . PRO A 1 59  ? -13.585 -0.044  9.369   1.00 17.00 ? 100 PRO A O   1 
ATOM   429  C CB  . PRO A 1 59  ? -12.081 -0.169  12.130  1.00 16.70 ? 100 PRO A CB  1 
ATOM   430  C CG  . PRO A 1 59  ? -11.317 0.984   12.680  1.00 16.78 ? 100 PRO A CG  1 
ATOM   431  C CD  . PRO A 1 59  ? -11.129 1.942   11.531  1.00 16.41 ? 100 PRO A CD  1 
ATOM   432  N N   . SER A 1 60  ? -12.673 -2.117  9.477   1.00 16.68 ? 101 SER A N   1 
ATOM   433  C CA  . SER A 1 60  ? -13.614 -2.771  8.564   1.00 17.03 ? 101 SER A CA  1 
ATOM   434  C C   . SER A 1 60  ? -13.613 -2.126  7.170   1.00 16.60 ? 101 SER A C   1 
ATOM   435  O O   . SER A 1 60  ? -14.653 -2.044  6.523   1.00 16.70 ? 101 SER A O   1 
ATOM   436  C CB  . SER A 1 60  ? -15.039 -2.773  9.137   1.00 17.19 ? 101 SER A CB  1 
ATOM   437  O OG  . SER A 1 60  ? -15.071 -3.306  10.444  1.00 18.79 ? 101 SER A OG  1 
ATOM   438  N N   . PHE A 1 61  ? -12.452 -1.659  6.720   1.00 16.46 ? 102 PHE A N   1 
ATOM   439  C CA  . PHE A 1 61  ? -12.328 -1.088  5.380   1.00 15.99 ? 102 PHE A CA  1 
ATOM   440  C C   . PHE A 1 61  ? -10.924 -1.332  4.830   1.00 15.81 ? 102 PHE A C   1 
ATOM   441  O O   . PHE A 1 61  ? -10.742 -2.229  4.017   1.00 14.92 ? 102 PHE A O   1 
ATOM   442  C CB  . PHE A 1 61  ? -12.705 0.398   5.381   1.00 16.19 ? 102 PHE A CB  1 
ATOM   443  C CG  . PHE A 1 61  ? -12.626 1.081   4.026   1.00 15.84 ? 102 PHE A CG  1 
ATOM   444  C CD1 . PHE A 1 61  ? -12.647 0.362   2.825   1.00 15.62 ? 102 PHE A CD1 1 
ATOM   445  C CD2 . PHE A 1 61  ? -12.579 2.469   3.962   1.00 15.97 ? 102 PHE A CD2 1 
ATOM   446  C CE1 . PHE A 1 61  ? -12.584 1.021   1.607   1.00 15.55 ? 102 PHE A CE1 1 
ATOM   447  C CE2 . PHE A 1 61  ? -12.521 3.132   2.738   1.00 16.43 ? 102 PHE A CE2 1 
ATOM   448  C CZ  . PHE A 1 61  ? -12.524 2.409   1.562   1.00 16.09 ? 102 PHE A CZ  1 
ATOM   449  N N   . MET A 1 62  ? -9.940  -0.555  5.278   1.00 16.30 ? 103 MET A N   1 
ATOM   450  C CA  . MET A 1 62  ? -8.578  -0.669  4.729   1.00 16.36 ? 103 MET A CA  1 
ATOM   451  C C   . MET A 1 62  ? -7.541  0.090   5.546   1.00 15.72 ? 103 MET A C   1 
ATOM   452  O O   . MET A 1 62  ? -7.878  0.928   6.386   1.00 15.85 ? 103 MET A O   1 
ATOM   453  C CB  . MET A 1 62  ? -8.545  -0.187  3.268   1.00 16.95 ? 103 MET A CB  1 
ATOM   454  C CG  . MET A 1 62  ? -9.028  1.239   3.047   1.00 18.81 ? 103 MET A CG  1 
ATOM   455  S SD  . MET A 1 62  ? -7.763  2.434   3.464   1.00 24.83 ? 103 MET A SD  1 
ATOM   456  C CE  . MET A 1 62  ? -8.738  3.782   4.126   1.00 22.22 ? 103 MET A CE  1 
ATOM   457  N N   . CYS A 1 63  ? -6.277  -0.216  5.277   1.00 15.33 ? 104 CYS A N   1 
ATOM   458  C CA  . CYS A 1 63  ? -5.138  0.519   5.837   1.00 14.86 ? 104 CYS A CA  1 
ATOM   459  C C   . CYS A 1 63  ? -4.359  1.166   4.697   1.00 14.49 ? 104 CYS A C   1 
ATOM   460  O O   . CYS A 1 63  ? -3.876  0.460   3.806   1.00 14.16 ? 104 CYS A O   1 
ATOM   461  C CB  . CYS A 1 63  ? -4.235  -0.440  6.615   1.00 14.75 ? 104 CYS A CB  1 
ATOM   462  S SG  . CYS A 1 63  ? -5.159  -1.535  7.726   1.00 16.28 ? 104 CYS A SG  1 
ATOM   463  N N   . GLN A 1 64  ? -4.224  2.494   4.742   1.00 14.27 ? 105 GLN A N   1 
ATOM   464  C CA  . GLN A 1 64  ? -3.612  3.280   3.671   1.00 14.13 ? 105 GLN A CA  1 
ATOM   465  C C   . GLN A 1 64  ? -2.282  3.889   4.094   1.00 14.10 ? 105 GLN A C   1 
ATOM   466  O O   . GLN A 1 64  ? -2.149  4.381   5.219   1.00 13.79 ? 105 GLN A O   1 
ATOM   467  C CB  . GLN A 1 64  ? -4.563  4.402   3.261   1.00 14.32 ? 105 GLN A CB  1 
ATOM   468  C CG  . GLN A 1 64  ? -4.134  5.216   2.051   1.00 13.57 ? 105 GLN A CG  1 
ATOM   469  C CD  . GLN A 1 64  ? -5.225  6.150   1.596   1.00 12.55 ? 105 GLN A CD  1 
ATOM   470  O OE1 . GLN A 1 64  ? -6.407  5.851   1.750   1.00 12.46 ? 105 GLN A OE1 1 
ATOM   471  N NE2 . GLN A 1 64  ? -4.842  7.277   1.020   1.00 11.02 ? 105 GLN A NE2 1 
ATOM   472  N N   . ALA A 1 65  ? -1.319  3.877   3.173   1.00 14.21 ? 106 ALA A N   1 
ATOM   473  C CA  . ALA A 1 65  ? 0.047   4.354   3.436   1.00 14.44 ? 106 ALA A CA  1 
ATOM   474  C C   . ALA A 1 65  ? 0.735   4.831   2.158   1.00 14.45 ? 106 ALA A C   1 
ATOM   475  O O   . ALA A 1 65  ? 0.118   4.894   1.102   1.00 14.66 ? 106 ALA A O   1 
ATOM   476  C CB  . ALA A 1 65  ? 0.875   3.227   4.082   1.00 14.60 ? 106 ALA A CB  1 
ATOM   477  N N   . GLY A 1 66  ? 2.006   5.200   2.276   1.00 14.80 ? 107 GLY A N   1 
ATOM   478  C CA  . GLY A 1 66  ? 2.858   5.469   1.116   1.00 15.22 ? 107 GLY A CA  1 
ATOM   479  C C   . GLY A 1 66  ? 3.135   6.925   0.780   1.00 15.52 ? 107 GLY A C   1 
ATOM   480  O O   . GLY A 1 66  ? 3.818   7.198   -0.204  1.00 15.14 ? 107 GLY A O   1 
ATOM   481  N N   . ASP A 1 67  ? 2.614   7.873   1.569   1.00 15.98 ? 108 ASP A N   1 
ATOM   482  C CA  . ASP A 1 67  ? 2.971   9.283   1.358   1.00 16.78 ? 108 ASP A CA  1 
ATOM   483  C C   . ASP A 1 67  ? 4.322   9.599   2.005   1.00 17.09 ? 108 ASP A C   1 
ATOM   484  O O   . ASP A 1 67  ? 4.391   10.018  3.164   1.00 16.69 ? 108 ASP A O   1 
ATOM   485  C CB  . ASP A 1 67  ? 1.892   10.244  1.873   1.00 16.85 ? 108 ASP A CB  1 
ATOM   486  C CG  . ASP A 1 67  ? 2.232   11.703  1.595   1.00 17.07 ? 108 ASP A CG  1 
ATOM   487  O OD1 . ASP A 1 67  ? 3.225   11.973  0.897   1.00 16.32 ? 108 ASP A OD1 1 
ATOM   488  O OD2 . ASP A 1 67  ? 1.498   12.589  2.075   1.00 19.31 ? 108 ASP A OD2 1 
ATOM   489  N N   . PHE A 1 68  ? 5.388   9.400   1.240   1.00 17.65 ? 109 PHE A N   1 
ATOM   490  C CA  . PHE A 1 68  ? 6.748   9.640   1.721   1.00 18.53 ? 109 PHE A CA  1 
ATOM   491  C C   . PHE A 1 68  ? 7.304   11.027  1.367   1.00 19.47 ? 109 PHE A C   1 
ATOM   492  O O   . PHE A 1 68  ? 8.477   11.302  1.632   1.00 19.68 ? 109 PHE A O   1 
ATOM   493  C CB  . PHE A 1 68  ? 7.698   8.536   1.228   1.00 18.62 ? 109 PHE A CB  1 
ATOM   494  C CG  . PHE A 1 68  ? 7.796   8.421   -0.273  1.00 17.70 ? 109 PHE A CG  1 
ATOM   495  C CD1 . PHE A 1 68  ? 8.596   9.297   -1.003  1.00 16.94 ? 109 PHE A CD1 1 
ATOM   496  C CD2 . PHE A 1 68  ? 7.116   7.410   -0.953  1.00 17.29 ? 109 PHE A CD2 1 
ATOM   497  C CE1 . PHE A 1 68  ? 8.699   9.180   -2.383  1.00 16.67 ? 109 PHE A CE1 1 
ATOM   498  C CE2 . PHE A 1 68  ? 7.225   7.283   -2.330  1.00 16.70 ? 109 PHE A CE2 1 
ATOM   499  C CZ  . PHE A 1 68  ? 8.010   8.173   -3.048  1.00 16.47 ? 109 PHE A CZ  1 
ATOM   500  N N   . THR A 1 69  ? 6.476   11.893  0.781   1.00 20.77 ? 110 THR A N   1 
ATOM   501  C CA  . THR A 1 69  ? 6.890   13.268  0.444   1.00 21.87 ? 110 THR A CA  1 
ATOM   502  C C   . THR A 1 69  ? 6.288   14.332  1.367   1.00 22.99 ? 110 THR A C   1 
ATOM   503  O O   . THR A 1 69  ? 7.001   15.225  1.845   1.00 23.30 ? 110 THR A O   1 
ATOM   504  C CB  . THR A 1 69  ? 6.515   13.639  -0.996  1.00 21.78 ? 110 THR A CB  1 
ATOM   505  O OG1 . THR A 1 69  ? 5.093   13.661  -1.143  1.00 21.38 ? 110 THR A OG1 1 
ATOM   506  C CG2 . THR A 1 69  ? 7.125   12.658  -1.993  1.00 21.94 ? 110 THR A CG2 1 
ATOM   507  N N   . ASN A 1 70  ? 4.972   14.261  1.579   1.00 23.86 ? 111 ASN A N   1 
ATOM   508  C CA  . ASN A 1 70  ? 4.269   15.190  2.469   1.00 24.47 ? 111 ASN A CA  1 
ATOM   509  C C   . ASN A 1 70  ? 3.967   14.575  3.836   1.00 24.60 ? 111 ASN A C   1 
ATOM   510  O O   . ASN A 1 70  ? 3.641   15.295  4.780   1.00 24.56 ? 111 ASN A O   1 
ATOM   511  C CB  . ASN A 1 70  ? 2.958   15.671  1.833   1.00 24.77 ? 111 ASN A CB  1 
ATOM   512  C CG  . ASN A 1 70  ? 3.170   16.617  0.662   1.00 25.08 ? 111 ASN A CG  1 
ATOM   513  O OD1 . ASN A 1 70  ? 4.226   17.233  0.509   1.00 26.02 ? 111 ASN A OD1 1 
ATOM   514  N ND2 . ASN A 1 70  ? 2.145   16.742  -0.175  1.00 25.82 ? 111 ASN A ND2 1 
ATOM   515  N N   . HIS A 1 71  ? 4.067   13.248  3.939   1.00 24.66 ? 112 HIS A N   1 
ATOM   516  C CA  . HIS A 1 71  ? 3.792   12.517  5.189   1.00 24.79 ? 112 HIS A CA  1 
ATOM   517  C C   . HIS A 1 71  ? 2.398   12.777  5.788   1.00 24.56 ? 112 HIS A C   1 
ATOM   518  O O   . HIS A 1 71  ? 2.207   12.611  6.991   1.00 24.89 ? 112 HIS A O   1 
ATOM   519  C CB  . HIS A 1 71  ? 4.879   12.806  6.237   1.00 24.90 ? 112 HIS A CB  1 
ATOM   520  C CG  . HIS A 1 71  ? 6.198   12.181  5.922   1.00 25.60 ? 112 HIS A CG  1 
ATOM   521  N ND1 . HIS A 1 71  ? 6.487   10.870  6.227   1.00 26.80 ? 112 HIS A ND1 1 
ATOM   522  C CD2 . HIS A 1 71  ? 7.298   12.679  5.310   1.00 26.34 ? 112 HIS A CD2 1 
ATOM   523  C CE1 . HIS A 1 71  ? 7.713   10.588  5.827   1.00 27.13 ? 112 HIS A CE1 1 
ATOM   524  N NE2 . HIS A 1 71  ? 8.228   11.670  5.270   1.00 26.93 ? 112 HIS A NE2 1 
ATOM   525  N N   . ASN A 1 72  ? 1.430   13.150  4.952   1.00 24.25 ? 113 ASN A N   1 
ATOM   526  C CA  . ASN A 1 72  ? 0.074   13.483  5.433   1.00 23.95 ? 113 ASN A CA  1 
ATOM   527  C C   . ASN A 1 72  ? -1.094  12.924  4.599   1.00 23.33 ? 113 ASN A C   1 
ATOM   528  O O   . ASN A 1 72  ? -2.257  13.057  4.992   1.00 23.55 ? 113 ASN A O   1 
ATOM   529  C CB  . ASN A 1 72  ? -0.064  15.007  5.596   1.00 23.98 ? 113 ASN A CB  1 
ATOM   530  C CG  . ASN A 1 72  ? 0.222   15.773  4.309   1.00 24.39 ? 113 ASN A CG  1 
ATOM   531  O OD1 . ASN A 1 72  ? 0.024   15.264  3.203   1.00 23.75 ? 113 ASN A OD1 1 
ATOM   532  N ND2 . ASN A 1 72  ? 0.688   17.010  4.451   1.00 25.21 ? 113 ASN A ND2 1 
ATOM   533  N N   . GLY A 1 73  ? -0.790  12.293  3.465   1.00 22.61 ? 114 GLY A N   1 
ATOM   534  C CA  . GLY A 1 73  ? -1.810  11.710  2.594   1.00 21.85 ? 114 GLY A CA  1 
ATOM   535  C C   . GLY A 1 73  ? -2.188  12.570  1.401   1.00 21.27 ? 114 GLY A C   1 
ATOM   536  O O   . GLY A 1 73  ? -3.141  12.256  0.689   1.00 21.16 ? 114 GLY A O   1 
ATOM   537  N N   . THR A 1 74  ? -1.458  13.664  1.182   1.00 20.63 ? 115 THR A N   1 
ATOM   538  C CA  . THR A 1 74  ? -1.689  14.520  0.018   1.00 20.19 ? 115 THR A CA  1 
ATOM   539  C C   . THR A 1 74  ? -0.645  14.285  -1.070  1.00 19.85 ? 115 THR A C   1 
ATOM   540  O O   . THR A 1 74  ? -0.858  14.675  -2.213  1.00 19.90 ? 115 THR A O   1 
ATOM   541  C CB  . THR A 1 74  ? -1.667  16.014  0.389   1.00 20.10 ? 115 THR A CB  1 
ATOM   542  O OG1 . THR A 1 74  ? -0.383  16.362  0.926   1.00 20.45 ? 115 THR A OG1 1 
ATOM   543  C CG2 . THR A 1 74  ? -2.762  16.341  1.420   1.00 19.15 ? 115 THR A CG2 1 
ATOM   544  N N   . GLY A 1 75  ? 0.466   13.642  -0.709  1.00 19.33 ? 116 GLY A N   1 
ATOM   545  C CA  . GLY A 1 75  ? 1.633   13.545  -1.585  1.00 18.90 ? 116 GLY A CA  1 
ATOM   546  C C   . GLY A 1 75  ? 2.061   12.140  -1.965  1.00 18.36 ? 116 GLY A C   1 
ATOM   547  O O   . GLY A 1 75  ? 1.240   11.220  -2.062  1.00 18.41 ? 116 GLY A O   1 
ATOM   548  N N   . GLY A 1 76  ? 3.370   11.986  -2.160  1.00 18.15 ? 117 GLY A N   1 
ATOM   549  C CA  . GLY A 1 76  ? 3.957   10.768  -2.706  1.00 17.55 ? 117 GLY A CA  1 
ATOM   550  C C   . GLY A 1 76  ? 4.270   10.959  -4.178  1.00 16.85 ? 117 GLY A C   1 
ATOM   551  O O   . GLY A 1 76  ? 3.827   11.930  -4.799  1.00 16.71 ? 117 GLY A O   1 
ATOM   552  N N   . LYS A 1 77  ? 5.039   10.037  -4.745  1.00 16.19 ? 118 LYS A N   1 
ATOM   553  C CA  . LYS A 1 77  ? 5.343   10.083  -6.173  1.00 15.89 ? 118 LYS A CA  1 
ATOM   554  C C   . LYS A 1 77  ? 5.745   8.708   -6.672  1.00 15.45 ? 118 LYS A C   1 
ATOM   555  O O   . LYS A 1 77  ? 6.135   7.865   -5.891  1.00 15.40 ? 118 LYS A O   1 
ATOM   556  C CB  . LYS A 1 77  ? 6.473   11.076  -6.435  1.00 15.97 ? 118 LYS A CB  1 
ATOM   557  C CG  . LYS A 1 77  ? 7.701   10.840  -5.577  1.00 16.56 ? 118 LYS A CG  1 
ATOM   558  C CD  . LYS A 1 77  ? 8.849   11.744  -5.984  1.00 16.46 ? 118 LYS A CD  1 
ATOM   559  C CE  . LYS A 1 77  ? 9.984   11.647  -4.999  1.00 16.21 ? 118 LYS A CE  1 
ATOM   560  N NZ  . LYS A 1 77  ? 11.082  12.591  -5.330  1.00 16.51 ? 118 LYS A NZ  1 
ATOM   561  N N   . SER A 1 78  ? 5.648   8.498   -7.977  1.00 15.35 ? 119 SER A N   1 
ATOM   562  C CA  . SER A 1 78  ? 6.016   7.223   -8.580  1.00 15.48 ? 119 SER A CA  1 
ATOM   563  C C   . SER A 1 78  ? 7.450   7.283   -9.093  1.00 15.20 ? 119 SER A C   1 
ATOM   564  O O   . SER A 1 78  ? 8.054   8.354   -9.151  1.00 15.86 ? 119 SER A O   1 
ATOM   565  C CB  . SER A 1 78  ? 5.054   6.895   -9.728  1.00 15.01 ? 119 SER A CB  1 
ATOM   566  O OG  . SER A 1 78  ? 5.422   7.586   -10.903 1.00 16.50 ? 119 SER A OG  1 
ATOM   567  N N   . ILE A 1 79  ? 7.993   6.128   -9.477  1.00 14.89 ? 120 ILE A N   1 
ATOM   568  C CA  . ILE A 1 79  ? 9.320   6.075   -10.091 1.00 14.37 ? 120 ILE A CA  1 
ATOM   569  C C   . ILE A 1 79  ? 9.337   6.703   -11.493 1.00 14.25 ? 120 ILE A C   1 
ATOM   570  O O   . ILE A 1 79  ? 10.400  7.049   -12.003 1.00 14.56 ? 120 ILE A O   1 
ATOM   571  C CB  . ILE A 1 79  ? 9.882   4.613   -10.153 1.00 14.23 ? 120 ILE A CB  1 
ATOM   572  C CG1 . ILE A 1 79  ? 9.049   3.735   -11.095 1.00 13.61 ? 120 ILE A CG1 1 
ATOM   573  C CG2 . ILE A 1 79  ? 9.945   4.024   -8.759  1.00 14.12 ? 120 ILE A CG2 1 
ATOM   574  C CD1 . ILE A 1 79  ? 9.585   2.325   -11.290 1.00 13.47 ? 120 ILE A CD1 1 
ATOM   575  N N   . TYR A 1 80  ? 8.170   6.848   -12.112 1.00 13.92 ? 121 TYR A N   1 
ATOM   576  C CA  . TYR A 1 80  ? 8.081   7.405   -13.467 1.00 13.73 ? 121 TYR A CA  1 
ATOM   577  C C   . TYR A 1 80  ? 7.928   8.927   -13.477 1.00 13.90 ? 121 TYR A C   1 
ATOM   578  O O   . TYR A 1 80  ? 8.169   9.568   -14.491 1.00 13.61 ? 121 TYR A O   1 
ATOM   579  C CB  . TYR A 1 80  ? 6.913   6.776   -14.226 1.00 13.35 ? 121 TYR A CB  1 
ATOM   580  C CG  . TYR A 1 80  ? 6.843   5.269   -14.111 1.00 13.68 ? 121 TYR A CG  1 
ATOM   581  C CD1 . TYR A 1 80  ? 7.756   4.459   -14.773 1.00 13.86 ? 121 TYR A CD1 1 
ATOM   582  C CD2 . TYR A 1 80  ? 5.851   4.656   -13.343 1.00 13.99 ? 121 TYR A CD2 1 
ATOM   583  C CE1 . TYR A 1 80  ? 7.700   3.081   -14.664 1.00 13.62 ? 121 TYR A CE1 1 
ATOM   584  C CE2 . TYR A 1 80  ? 5.780   3.275   -13.231 1.00 13.59 ? 121 TYR A CE2 1 
ATOM   585  C CZ  . TYR A 1 80  ? 6.710   2.492   -13.896 1.00 13.81 ? 121 TYR A CZ  1 
ATOM   586  O OH  . TYR A 1 80  ? 6.655   1.121   -13.788 1.00 14.61 ? 121 TYR A OH  1 
ATOM   587  N N   . GLY A 1 81  ? 7.511   9.490   -12.347 1.00 14.09 ? 122 GLY A N   1 
ATOM   588  C CA  . GLY A 1 81  ? 7.146   10.904  -12.249 1.00 14.28 ? 122 GLY A CA  1 
ATOM   589  C C   . GLY A 1 81  ? 6.170   11.081  -11.098 1.00 14.60 ? 122 GLY A C   1 
ATOM   590  O O   . GLY A 1 81  ? 6.022   10.174  -10.271 1.00 14.81 ? 122 GLY A O   1 
ATOM   591  N N   . SER A 1 82  ? 5.503   12.232  -11.030 1.00 14.59 ? 123 SER A N   1 
ATOM   592  C CA  . SER A 1 82  ? 4.586   12.493  -9.911  1.00 14.76 ? 123 SER A CA  1 
ATOM   593  C C   . SER A 1 82  ? 3.382   11.553  -9.930  1.00 14.92 ? 123 SER A C   1 
ATOM   594  O O   . SER A 1 82  ? 2.985   11.052  -8.879  1.00 14.59 ? 123 SER A O   1 
ATOM   595  C CB  . SER A 1 82  ? 4.149   13.967  -9.849  1.00 14.80 ? 123 SER A CB  1 
ATOM   596  O OG  . SER A 1 82  ? 3.370   14.359  -10.965 1.00 15.45 ? 123 SER A OG  1 
ATOM   597  N N   . ARG A 1 83  ? 2.828   11.292  -11.122 1.00 14.78 ? 124 ARG A N   1 
ATOM   598  C CA  . ARG A 1 83  ? 1.665   10.420  -11.266 1.00 14.84 ? 124 ARG A CA  1 
ATOM   599  C C   . ARG A 1 83  ? 1.794   9.503   -12.476 1.00 14.49 ? 124 ARG A C   1 
ATOM   600  O O   . ARG A 1 83  ? 2.585   9.760   -13.380 1.00 14.94 ? 124 ARG A O   1 
ATOM   601  C CB  . ARG A 1 83  ? 0.379   11.246  -11.389 1.00 15.15 ? 124 ARG A CB  1 
ATOM   602  C CG  . ARG A 1 83  ? 0.106   12.210  -10.230 1.00 16.40 ? 124 ARG A CG  1 
ATOM   603  C CD  . ARG A 1 83  ? -0.228  11.477  -8.942  1.00 18.90 ? 124 ARG A CD  1 
ATOM   604  N NE  . ARG A 1 83  ? -0.510  12.392  -7.836  1.00 20.89 ? 124 ARG A NE  1 
ATOM   605  C CZ  . ARG A 1 83  ? 0.384   12.824  -6.944  1.00 22.63 ? 124 ARG A CZ  1 
ATOM   606  N NH1 . ARG A 1 83  ? 1.650   12.438  -6.977  1.00 22.02 ? 124 ARG A NH1 1 
ATOM   607  N NH2 . ARG A 1 83  ? -0.004  13.657  -5.991  1.00 24.43 ? 124 ARG A NH2 1 
ATOM   608  N N   . PHE A 1 84  ? 1.034   8.415   -12.480 1.00 14.13 ? 125 PHE A N   1 
ATOM   609  C CA  . PHE A 1 84  ? 0.954   7.569   -13.673 1.00 13.97 ? 125 PHE A CA  1 
ATOM   610  C C   . PHE A 1 84  ? -0.447  6.980   -13.857 1.00 13.86 ? 125 PHE A C   1 
ATOM   611  O O   . PHE A 1 84  ? -1.216  6.895   -12.899 1.00 14.27 ? 125 PHE A O   1 
ATOM   612  C CB  . PHE A 1 84  ? 2.075   6.497   -13.684 1.00 13.69 ? 125 PHE A CB  1 
ATOM   613  C CG  . PHE A 1 84  ? 1.960   5.440   -12.603 1.00 13.12 ? 125 PHE A CG  1 
ATOM   614  C CD1 . PHE A 1 84  ? 2.285   5.732   -11.286 1.00 13.26 ? 125 PHE A CD1 1 
ATOM   615  C CD2 . PHE A 1 84  ? 1.569   4.138   -12.919 1.00 12.94 ? 125 PHE A CD2 1 
ATOM   616  C CE1 . PHE A 1 84  ? 2.200   4.746   -10.292 1.00 13.48 ? 125 PHE A CE1 1 
ATOM   617  C CE2 . PHE A 1 84  ? 1.489   3.146   -11.941 1.00 13.12 ? 125 PHE A CE2 1 
ATOM   618  C CZ  . PHE A 1 84  ? 1.801   3.450   -10.622 1.00 13.26 ? 125 PHE A CZ  1 
ATOM   619  N N   . PRO A 1 85  ? -0.793  6.605   -15.104 1.00 13.97 ? 126 PRO A N   1 
ATOM   620  C CA  . PRO A 1 85  ? -2.132  6.145   -15.449 1.00 13.69 ? 126 PRO A CA  1 
ATOM   621  C C   . PRO A 1 85  ? -2.603  4.910   -14.713 1.00 13.62 ? 126 PRO A C   1 
ATOM   622  O O   . PRO A 1 85  ? -1.798  4.162   -14.125 1.00 13.62 ? 126 PRO A O   1 
ATOM   623  C CB  . PRO A 1 85  ? -2.011  5.815   -16.940 1.00 13.55 ? 126 PRO A CB  1 
ATOM   624  C CG  . PRO A 1 85  ? -0.940  6.671   -17.417 1.00 14.14 ? 126 PRO A CG  1 
ATOM   625  C CD  . PRO A 1 85  ? 0.039   6.743   -16.313 1.00 13.91 ? 126 PRO A CD  1 
ATOM   626  N N   . ASP A 1 86  ? -3.917  4.714   -14.760 1.00 13.14 ? 127 ASP A N   1 
ATOM   627  C CA  . ASP A 1 86  ? -4.526  3.476   -14.336 1.00 13.22 ? 127 ASP A CA  1 
ATOM   628  C C   . ASP A 1 86  ? -4.185  2.444   -15.401 1.00 13.50 ? 127 ASP A C   1 
ATOM   629  O O   . ASP A 1 86  ? -4.607  2.575   -16.555 1.00 13.61 ? 127 ASP A O   1 
ATOM   630  C CB  . ASP A 1 86  ? -6.037  3.624   -14.232 1.00 13.05 ? 127 ASP A CB  1 
ATOM   631  C CG  . ASP A 1 86  ? -6.458  4.620   -13.169 1.00 12.81 ? 127 ASP A CG  1 
ATOM   632  O OD1 . ASP A 1 86  ? -5.777  4.729   -12.126 1.00 13.46 ? 127 ASP A OD1 1 
ATOM   633  O OD2 . ASP A 1 86  ? -7.498  5.281   -13.374 1.00 11.99 ? 127 ASP A OD2 1 
ATOM   634  N N   . GLU A 1 87  ? -3.405  1.437   -15.021 1.00 13.70 ? 128 GLU A N   1 
ATOM   635  C CA  . GLU A 1 87  ? -2.917  0.438   -15.976 1.00 13.70 ? 128 GLU A CA  1 
ATOM   636  C C   . GLU A 1 87  ? -4.059  -0.415  -16.504 1.00 14.01 ? 128 GLU A C   1 
ATOM   637  O O   . GLU A 1 87  ? -4.185  -0.651  -17.705 1.00 14.02 ? 128 GLU A O   1 
ATOM   638  C CB  . GLU A 1 87  ? -1.864  -0.444  -15.314 1.00 13.81 ? 128 GLU A CB  1 
ATOM   639  C CG  . GLU A 1 87  ? -0.998  -1.235  -16.297 1.00 13.15 ? 128 GLU A CG  1 
ATOM   640  C CD  . GLU A 1 87  ? 0.224   -1.838  -15.636 1.00 11.56 ? 128 GLU A CD  1 
ATOM   641  O OE1 . GLU A 1 87  ? 0.372   -1.717  -14.406 1.00 10.52 ? 128 GLU A OE1 1 
ATOM   642  O OE2 . GLU A 1 87  ? 1.054   -2.440  -16.343 1.00 11.04 ? 128 GLU A OE2 1 
ATOM   643  N N   . ASN A 1 88  ? -4.865  -0.910  -15.580 1.00 14.22 ? 129 ASN A N   1 
ATOM   644  C CA  . ASN A 1 88  ? -6.104  -1.598  -15.896 1.00 14.30 ? 129 ASN A CA  1 
ATOM   645  C C   . ASN A 1 88  ? -6.814  -1.874  -14.595 1.00 14.12 ? 129 ASN A C   1 
ATOM   646  O O   . ASN A 1 88  ? -6.234  -1.698  -13.527 1.00 14.13 ? 129 ASN A O   1 
ATOM   647  C CB  . ASN A 1 88  ? -5.865  -2.913  -16.654 1.00 14.28 ? 129 ASN A CB  1 
ATOM   648  C CG  . ASN A 1 88  ? -5.033  -3.911  -15.870 1.00 14.68 ? 129 ASN A CG  1 
ATOM   649  O OD1 . ASN A 1 88  ? -5.455  -4.405  -14.815 1.00 13.96 ? 129 ASN A OD1 1 
ATOM   650  N ND2 . ASN A 1 88  ? -3.856  -4.238  -16.393 1.00 13.51 ? 129 ASN A ND2 1 
ATOM   651  N N   . PHE A 1 89  ? -8.054  -2.336  -14.695 1.00 13.95 ? 130 PHE A N   1 
ATOM   652  C CA  . PHE A 1 89  ? -8.846  -2.706  -13.528 1.00 13.94 ? 130 PHE A CA  1 
ATOM   653  C C   . PHE A 1 89  ? -9.201  -4.194  -13.535 1.00 13.67 ? 130 PHE A C   1 
ATOM   654  O O   . PHE A 1 89  ? -10.237 -4.601  -13.017 1.00 13.02 ? 130 PHE A O   1 
ATOM   655  C CB  . PHE A 1 89  ? -10.106 -1.857  -13.488 1.00 14.43 ? 130 PHE A CB  1 
ATOM   656  C CG  . PHE A 1 89  ? -9.830  -0.386  -13.479 1.00 14.78 ? 130 PHE A CG  1 
ATOM   657  C CD1 . PHE A 1 89  ? -9.172  0.194   -12.409 1.00 14.88 ? 130 PHE A CD1 1 
ATOM   658  C CD2 . PHE A 1 89  ? -10.230 0.418   -14.540 1.00 16.19 ? 130 PHE A CD2 1 
ATOM   659  C CE1 . PHE A 1 89  ? -8.915  1.553   -12.387 1.00 15.21 ? 130 PHE A CE1 1 
ATOM   660  C CE2 . PHE A 1 89  ? -9.983  1.781   -14.530 1.00 15.68 ? 130 PHE A CE2 1 
ATOM   661  C CZ  . PHE A 1 89  ? -9.325  2.353   -13.457 1.00 15.71 ? 130 PHE A CZ  1 
ATOM   662  N N   . THR A 1 90  ? -8.308  -5.003  -14.091 1.00 13.73 ? 131 THR A N   1 
ATOM   663  C CA  . THR A 1 90  ? -8.566  -6.426  -14.280 1.00 13.92 ? 131 THR A CA  1 
ATOM   664  C C   . THR A 1 90  ? -8.722  -7.193  -12.968 1.00 13.61 ? 131 THR A C   1 
ATOM   665  O O   . THR A 1 90  ? -9.635  -8.007  -12.843 1.00 14.03 ? 131 THR A O   1 
ATOM   666  C CB  . THR A 1 90  ? -7.466  -7.060  -15.138 1.00 14.16 ? 131 THR A CB  1 
ATOM   667  O OG1 . THR A 1 90  ? -7.365  -6.333  -16.370 1.00 14.42 ? 131 THR A OG1 1 
ATOM   668  C CG2 . THR A 1 90  ? -7.769  -8.544  -15.420 1.00 14.58 ? 131 THR A CG2 1 
ATOM   669  N N   . LEU A 1 91  ? -7.832  -6.941  -12.007 1.00 13.39 ? 132 LEU A N   1 
ATOM   670  C CA  . LEU A 1 91  ? -7.937  -7.527  -10.669 1.00 12.95 ? 132 LEU A CA  1 
ATOM   671  C C   . LEU A 1 91  ? -9.008  -6.785  -9.881  1.00 13.13 ? 132 LEU A C   1 
ATOM   672  O O   . LEU A 1 91  ? -9.125  -5.575  -9.998  1.00 13.18 ? 132 LEU A O   1 
ATOM   673  C CB  . LEU A 1 91  ? -6.599  -7.458  -9.927  1.00 12.81 ? 132 LEU A CB  1 
ATOM   674  C CG  . LEU A 1 91  ? -5.536  -8.455  -10.401 1.00 13.15 ? 132 LEU A CG  1 
ATOM   675  C CD1 . LEU A 1 91  ? -4.123  -8.020  -10.013 1.00 13.86 ? 132 LEU A CD1 1 
ATOM   676  C CD2 . LEU A 1 91  ? -5.835  -9.845  -9.865  1.00 12.65 ? 132 LEU A CD2 1 
ATOM   677  N N   . LYS A 1 92  ? -9.781  -7.517  -9.078  1.00 13.36 ? 133 LYS A N   1 
ATOM   678  C CA  . LYS A 1 92  ? -10.909 -6.939  -8.343  1.00 13.83 ? 133 LYS A CA  1 
ATOM   679  C C   . LYS A 1 92  ? -10.653 -6.922  -6.840  1.00 13.73 ? 133 LYS A C   1 
ATOM   680  O O   . LYS A 1 92  ? -9.803  -7.656  -6.320  1.00 13.87 ? 133 LYS A O   1 
ATOM   681  C CB  . LYS A 1 92  ? -12.200 -7.706  -8.647  1.00 13.95 ? 133 LYS A CB  1 
ATOM   682  C CG  . LYS A 1 92  ? -12.502 -7.909  -10.142 1.00 15.00 ? 133 LYS A CG  1 
ATOM   683  C CD  . LYS A 1 92  ? -12.616 -6.593  -10.910 1.00 15.84 ? 133 LYS A CD  1 
ATOM   684  C CE  . LYS A 1 92  ? -12.766 -6.845  -12.409 1.00 16.86 ? 133 LYS A CE  1 
ATOM   685  N NZ  . LYS A 1 92  ? -12.809 -5.575  -13.201 1.00 16.79 ? 133 LYS A NZ  1 
ATOM   686  N N   . HIS A 1 93  ? -11.382 -6.054  -6.146  1.00 13.67 ? 134 HIS A N   1 
ATOM   687  C CA  . HIS A 1 93  ? -11.282 -5.959  -4.699  1.00 13.42 ? 134 HIS A CA  1 
ATOM   688  C C   . HIS A 1 93  ? -12.132 -7.053  -4.066  1.00 13.67 ? 134 HIS A C   1 
ATOM   689  O O   . HIS A 1 93  ? -13.227 -6.795  -3.559  1.00 13.67 ? 134 HIS A O   1 
ATOM   690  C CB  . HIS A 1 93  ? -11.729 -4.581  -4.235  1.00 13.51 ? 134 HIS A CB  1 
ATOM   691  C CG  . HIS A 1 93  ? -10.894 -3.469  -4.784  1.00 12.61 ? 134 HIS A CG  1 
ATOM   692  N ND1 . HIS A 1 93  ? -11.080 -2.957  -6.050  1.00 12.49 ? 134 HIS A ND1 1 
ATOM   693  C CD2 . HIS A 1 93  ? -9.853  -2.788  -4.250  1.00 12.12 ? 134 HIS A CD2 1 
ATOM   694  C CE1 . HIS A 1 93  ? -10.203 -1.991  -6.263  1.00 12.01 ? 134 HIS A CE1 1 
ATOM   695  N NE2 . HIS A 1 93  ? -9.451  -1.868  -5.186  1.00 11.04 ? 134 HIS A NE2 1 
ATOM   696  N N   . VAL A 1 94  ? -11.602 -8.273  -4.101  1.00 13.57 ? 135 VAL A N   1 
ATOM   697  C CA  . VAL A 1 94  ? -12.357 -9.488  -3.774  1.00 13.64 ? 135 VAL A CA  1 
ATOM   698  C C   . VAL A 1 94  ? -12.512 -9.790  -2.272  1.00 14.14 ? 135 VAL A C   1 
ATOM   699  O O   . VAL A 1 94  ? -13.367 -10.587 -1.891  1.00 14.65 ? 135 VAL A O   1 
ATOM   700  C CB  . VAL A 1 94  ? -11.721 -10.727 -4.449  1.00 13.65 ? 135 VAL A CB  1 
ATOM   701  C CG1 . VAL A 1 94  ? -11.726 -10.588 -5.991  1.00 12.36 ? 135 VAL A CG1 1 
ATOM   702  C CG2 . VAL A 1 94  ? -10.295 -10.954 -3.934  1.00 13.96 ? 135 VAL A CG2 1 
ATOM   703  N N   . GLY A 1 95  ? -11.686 -9.185  -1.427  1.00 14.45 ? 136 GLY A N   1 
ATOM   704  C CA  . GLY A 1 95  ? -11.685 -9.533  -0.007  1.00 14.78 ? 136 GLY A CA  1 
ATOM   705  C C   . GLY A 1 95  ? -10.549 -8.933  0.786   1.00 14.88 ? 136 GLY A C   1 
ATOM   706  O O   . GLY A 1 95  ? -9.807  -8.094  0.270   1.00 14.96 ? 136 GLY A O   1 
ATOM   707  N N   . PRO A 1 96  ? -10.419 -9.345  2.060   1.00 14.74 ? 137 PRO A N   1 
ATOM   708  C CA  . PRO A 1 96  ? -9.299  -8.908  2.897   1.00 15.19 ? 137 PRO A CA  1 
ATOM   709  C C   . PRO A 1 96  ? -7.942  -9.305  2.320   1.00 15.07 ? 137 PRO A C   1 
ATOM   710  O O   . PRO A 1 96  ? -7.800  -10.395 1.769   1.00 15.54 ? 137 PRO A O   1 
ATOM   711  C CB  . PRO A 1 96  ? -9.554  -9.624  4.224   1.00 14.86 ? 137 PRO A CB  1 
ATOM   712  C CG  . PRO A 1 96  ? -11.011 -9.839  4.255   1.00 14.76 ? 137 PRO A CG  1 
ATOM   713  C CD  . PRO A 1 96  ? -11.414 -10.103 2.839   1.00 14.88 ? 137 PRO A CD  1 
ATOM   714  N N   . GLY A 1 97  ? -6.967  -8.405  2.420   1.00 15.43 ? 138 GLY A N   1 
ATOM   715  C CA  . GLY A 1 97  ? -5.601  -8.680  1.973   1.00 15.54 ? 138 GLY A CA  1 
ATOM   716  C C   . GLY A 1 97  ? -5.293  -8.169  0.578   1.00 15.36 ? 138 GLY A C   1 
ATOM   717  O O   . GLY A 1 97  ? -4.161  -8.270  0.126   1.00 15.65 ? 138 GLY A O   1 
ATOM   718  N N   . VAL A 1 98  ? -6.295  -7.615  -0.103  1.00 15.25 ? 139 VAL A N   1 
ATOM   719  C CA  . VAL A 1 98  ? -6.098  -7.076  -1.449  1.00 14.92 ? 139 VAL A CA  1 
ATOM   720  C C   . VAL A 1 98  ? -5.254  -5.799  -1.375  1.00 14.56 ? 139 VAL A C   1 
ATOM   721  O O   . VAL A 1 98  ? -5.516  -4.936  -0.542  1.00 14.45 ? 139 VAL A O   1 
ATOM   722  C CB  . VAL A 1 98  ? -7.449  -6.787  -2.153  1.00 15.03 ? 139 VAL A CB  1 
ATOM   723  C CG1 . VAL A 1 98  ? -7.280  -5.733  -3.254  1.00 14.78 ? 139 VAL A CG1 1 
ATOM   724  C CG2 . VAL A 1 98  ? -8.073  -8.078  -2.704  1.00 14.59 ? 139 VAL A CG2 1 
ATOM   725  N N   . LEU A 1 99  ? -4.245  -5.704  -2.242  1.00 13.69 ? 140 LEU A N   1 
ATOM   726  C CA  . LEU A 1 99  ? -3.327  -4.555  -2.305  1.00 13.46 ? 140 LEU A CA  1 
ATOM   727  C C   . LEU A 1 99  ? -3.722  -3.698  -3.500  1.00 13.34 ? 140 LEU A C   1 
ATOM   728  O O   . LEU A 1 99  ? -3.772  -4.200  -4.626  1.00 13.11 ? 140 LEU A O   1 
ATOM   729  C CB  . LEU A 1 99  ? -1.886  -5.030  -2.497  1.00 12.96 ? 140 LEU A CB  1 
ATOM   730  C CG  . LEU A 1 99  ? -0.786  -3.971  -2.608  1.00 12.90 ? 140 LEU A CG  1 
ATOM   731  C CD1 . LEU A 1 99  ? -0.676  -3.155  -1.304  1.00 10.69 ? 140 LEU A CD1 1 
ATOM   732  C CD2 . LEU A 1 99  ? 0.534   -4.616  -2.968  1.00 13.09 ? 140 LEU A CD2 1 
ATOM   733  N N   . SER A 1 100 ? -3.985  -2.414  -3.271  1.00 12.98 ? 141 SER A N   1 
ATOM   734  C CA  . SER A 1 100 ? -4.534  -1.560  -4.327  1.00 12.78 ? 141 SER A CA  1 
ATOM   735  C C   . SER A 1 100 ? -4.004  -0.129  -4.227  1.00 12.99 ? 141 SER A C   1 
ATOM   736  O O   . SER A 1 100 ? -3.620  0.324   -3.141  1.00 12.46 ? 141 SER A O   1 
ATOM   737  C CB  . SER A 1 100 ? -6.066  -1.595  -4.250  1.00 12.84 ? 141 SER A CB  1 
ATOM   738  O OG  . SER A 1 100 ? -6.692  -0.814  -5.255  1.00 12.08 ? 141 SER A OG  1 
ATOM   739  N N   . MET A 1 101 ? -3.977  0.575   -5.364  1.00 12.75 ? 142 MET A N   1 
ATOM   740  C CA  . MET A 1 101 ? -3.444  1.928   -5.404  1.00 12.85 ? 142 MET A CA  1 
ATOM   741  C C   . MET A 1 101 ? -4.484  2.943   -4.944  1.00 13.05 ? 142 MET A C   1 
ATOM   742  O O   . MET A 1 101 ? -5.616  2.964   -5.440  1.00 12.98 ? 142 MET A O   1 
ATOM   743  C CB  . MET A 1 101 ? -2.939  2.285   -6.813  1.00 13.09 ? 142 MET A CB  1 
ATOM   744  C CG  . MET A 1 101 ? -1.708  1.489   -7.264  1.00 11.88 ? 142 MET A CG  1 
ATOM   745  S SD  . MET A 1 101 ? -0.262  1.766   -6.221  1.00 13.53 ? 142 MET A SD  1 
ATOM   746  C CE  . MET A 1 101 ? 0.147   3.461   -6.652  1.00 12.13 ? 142 MET A CE  1 
ATOM   747  N N   . ALA A 1 102 ? -4.096  3.778   -3.981  1.00 13.36 ? 143 ALA A N   1 
ATOM   748  C CA  . ALA A 1 102 ? -4.874  4.964   -3.653  1.00 13.52 ? 143 ALA A CA  1 
ATOM   749  C C   . ALA A 1 102 ? -4.762  5.927   -4.824  1.00 13.67 ? 143 ALA A C   1 
ATOM   750  O O   . ALA A 1 102 ? -3.822  5.846   -5.620  1.00 13.34 ? 143 ALA A O   1 
ATOM   751  C CB  . ALA A 1 102 ? -4.366  5.608   -2.393  1.00 13.65 ? 143 ALA A CB  1 
ATOM   752  N N   . ASN A 1 103 ? -5.735  6.825   -4.943  1.00 13.89 ? 144 ASN A N   1 
ATOM   753  C CA  . ASN A 1 103 ? -5.708  7.832   -5.993  1.00 14.14 ? 144 ASN A CA  1 
ATOM   754  C C   . ASN A 1 103 ? -6.595  9.013   -5.641  1.00 14.58 ? 144 ASN A C   1 
ATOM   755  O O   . ASN A 1 103 ? -7.306  8.975   -4.628  1.00 14.35 ? 144 ASN A O   1 
ATOM   756  C CB  . ASN A 1 103 ? -6.114  7.219   -7.337  1.00 14.38 ? 144 ASN A CB  1 
ATOM   757  C CG  . ASN A 1 103 ? -7.561  6.753   -7.372  1.00 13.93 ? 144 ASN A CG  1 
ATOM   758  O OD1 . ASN A 1 103 ? -8.468  7.460   -6.927  1.00 14.45 ? 144 ASN A OD1 1 
ATOM   759  N ND2 . ASN A 1 103 ? -7.786  5.557   -7.926  1.00 14.91 ? 144 ASN A ND2 1 
ATOM   760  N N   . ALA A 1 104 ? -6.522  10.062  -6.460  1.00 15.12 ? 145 ALA A N   1 
ATOM   761  C CA  . ALA A 1 104 ? -7.400  11.229  -6.343  1.00 15.62 ? 145 ALA A CA  1 
ATOM   762  C C   . ALA A 1 104 ? -8.232  11.362  -7.617  1.00 15.76 ? 145 ALA A C   1 
ATOM   763  O O   . ALA A 1 104 ? -8.419  12.466  -8.144  1.00 16.10 ? 145 ALA A O   1 
ATOM   764  C CB  . ALA A 1 104 ? -6.578  12.504  -6.087  1.00 16.54 ? 145 ALA A CB  1 
ATOM   765  N N   . GLY A 1 105 ? -8.722  10.227  -8.111  1.00 15.00 ? 146 GLY A N   1 
ATOM   766  C CA  . GLY A 1 105 ? -9.470  10.175  -9.361  1.00 15.15 ? 146 GLY A CA  1 
ATOM   767  C C   . GLY A 1 105 ? -8.719  9.412   -10.433 1.00 14.87 ? 146 GLY A C   1 
ATOM   768  O O   . GLY A 1 105 ? -7.646  8.866   -10.175 1.00 14.77 ? 146 GLY A O   1 
ATOM   769  N N   . PRO A 1 106 ? -9.277  9.361   -11.649 1.00 14.66 ? 147 PRO A N   1 
ATOM   770  C CA  . PRO A 1 106 ? -8.626  8.553   -12.670 1.00 14.62 ? 147 PRO A CA  1 
ATOM   771  C C   . PRO A 1 106 ? -7.189  8.991   -12.939 1.00 14.35 ? 147 PRO A C   1 
ATOM   772  O O   . PRO A 1 106 ? -6.892  10.184  -12.929 1.00 14.58 ? 147 PRO A O   1 
ATOM   773  C CB  . PRO A 1 106 ? -9.509  8.764   -13.901 1.00 14.44 ? 147 PRO A CB  1 
ATOM   774  C CG  . PRO A 1 106 ? -10.857 9.056   -13.334 1.00 14.66 ? 147 PRO A CG  1 
ATOM   775  C CD  . PRO A 1 106 ? -10.589 9.866   -12.100 1.00 14.95 ? 147 PRO A CD  1 
ATOM   776  N N   . ASN A 1 107 ? -6.312  8.014   -13.130 1.00 13.35 ? 148 ASN A N   1 
ATOM   777  C CA  . ASN A 1 107 ? -4.947  8.252   -13.597 1.00 13.48 ? 148 ASN A CA  1 
ATOM   778  C C   . ASN A 1 107 ? -4.129  9.191   -12.719 1.00 13.07 ? 148 ASN A C   1 
ATOM   779  O O   . ASN A 1 107 ? -3.408  10.049  -13.221 1.00 13.10 ? 148 ASN A O   1 
ATOM   780  C CB  . ASN A 1 107 ? -4.991  8.738   -15.049 1.00 13.14 ? 148 ASN A CB  1 
ATOM   781  C CG  . ASN A 1 107 ? -5.808  7.822   -15.925 1.00 12.78 ? 148 ASN A CG  1 
ATOM   782  O OD1 . ASN A 1 107 ? -5.530  6.626   -16.000 1.00 11.38 ? 148 ASN A OD1 1 
ATOM   783  N ND2 . ASN A 1 107 ? -6.840  8.365   -16.569 1.00 11.34 ? 148 ASN A ND2 1 
ATOM   784  N N   . THR A 1 108 ? -4.233  9.002   -11.402 1.00 13.68 ? 149 THR A N   1 
ATOM   785  C CA  . THR A 1 108 ? -3.471  9.796   -10.441 1.00 13.50 ? 149 THR A CA  1 
ATOM   786  C C   . THR A 1 108 ? -2.775  8.882   -9.435  1.00 13.72 ? 149 THR A C   1 
ATOM   787  O O   . THR A 1 108 ? -2.710  9.185   -8.252  1.00 13.75 ? 149 THR A O   1 
ATOM   788  C CB  . THR A 1 108 ? -4.375  10.790  -9.690  1.00 13.67 ? 149 THR A CB  1 
ATOM   789  O OG1 . THR A 1 108 ? -5.420  10.070  -9.028  1.00 13.47 ? 149 THR A OG1 1 
ATOM   790  C CG2 . THR A 1 108 ? -4.984  11.818  -10.656 1.00 12.71 ? 149 THR A CG2 1 
ATOM   791  N N   . ASN A 1 109 ? -2.265  7.756   -9.921  1.00 13.74 ? 150 ASN A N   1 
ATOM   792  C CA  . ASN A 1 109 ? -1.496  6.839   -9.089  1.00 14.01 ? 150 ASN A CA  1 
ATOM   793  C C   . ASN A 1 109 ? -0.141  7.442   -8.803  1.00 13.96 ? 150 ASN A C   1 
ATOM   794  O O   . ASN A 1 109 ? 0.504   7.952   -9.716  1.00 14.37 ? 150 ASN A O   1 
ATOM   795  C CB  . ASN A 1 109 ? -1.302  5.500   -9.801  1.00 14.03 ? 150 ASN A CB  1 
ATOM   796  C CG  . ASN A 1 109 ? -2.608  4.853   -10.167 1.00 13.48 ? 150 ASN A CG  1 
ATOM   797  O OD1 . ASN A 1 109 ? -3.319  4.343   -9.298  1.00 12.98 ? 150 ASN A OD1 1 
ATOM   798  N ND2 . ASN A 1 109 ? -2.957  4.897   -11.455 1.00 12.82 ? 150 ASN A ND2 1 
ATOM   799  N N   . GLY A 1 110 ? 0.282   7.409   -7.542  1.00 13.88 ? 151 GLY A N   1 
ATOM   800  C CA  . GLY A 1 110 ? 1.609   7.896   -7.167  1.00 13.63 ? 151 GLY A CA  1 
ATOM   801  C C   . GLY A 1 110 ? 2.369   6.815   -6.431  1.00 13.39 ? 151 GLY A C   1 
ATOM   802  O O   . GLY A 1 110 ? 2.898   5.881   -7.042  1.00 13.36 ? 151 GLY A O   1 
ATOM   803  N N   . SER A 1 111 ? 2.419   6.942   -5.111  1.00 13.20 ? 152 SER A N   1 
ATOM   804  C CA  . SER A 1 111 ? 3.002   5.911   -4.266  1.00 13.19 ? 152 SER A CA  1 
ATOM   805  C C   . SER A 1 111 ? 2.029   5.421   -3.189  1.00 13.47 ? 152 SER A C   1 
ATOM   806  O O   . SER A 1 111 ? 2.234   4.353   -2.608  1.00 13.25 ? 152 SER A O   1 
ATOM   807  C CB  . SER A 1 111 ? 4.280   6.435   -3.616  1.00 13.27 ? 152 SER A CB  1 
ATOM   808  O OG  . SER A 1 111 ? 4.035   7.644   -2.931  1.00 13.69 ? 152 SER A OG  1 
ATOM   809  N N   . GLN A 1 112 ? 0.965   6.178   -2.933  1.00 13.29 ? 153 GLN A N   1 
ATOM   810  C CA  . GLN A 1 112 ? 0.035   5.792   -1.897  1.00 13.44 ? 153 GLN A CA  1 
ATOM   811  C C   . GLN A 1 112 ? -0.688  4.524   -2.314  1.00 13.18 ? 153 GLN A C   1 
ATOM   812  O O   . GLN A 1 112 ? -1.025  4.330   -3.491  1.00 12.70 ? 153 GLN A O   1 
ATOM   813  C CB  . GLN A 1 112 ? -0.945  6.915   -1.546  1.00 13.47 ? 153 GLN A CB  1 
ATOM   814  C CG  . GLN A 1 112 ? -0.307  8.048   -0.765  1.00 13.78 ? 153 GLN A CG  1 
ATOM   815  C CD  . GLN A 1 112 ? -1.321  9.046   -0.254  1.00 15.03 ? 153 GLN A CD  1 
ATOM   816  O OE1 . GLN A 1 112 ? -2.272  8.681   0.439   1.00 15.55 ? 153 GLN A OE1 1 
ATOM   817  N NE2 . GLN A 1 112 ? -1.120  10.317  -0.585  1.00 15.49 ? 153 GLN A NE2 1 
ATOM   818  N N   . PHE A 1 113 ? -0.889  3.651   -1.333  1.00 13.31 ? 154 PHE A N   1 
ATOM   819  C CA  . PHE A 1 113 ? -1.482  2.339   -1.555  1.00 13.21 ? 154 PHE A CA  1 
ATOM   820  C C   . PHE A 1 113 ? -2.341  1.990   -0.361  1.00 13.23 ? 154 PHE A C   1 
ATOM   821  O O   . PHE A 1 113 ? -2.259  2.643   0.682   1.00 12.70 ? 154 PHE A O   1 
ATOM   822  C CB  . PHE A 1 113 ? -0.392  1.279   -1.752  1.00 13.10 ? 154 PHE A CB  1 
ATOM   823  C CG  . PHE A 1 113 ? 0.477   1.042   -0.534  1.00 13.74 ? 154 PHE A CG  1 
ATOM   824  C CD1 . PHE A 1 113 ? 0.128   0.083   0.412   1.00 13.58 ? 154 PHE A CD1 1 
ATOM   825  C CD2 . PHE A 1 113 ? 1.644   1.762   -0.340  1.00 12.83 ? 154 PHE A CD2 1 
ATOM   826  C CE1 . PHE A 1 113 ? 0.921   -0.139  1.518   1.00 13.25 ? 154 PHE A CE1 1 
ATOM   827  C CE2 . PHE A 1 113 ? 2.440   1.537   0.769   1.00 13.91 ? 154 PHE A CE2 1 
ATOM   828  C CZ  . PHE A 1 113 ? 2.075   0.581   1.696   1.00 12.61 ? 154 PHE A CZ  1 
ATOM   829  N N   . PHE A 1 114 ? -3.157  0.956   -0.506  1.00 12.96 ? 155 PHE A N   1 
ATOM   830  C CA  . PHE A 1 114 ? -3.908  0.455   0.634   1.00 13.47 ? 155 PHE A CA  1 
ATOM   831  C C   . PHE A 1 114 ? -4.054  -1.058  0.612   1.00 13.52 ? 155 PHE A C   1 
ATOM   832  O O   . PHE A 1 114 ? -3.994  -1.698  -0.452  1.00 12.93 ? 155 PHE A O   1 
ATOM   833  C CB  . PHE A 1 114 ? -5.283  1.139   0.765   1.00 13.33 ? 155 PHE A CB  1 
ATOM   834  C CG  . PHE A 1 114 ? -6.202  0.944   -0.415  1.00 13.98 ? 155 PHE A CG  1 
ATOM   835  C CD1 . PHE A 1 114 ? -6.083  1.747   -1.546  1.00 14.38 ? 155 PHE A CD1 1 
ATOM   836  C CD2 . PHE A 1 114 ? -7.229  0.004   -0.368  1.00 14.18 ? 155 PHE A CD2 1 
ATOM   837  C CE1 . PHE A 1 114 ? -6.947  1.596   -2.622  1.00 13.76 ? 155 PHE A CE1 1 
ATOM   838  C CE2 . PHE A 1 114 ? -8.096  -0.154  -1.443  1.00 14.69 ? 155 PHE A CE2 1 
ATOM   839  C CZ  . PHE A 1 114 ? -7.951  0.644   -2.573  1.00 15.34 ? 155 PHE A CZ  1 
ATOM   840  N N   . ILE A 1 115 ? -4.231  -1.609  1.806   1.00 13.58 ? 156 ILE A N   1 
ATOM   841  C CA  . ILE A 1 115 ? -4.486  -3.025  1.985   1.00 14.00 ? 156 ILE A CA  1 
ATOM   842  C C   . ILE A 1 115 ? -5.881  -3.163  2.581   1.00 14.44 ? 156 ILE A C   1 
ATOM   843  O O   . ILE A 1 115 ? -6.165  -2.626  3.650   1.00 14.21 ? 156 ILE A O   1 
ATOM   844  C CB  . ILE A 1 115 ? -3.405  -3.696  2.873   1.00 13.95 ? 156 ILE A CB  1 
ATOM   845  C CG1 . ILE A 1 115 ? -2.009  -3.483  2.262   1.00 13.88 ? 156 ILE A CG1 1 
ATOM   846  C CG2 . ILE A 1 115 ? -3.702  -5.181  3.030   1.00 13.93 ? 156 ILE A CG2 1 
ATOM   847  C CD1 . ILE A 1 115 ? -0.844  -3.891  3.167   1.00 13.37 ? 156 ILE A CD1 1 
ATOM   848  N N   . CYS A 1 116 ? -6.762  -3.862  1.866   1.00 15.12 ? 157 CYS A N   1 
ATOM   849  C CA  . CYS A 1 116 ? -8.149  -4.006  2.296   1.00 15.68 ? 157 CYS A CA  1 
ATOM   850  C C   . CYS A 1 116 ? -8.256  -4.982  3.461   1.00 16.04 ? 157 CYS A C   1 
ATOM   851  O O   . CYS A 1 116 ? -7.485  -5.943  3.552   1.00 15.50 ? 157 CYS A O   1 
ATOM   852  C CB  . CYS A 1 116 ? -9.021  -4.491  1.139   1.00 16.08 ? 157 CYS A CB  1 
ATOM   853  S SG  . CYS A 1 116 ? -8.917  -3.485  -0.341  1.00 17.40 ? 157 CYS A SG  1 
ATOM   854  N N   . THR A 1 117 ? -9.201  -4.716  4.360   1.00 16.12 ? 158 THR A N   1 
ATOM   855  C CA  . THR A 1 117 ? -9.526  -5.638  5.450   1.00 16.56 ? 158 THR A CA  1 
ATOM   856  C C   . THR A 1 117 ? -10.922 -6.233  5.291   1.00 16.91 ? 158 THR A C   1 
ATOM   857  O O   . THR A 1 117 ? -11.381 -6.984  6.150   1.00 16.88 ? 158 THR A O   1 
ATOM   858  C CB  . THR A 1 117 ? -9.434  -4.936  6.816   1.00 16.61 ? 158 THR A CB  1 
ATOM   859  O OG1 . THR A 1 117 ? -10.280 -3.782  6.815   1.00 16.28 ? 158 THR A OG1 1 
ATOM   860  C CG2 . THR A 1 117 ? -8.006  -4.518  7.093   1.00 16.44 ? 158 THR A CG2 1 
ATOM   861  N N   . ILE A 1 118 ? -11.600 -5.858  4.210   1.00 17.17 ? 159 ILE A N   1 
ATOM   862  C CA  . ILE A 1 118 ? -12.842 -6.474  3.785   1.00 17.39 ? 159 ILE A CA  1 
ATOM   863  C C   . ILE A 1 118 ? -12.873 -6.423  2.261   1.00 17.53 ? 159 ILE A C   1 
ATOM   864  O O   . ILE A 1 118 ? -11.999 -5.821  1.638   1.00 17.26 ? 159 ILE A O   1 
ATOM   865  C CB  . ILE A 1 118 ? -14.089 -5.730  4.329   1.00 17.74 ? 159 ILE A CB  1 
ATOM   866  C CG1 . ILE A 1 118 ? -14.138 -4.276  3.824   1.00 17.32 ? 159 ILE A CG1 1 
ATOM   867  C CG2 . ILE A 1 118 ? -14.123 -5.766  5.857   1.00 17.95 ? 159 ILE A CG2 1 
ATOM   868  C CD1 . ILE A 1 118 ? -15.561 -3.759  3.651   1.00 18.66 ? 159 ILE A CD1 1 
ATOM   869  N N   . LYS A 1 119 ? -13.888 -7.043  1.669   1.00 17.77 ? 160 LYS A N   1 
ATOM   870  C CA  . LYS A 1 119 ? -14.137 -6.915  0.244   1.00 17.97 ? 160 LYS A CA  1 
ATOM   871  C C   . LYS A 1 119 ? -14.625 -5.487  -0.005  1.00 18.13 ? 160 LYS A C   1 
ATOM   872  O O   . LYS A 1 119 ? -15.606 -5.055  0.596   1.00 18.03 ? 160 LYS A O   1 
ATOM   873  C CB  . LYS A 1 119 ? -15.182 -7.944  -0.187  1.00 18.19 ? 160 LYS A CB  1 
ATOM   874  C CG  . LYS A 1 119 ? -15.613 -7.883  -1.632  1.00 18.60 ? 160 LYS A CG  1 
ATOM   875  C CD  . LYS A 1 119 ? -16.724 -8.874  -1.880  0.90 19.93 ? 160 LYS A CD  1 
ATOM   876  C CE  . LYS A 1 119 ? -17.167 -8.886  -3.329  0.70 20.64 ? 160 LYS A CE  1 
ATOM   877  N NZ  . LYS A 1 119 ? -18.277 -9.863  -3.538  0.50 20.94 ? 160 LYS A NZ  1 
ATOM   878  N N   . THR A 1 120 ? -13.922 -4.744  -0.859  1.00 18.11 ? 161 THR A N   1 
ATOM   879  C CA  . THR A 1 120 ? -14.294 -3.357  -1.162  1.00 18.08 ? 161 THR A CA  1 
ATOM   880  C C   . THR A 1 120 ? -14.692 -3.258  -2.639  1.00 18.29 ? 161 THR A C   1 
ATOM   881  O O   . THR A 1 120 ? -14.050 -2.565  -3.425  1.00 17.90 ? 161 THR A O   1 
ATOM   882  C CB  . THR A 1 120 ? -13.142 -2.364  -0.832  1.00 17.97 ? 161 THR A CB  1 
ATOM   883  O OG1 . THR A 1 120 ? -12.007 -2.629  -1.663  1.00 16.85 ? 161 THR A OG1 1 
ATOM   884  C CG2 . THR A 1 120 ? -12.720 -2.483  0.633   1.00 18.71 ? 161 THR A CG2 1 
ATOM   885  N N   . ASP A 1 121 ? -15.774 -3.947  -2.996  1.00 18.39 ? 162 ASP A N   1 
ATOM   886  C CA  . ASP A 1 121 ? -16.162 -4.096  -4.405  1.00 18.45 ? 162 ASP A CA  1 
ATOM   887  C C   . ASP A 1 121 ? -16.544 -2.789  -5.102  1.00 18.13 ? 162 ASP A C   1 
ATOM   888  O O   . ASP A 1 121 ? -16.494 -2.711  -6.324  1.00 18.16 ? 162 ASP A O   1 
ATOM   889  C CB  . ASP A 1 121 ? -17.278 -5.127  -4.565  1.00 18.60 ? 162 ASP A CB  1 
ATOM   890  C CG  . ASP A 1 121 ? -18.565 -4.731  -3.858  1.00 19.71 ? 162 ASP A CG  1 
ATOM   891  O OD1 . ASP A 1 121 ? -19.553 -5.471  -4.014  1.00 21.97 ? 162 ASP A OD1 1 
ATOM   892  O OD2 . ASP A 1 121 ? -18.596 -3.701  -3.149  1.00 20.31 ? 162 ASP A OD2 1 
ATOM   893  N N   . TRP A 1 122 ? -16.908 -1.768  -4.325  1.00 17.91 ? 163 TRP A N   1 
ATOM   894  C CA  . TRP A 1 122 ? -17.235 -0.451  -4.878  1.00 17.66 ? 163 TRP A CA  1 
ATOM   895  C C   . TRP A 1 122 ? -16.012 0.295   -5.436  1.00 17.04 ? 163 TRP A C   1 
ATOM   896  O O   . TRP A 1 122 ? -16.166 1.277   -6.157  1.00 16.78 ? 163 TRP A O   1 
ATOM   897  C CB  . TRP A 1 122 ? -17.971 0.413   -3.837  1.00 17.95 ? 163 TRP A CB  1 
ATOM   898  C CG  . TRP A 1 122 ? -17.132 0.877   -2.669  1.00 18.15 ? 163 TRP A CG  1 
ATOM   899  C CD1 . TRP A 1 122 ? -16.457 2.060   -2.564  1.00 19.34 ? 163 TRP A CD1 1 
ATOM   900  C CD2 . TRP A 1 122 ? -16.916 0.183   -1.432  1.00 18.94 ? 163 TRP A CD2 1 
ATOM   901  N NE1 . TRP A 1 122 ? -15.817 2.134   -1.352  1.00 19.52 ? 163 TRP A NE1 1 
ATOM   902  C CE2 . TRP A 1 122 ? -16.083 0.996   -0.637  1.00 18.34 ? 163 TRP A CE2 1 
ATOM   903  C CE3 . TRP A 1 122 ? -17.338 -1.053  -0.923  1.00 19.48 ? 163 TRP A CE3 1 
ATOM   904  C CZ2 . TRP A 1 122 ? -15.667 0.619   0.638   1.00 19.64 ? 163 TRP A CZ2 1 
ATOM   905  C CZ3 . TRP A 1 122 ? -16.923 -1.429  0.345   1.00 19.59 ? 163 TRP A CZ3 1 
ATOM   906  C CH2 . TRP A 1 122 ? -16.093 -0.594  1.112   1.00 20.15 ? 163 TRP A CH2 1 
ATOM   907  N N   . LEU A 1 123 ? -14.805 -0.164  -5.110  1.00 16.52 ? 164 LEU A N   1 
ATOM   908  C CA  . LEU A 1 123 ? -13.585 0.431   -5.672  1.00 16.29 ? 164 LEU A CA  1 
ATOM   909  C C   . LEU A 1 123 ? -13.185 -0.201  -7.010  1.00 15.88 ? 164 LEU A C   1 
ATOM   910  O O   . LEU A 1 123 ? -12.292 0.310   -7.696  1.00 16.07 ? 164 LEU A O   1 
ATOM   911  C CB  . LEU A 1 123 ? -12.429 0.328   -4.674  1.00 16.09 ? 164 LEU A CB  1 
ATOM   912  C CG  . LEU A 1 123 ? -12.718 0.950   -3.306  1.00 15.96 ? 164 LEU A CG  1 
ATOM   913  C CD1 . LEU A 1 123 ? -11.555 0.756   -2.366  1.00 16.39 ? 164 LEU A CD1 1 
ATOM   914  C CD2 . LEU A 1 123 ? -13.060 2.423   -3.453  1.00 16.78 ? 164 LEU A CD2 1 
ATOM   915  N N   . ASP A 1 124 ? -13.850 -1.295  -7.375  1.00 15.65 ? 165 ASP A N   1 
ATOM   916  C CA  . ASP A 1 124 ? -13.614 -1.971  -8.653  1.00 15.71 ? 165 ASP A CA  1 
ATOM   917  C C   . ASP A 1 124 ? -13.837 -1.000  -9.805  1.00 15.57 ? 165 ASP A C   1 
ATOM   918  O O   . ASP A 1 124 ? -14.867 -0.327  -9.863  1.00 15.04 ? 165 ASP A O   1 
ATOM   919  C CB  . ASP A 1 124 ? -14.555 -3.167  -8.813  1.00 15.70 ? 165 ASP A CB  1 
ATOM   920  C CG  . ASP A 1 124 ? -14.165 -4.340  -7.945  1.00 16.15 ? 165 ASP A CG  1 
ATOM   921  O OD1 . ASP A 1 124 ? -13.186 -4.233  -7.183  1.00 16.96 ? 165 ASP A OD1 1 
ATOM   922  O OD2 . ASP A 1 124 ? -14.838 -5.383  -8.037  1.00 18.50 ? 165 ASP A OD2 1 
ATOM   923  N N   . GLY A 1 125 ? -12.861 -0.911  -10.703 1.00 15.39 ? 166 GLY A N   1 
ATOM   924  C CA  . GLY A 1 125 ? -12.920 0.047   -11.799 1.00 15.11 ? 166 GLY A CA  1 
ATOM   925  C C   . GLY A 1 125 ? -12.549 1.485   -11.444 1.00 15.06 ? 166 GLY A C   1 
ATOM   926  O O   . GLY A 1 125 ? -12.606 2.356   -12.307 1.00 14.68 ? 166 GLY A O   1 
ATOM   927  N N   . LYS A 1 126 ? -12.183 1.742   -10.186 1.00 15.20 ? 167 LYS A N   1 
ATOM   928  C CA  . LYS A 1 126 ? -11.741 3.069   -9.745  1.00 15.59 ? 167 LYS A CA  1 
ATOM   929  C C   . LYS A 1 126 ? -10.314 3.076   -9.192  1.00 15.35 ? 167 LYS A C   1 
ATOM   930  O O   . LYS A 1 126 ? -9.582  4.053   -9.362  1.00 15.87 ? 167 LYS A O   1 
ATOM   931  C CB  . LYS A 1 126 ? -12.701 3.619   -8.687  1.00 16.03 ? 167 LYS A CB  1 
ATOM   932  C CG  . LYS A 1 126 ? -14.125 3.729   -9.208  1.00 17.73 ? 167 LYS A CG  1 
ATOM   933  C CD  . LYS A 1 126 ? -15.013 4.614   -8.346  1.00 20.00 ? 167 LYS A CD  1 
ATOM   934  C CE  . LYS A 1 126 ? -16.456 4.547   -8.834  1.00 21.20 ? 167 LYS A CE  1 
ATOM   935  N NZ  . LYS A 1 126 ? -17.260 5.724   -8.398  1.00 23.05 ? 167 LYS A NZ  1 
ATOM   936  N N   . HIS A 1 127 ? -9.935  1.993   -8.520  1.00 14.82 ? 168 HIS A N   1 
ATOM   937  C CA  . HIS A 1 127 ? -8.585  1.817   -8.016  1.00 14.24 ? 168 HIS A CA  1 
ATOM   938  C C   . HIS A 1 127 ? -7.939  0.587   -8.638  1.00 13.55 ? 168 HIS A C   1 
ATOM   939  O O   . HIS A 1 127 ? -8.580  -0.450  -8.780  1.00 13.17 ? 168 HIS A O   1 
ATOM   940  C CB  . HIS A 1 127 ? -8.621  1.717   -6.492  1.00 14.15 ? 168 HIS A CB  1 
ATOM   941  C CG  . HIS A 1 127 ? -9.120  2.969   -5.834  1.00 15.03 ? 168 HIS A CG  1 
ATOM   942  N ND1 . HIS A 1 127 ? -8.279  3.897   -5.263  1.00 15.07 ? 168 HIS A ND1 1 
ATOM   943  C CD2 . HIS A 1 127 ? -10.374 3.463   -5.696  1.00 15.18 ? 168 HIS A CD2 1 
ATOM   944  C CE1 . HIS A 1 127 ? -8.994  4.900   -4.782  1.00 15.25 ? 168 HIS A CE1 1 
ATOM   945  N NE2 . HIS A 1 127 ? -10.268 4.661   -5.032  1.00 14.51 ? 168 HIS A NE2 1 
ATOM   946  N N   . VAL A 1 128 ? -6.673  0.724   -9.017  1.00 13.25 ? 169 VAL A N   1 
ATOM   947  C CA  . VAL A 1 128 ? -5.903  -0.383  -9.576  1.00 12.86 ? 169 VAL A CA  1 
ATOM   948  C C   . VAL A 1 128 ? -5.414  -1.325  -8.478  1.00 12.70 ? 169 VAL A C   1 
ATOM   949  O O   . VAL A 1 128 ? -4.590  -0.963  -7.618  1.00 12.93 ? 169 VAL A O   1 
ATOM   950  C CB  . VAL A 1 128 ? -4.700  0.094   -10.433 1.00 12.68 ? 169 VAL A CB  1 
ATOM   951  C CG1 . VAL A 1 128 ? -3.987  -1.105  -11.040 1.00 12.53 ? 169 VAL A CG1 1 
ATOM   952  C CG2 . VAL A 1 128 ? -5.159  1.049   -11.535 1.00 12.41 ? 169 VAL A CG2 1 
ATOM   953  N N   . VAL A 1 129 ? -5.960  -2.531  -8.507  1.00 12.32 ? 170 VAL A N   1 
ATOM   954  C CA  . VAL A 1 129 ? -5.503  -3.640  -7.672  1.00 11.99 ? 170 VAL A CA  1 
ATOM   955  C C   . VAL A 1 129 ? -4.259  -4.226  -8.328  1.00 11.78 ? 170 VAL A C   1 
ATOM   956  O O   . VAL A 1 129 ? -4.243  -4.451  -9.539  1.00 11.52 ? 170 VAL A O   1 
ATOM   957  C CB  . VAL A 1 129 ? -6.604  -4.713  -7.545  1.00 11.61 ? 170 VAL A CB  1 
ATOM   958  C CG1 . VAL A 1 129 ? -6.107  -5.925  -6.770  1.00 12.30 ? 170 VAL A CG1 1 
ATOM   959  C CG2 . VAL A 1 129 ? -7.843  -4.122  -6.885  1.00 12.64 ? 170 VAL A CG2 1 
ATOM   960  N N   . PHE A 1 130 ? -3.214  -4.472  -7.540  1.00 11.60 ? 171 PHE A N   1 
ATOM   961  C CA  . PHE A 1 130 ? -1.951  -4.961  -8.109  1.00 11.71 ? 171 PHE A CA  1 
ATOM   962  C C   . PHE A 1 130 ? -1.250  -6.037  -7.281  1.00 11.96 ? 171 PHE A C   1 
ATOM   963  O O   . PHE A 1 130 ? -0.075  -6.339  -7.519  1.00 12.18 ? 171 PHE A O   1 
ATOM   964  C CB  . PHE A 1 130 ? -1.012  -3.782  -8.399  1.00 11.32 ? 171 PHE A CB  1 
ATOM   965  C CG  . PHE A 1 130 ? -0.529  -3.052  -7.176  1.00 11.69 ? 171 PHE A CG  1 
ATOM   966  C CD1 . PHE A 1 130 ? -1.346  -2.122  -6.537  1.00 11.62 ? 171 PHE A CD1 1 
ATOM   967  C CD2 . PHE A 1 130 ? 0.755   -3.259  -6.683  1.00 11.56 ? 171 PHE A CD2 1 
ATOM   968  C CE1 . PHE A 1 130 ? -0.908  -1.440  -5.416  1.00 10.68 ? 171 PHE A CE1 1 
ATOM   969  C CE2 . PHE A 1 130 ? 1.208   -2.571  -5.566  1.00 11.42 ? 171 PHE A CE2 1 
ATOM   970  C CZ  . PHE A 1 130 ? 0.371   -1.656  -4.930  1.00 12.51 ? 171 PHE A CZ  1 
ATOM   971  N N   . GLY A 1 131 ? -1.973  -6.636  -6.336  1.00 12.60 ? 172 GLY A N   1 
ATOM   972  C CA  . GLY A 1 131 ? -1.385  -7.656  -5.467  1.00 12.92 ? 172 GLY A CA  1 
ATOM   973  C C   . GLY A 1 131 ? -2.200  -8.015  -4.240  1.00 13.45 ? 172 GLY A C   1 
ATOM   974  O O   . GLY A 1 131 ? -3.353  -7.591  -4.075  1.00 13.70 ? 172 GLY A O   1 
ATOM   975  N N   . HIS A 1 132 ? -1.586  -8.800  -3.361  1.00 13.93 ? 173 HIS A N   1 
ATOM   976  C CA  . HIS A 1 132 ? -2.249  -9.204  -2.135  1.00 14.07 ? 173 HIS A CA  1 
ATOM   977  C C   . HIS A 1 132 ? -1.250  -9.684  -1.090  1.00 13.79 ? 173 HIS A C   1 
ATOM   978  O O   . HIS A 1 132 ? -0.075  -9.943  -1.388  1.00 13.89 ? 173 HIS A O   1 
ATOM   979  C CB  . HIS A 1 132 ? -3.298  -10.289 -2.420  1.00 14.12 ? 173 HIS A CB  1 
ATOM   980  C CG  . HIS A 1 132 ? -2.708  -11.593 -2.841  1.00 14.63 ? 173 HIS A CG  1 
ATOM   981  N ND1 . HIS A 1 132 ? -2.422  -11.891 -4.155  1.00 14.07 ? 173 HIS A ND1 1 
ATOM   982  C CD2 . HIS A 1 132 ? -2.329  -12.671 -2.116  1.00 14.89 ? 173 HIS A CD2 1 
ATOM   983  C CE1 . HIS A 1 132 ? -1.901  -13.103 -4.220  1.00 15.25 ? 173 HIS A CE1 1 
ATOM   984  N NE2 . HIS A 1 132 ? -1.827  -13.594 -2.996  1.00 13.94 ? 173 HIS A NE2 1 
ATOM   985  N N   . VAL A 1 133 ? -1.740  -9.774  0.142   1.00 13.70 ? 174 VAL A N   1 
ATOM   986  C CA  . VAL A 1 133 ? -0.951  -10.203 1.275   1.00 12.98 ? 174 VAL A CA  1 
ATOM   987  C C   . VAL A 1 133 ? -0.703  -11.710 1.221   1.00 12.98 ? 174 VAL A C   1 
ATOM   988  O O   . VAL A 1 133 ? -1.640  -12.520 1.305   1.00 12.27 ? 174 VAL A O   1 
ATOM   989  C CB  . VAL A 1 133 ? -1.645  -9.834  2.616   1.00 13.36 ? 174 VAL A CB  1 
ATOM   990  C CG1 . VAL A 1 133 ? -0.807  -10.272 3.787   1.00 13.08 ? 174 VAL A CG1 1 
ATOM   991  C CG2 . VAL A 1 133 ? -1.907  -8.332  2.695   1.00 13.02 ? 174 VAL A CG2 1 
ATOM   992  N N   . ILE A 1 134 ? 0.572   -12.067 1.062   1.00 12.32 ? 175 ILE A N   1 
ATOM   993  C CA  . ILE A 1 134 ? 1.038   -13.449 1.126   1.00 12.29 ? 175 ILE A CA  1 
ATOM   994  C C   . ILE A 1 134 ? 1.173   -13.935 2.573   1.00 12.84 ? 175 ILE A C   1 
ATOM   995  O O   . ILE A 1 134 ? 0.831   -15.077 2.892   1.00 13.09 ? 175 ILE A O   1 
ATOM   996  C CB  . ILE A 1 134 ? 2.407   -13.570 0.408   1.00 12.39 ? 175 ILE A CB  1 
ATOM   997  C CG1 . ILE A 1 134 ? 2.210   -13.420 -1.107  1.00 11.72 ? 175 ILE A CG1 1 
ATOM   998  C CG2 . ILE A 1 134 ? 3.117   -14.864 0.770   1.00 11.70 ? 175 ILE A CG2 1 
ATOM   999  C CD1 . ILE A 1 134 ? 1.468   -14.560 -1.750  1.00 12.45 ? 175 ILE A CD1 1 
ATOM   1000 N N   . GLU A 1 135 ? 1.671   -13.051 3.430   1.00 13.01 ? 176 GLU A N   1 
ATOM   1001 C CA  . GLU A 1 135 ? 1.943   -13.347 4.820   1.00 13.39 ? 176 GLU A CA  1 
ATOM   1002 C C   . GLU A 1 135 ? 1.780   -12.064 5.627   1.00 13.60 ? 176 GLU A C   1 
ATOM   1003 O O   . GLU A 1 135 ? 2.043   -10.980 5.107   1.00 13.94 ? 176 GLU A O   1 
ATOM   1004 C CB  . GLU A 1 135 ? 3.381   -13.829 4.947   1.00 13.64 ? 176 GLU A CB  1 
ATOM   1005 C CG  . GLU A 1 135 ? 3.815   -14.205 6.338   1.00 14.51 ? 176 GLU A CG  1 
ATOM   1006 C CD  . GLU A 1 135 ? 5.305   -14.491 6.408   1.00 15.74 ? 176 GLU A CD  1 
ATOM   1007 O OE1 . GLU A 1 135 ? 5.803   -15.240 5.538   1.00 13.91 ? 176 GLU A OE1 1 
ATOM   1008 O OE2 . GLU A 1 135 ? 5.976   -13.962 7.330   1.00 16.55 ? 176 GLU A OE2 1 
ATOM   1009 N N   . GLY A 1 136 ? 1.373   -12.184 6.888   1.00 13.32 ? 177 GLY A N   1 
ATOM   1010 C CA  . GLY A 1 136 ? 1.340   -11.029 7.789   1.00 13.59 ? 177 GLY A CA  1 
ATOM   1011 C C   . GLY A 1 136 ? -0.002  -10.340 7.897   1.00 13.64 ? 177 GLY A C   1 
ATOM   1012 O O   . GLY A 1 136 ? -0.096  -9.200  8.362   1.00 13.06 ? 177 GLY A O   1 
ATOM   1013 N N   . MET A 1 137 ? -1.064  -11.033 7.511   1.00 13.79 ? 178 MET A N   1 
ATOM   1014 C CA  . MET A 1 137 ? -2.398  -10.492 7.706   1.00 14.10 ? 178 MET A CA  1 
ATOM   1015 C C   . MET A 1 137 ? -2.630  -10.165 9.190   1.00 13.81 ? 178 MET A C   1 
ATOM   1016 O O   . MET A 1 137 ? -3.412  -9.283  9.516   1.00 13.28 ? 178 MET A O   1 
ATOM   1017 C CB  . MET A 1 137 ? -3.449  -11.476 7.179   1.00 14.47 ? 178 MET A CB  1 
ATOM   1018 C CG  . MET A 1 137 ? -4.782  -10.837 6.840   1.00 16.58 ? 178 MET A CG  1 
ATOM   1019 S SD  . MET A 1 137 ? -4.715  -9.556  5.558   1.00 18.70 ? 178 MET A SD  1 
ATOM   1020 C CE  . MET A 1 137 ? -6.195  -8.662  6.028   1.00 19.63 ? 178 MET A CE  1 
ATOM   1021 N N   . ASP A 1 138 ? -1.936  -10.863 10.090  1.00 14.37 ? 179 ASP A N   1 
ATOM   1022 C CA  . ASP A 1 138 ? -2.012  -10.555 11.537  1.00 14.22 ? 179 ASP A CA  1 
ATOM   1023 C C   . ASP A 1 138 ? -1.500  -9.142  11.837  1.00 14.52 ? 179 ASP A C   1 
ATOM   1024 O O   . ASP A 1 138 ? -2.015  -8.461  12.729  1.00 14.51 ? 179 ASP A O   1 
ATOM   1025 C CB  . ASP A 1 138 ? -1.246  -11.596 12.366  1.00 14.25 ? 179 ASP A CB  1 
ATOM   1026 C CG  . ASP A 1 138 ? 0.244   -11.620 12.060  1.00 14.57 ? 179 ASP A CG  1 
ATOM   1027 O OD1 . ASP A 1 138 ? 0.603   -11.850 10.890  1.00 16.53 ? 179 ASP A OD1 1 
ATOM   1028 O OD2 . ASP A 1 138 ? 1.058   -11.407 12.981  1.00 15.09 ? 179 ASP A OD2 1 
ATOM   1029 N N   . VAL A 1 139 ? -0.495  -8.708  11.080  1.00 14.46 ? 180 VAL A N   1 
ATOM   1030 C CA  . VAL A 1 139 ? 0.034   -7.355  11.194  1.00 14.67 ? 180 VAL A CA  1 
ATOM   1031 C C   . VAL A 1 139 ? -0.960  -6.346  10.634  1.00 14.53 ? 180 VAL A C   1 
ATOM   1032 O O   . VAL A 1 139 ? -1.159  -5.291  11.221  1.00 14.41 ? 180 VAL A O   1 
ATOM   1033 C CB  . VAL A 1 139 ? 1.378   -7.204  10.448  1.00 14.64 ? 180 VAL A CB  1 
ATOM   1034 C CG1 . VAL A 1 139 ? 1.896   -5.775  10.559  1.00 14.63 ? 180 VAL A CG1 1 
ATOM   1035 C CG2 . VAL A 1 139 ? 2.385   -8.164  11.016  1.00 15.12 ? 180 VAL A CG2 1 
ATOM   1036 N N   . VAL A 1 140 ? -1.582  -6.682  9.503   1.00 14.72 ? 181 VAL A N   1 
ATOM   1037 C CA  . VAL A 1 140 ? -2.631  -5.844  8.911   1.00 14.45 ? 181 VAL A CA  1 
ATOM   1038 C C   . VAL A 1 140 ? -3.820  -5.658  9.882   1.00 15.09 ? 181 VAL A C   1 
ATOM   1039 O O   . VAL A 1 140 ? -4.370  -4.564  9.985   1.00 15.32 ? 181 VAL A O   1 
ATOM   1040 C CB  . VAL A 1 140 ? -3.110  -6.412  7.546   1.00 14.80 ? 181 VAL A CB  1 
ATOM   1041 C CG1 . VAL A 1 140 ? -4.290  -5.601  6.983   1.00 13.51 ? 181 VAL A CG1 1 
ATOM   1042 C CG2 . VAL A 1 140 ? -1.958  -6.439  6.536   1.00 14.19 ? 181 VAL A CG2 1 
ATOM   1043 N N   . LYS A 1 141 ? -4.202  -6.706  10.611  1.00 15.04 ? 182 LYS A N   1 
ATOM   1044 C CA  . LYS A 1 141 ? -5.302  -6.576  11.579  1.00 15.39 ? 182 LYS A CA  1 
ATOM   1045 C C   . LYS A 1 141 ? -4.916  -5.729  12.800  1.00 15.51 ? 182 LYS A C   1 
ATOM   1046 O O   . LYS A 1 141 ? -5.753  -4.989  13.326  1.00 15.85 ? 182 LYS A O   1 
ATOM   1047 C CB  . LYS A 1 141 ? -5.833  -7.944  12.022  1.00 15.30 ? 182 LYS A CB  1 
ATOM   1048 C CG  . LYS A 1 141 ? -6.392  -8.808  10.899  1.00 15.04 ? 182 LYS A CG  1 
ATOM   1049 C CD  . LYS A 1 141 ? -7.665  -8.240  10.270  1.00 13.64 ? 182 LYS A CD  1 
ATOM   1050 C CE  . LYS A 1 141 ? -8.906  -8.599  11.066  1.00 13.13 ? 182 LYS A CE  1 
ATOM   1051 N NZ  . LYS A 1 141 ? -10.129 -7.919  10.525  1.00 13.54 ? 182 LYS A NZ  1 
ATOM   1052 N N   . LYS A 1 142 ? -3.665  -5.820  13.247  1.00 15.83 ? 183 LYS A N   1 
ATOM   1053 C CA  . LYS A 1 142 ? -3.178  -4.924  14.309  1.00 16.09 ? 183 LYS A CA  1 
ATOM   1054 C C   . LYS A 1 142 ? -3.264  -3.475  13.843  1.00 16.23 ? 183 LYS A C   1 
ATOM   1055 O O   . LYS A 1 142 ? -3.826  -2.617  14.537  1.00 15.49 ? 183 LYS A O   1 
ATOM   1056 C CB  . LYS A 1 142 ? -1.732  -5.250  14.706  1.00 16.79 ? 183 LYS A CB  1 
ATOM   1057 C CG  . LYS A 1 142 ? -1.543  -6.535  15.503  1.00 17.34 ? 183 LYS A CG  1 
ATOM   1058 C CD  . LYS A 1 142 ? -2.249  -6.500  16.845  1.00 19.87 ? 183 LYS A CD  1 
ATOM   1059 C CE  . LYS A 1 142 ? -1.542  -5.613  17.852  1.00 20.82 ? 183 LYS A CE  1 
ATOM   1060 N NZ  . LYS A 1 142 ? -2.284  -5.634  19.152  1.00 21.89 ? 183 LYS A NZ  1 
ATOM   1061 N N   . ILE A 1 143 ? -2.720  -3.207  12.659  1.00 15.95 ? 184 ILE A N   1 
ATOM   1062 C CA  . ILE A 1 143 ? -2.783  -1.874  12.072  1.00 16.37 ? 184 ILE A CA  1 
ATOM   1063 C C   . ILE A 1 143 ? -4.225  -1.377  11.979  1.00 16.85 ? 184 ILE A C   1 
ATOM   1064 O O   . ILE A 1 143 ? -4.518  -0.254  12.370  1.00 16.72 ? 184 ILE A O   1 
ATOM   1065 C CB  . ILE A 1 143 ? -2.108  -1.832  10.678  1.00 16.13 ? 184 ILE A CB  1 
ATOM   1066 C CG1 . ILE A 1 143 ? -0.603  -2.066  10.814  1.00 16.40 ? 184 ILE A CG1 1 
ATOM   1067 C CG2 . ILE A 1 143 ? -2.343  -0.498  10.004  1.00 15.34 ? 184 ILE A CG2 1 
ATOM   1068 C CD1 . ILE A 1 143 ? 0.105   -2.320  9.478   1.00 14.22 ? 184 ILE A CD1 1 
ATOM   1069 N N   . GLU A 1 144 ? -5.123  -2.228  11.484  1.00 17.34 ? 185 GLU A N   1 
ATOM   1070 C CA  . GLU A 1 144 ? -6.547  -1.909  11.413  1.00 17.70 ? 185 GLU A CA  1 
ATOM   1071 C C   . GLU A 1 144 ? -7.113  -1.535  12.791  1.00 18.26 ? 185 GLU A C   1 
ATOM   1072 O O   . GLU A 1 144 ? -7.930  -0.618  12.887  1.00 18.08 ? 185 GLU A O   1 
ATOM   1073 C CB  . GLU A 1 144 ? -7.332  -3.081  10.802  1.00 17.69 ? 185 GLU A CB  1 
ATOM   1074 C CG  . GLU A 1 144 ? -8.848  -2.895  10.797  1.00 17.66 ? 185 GLU A CG  1 
ATOM   1075 C CD  . GLU A 1 144 ? -9.610  -4.119  10.329  1.00 18.01 ? 185 GLU A CD  1 
ATOM   1076 O OE1 . GLU A 1 144 ? -9.226  -5.253  10.680  1.00 17.29 ? 185 GLU A OE1 1 
ATOM   1077 O OE2 . GLU A 1 144 ? -10.626 -3.938  9.620   1.00 17.67 ? 185 GLU A OE2 1 
ATOM   1078 N N   . SER A 1 145 ? -6.647  -2.218  13.842  1.00 18.75 ? 186 SER A N   1 
ATOM   1079 C CA  . SER A 1 145 ? -7.092  -1.953  15.212  1.00 18.94 ? 186 SER A CA  1 
ATOM   1080 C C   . SER A 1 145 ? -6.688  -0.571  15.737  1.00 19.69 ? 186 SER A C   1 
ATOM   1081 O O   . SER A 1 145 ? -7.256  -0.092  16.716  1.00 19.49 ? 186 SER A O   1 
ATOM   1082 C CB  . SER A 1 145 ? -6.576  -3.033  16.172  1.00 19.06 ? 186 SER A CB  1 
ATOM   1083 O OG  . SER A 1 145 ? -5.234  -2.792  16.562  1.00 18.27 ? 186 SER A OG  1 
ATOM   1084 N N   . PHE A 1 146 ? -5.697  0.060   15.109  1.00 20.22 ? 187 PHE A N   1 
ATOM   1085 C CA  . PHE A 1 146 ? -5.237  1.382   15.546  1.00 20.58 ? 187 PHE A CA  1 
ATOM   1086 C C   . PHE A 1 146 ? -5.833  2.522   14.726  1.00 20.33 ? 187 PHE A C   1 
ATOM   1087 O O   . PHE A 1 146 ? -5.443  3.676   14.899  1.00 21.10 ? 187 PHE A O   1 
ATOM   1088 C CB  . PHE A 1 146 ? -3.713  1.460   15.490  1.00 20.71 ? 187 PHE A CB  1 
ATOM   1089 C CG  . PHE A 1 146 ? -3.016  0.309   16.163  1.00 22.43 ? 187 PHE A CG  1 
ATOM   1090 C CD1 . PHE A 1 146 ? -3.514  -0.251  17.333  1.00 23.24 ? 187 PHE A CD1 1 
ATOM   1091 C CD2 . PHE A 1 146 ? -1.842  -0.204  15.626  1.00 23.60 ? 187 PHE A CD2 1 
ATOM   1092 C CE1 . PHE A 1 146 ? -2.860  -1.308  17.944  1.00 24.48 ? 187 PHE A CE1 1 
ATOM   1093 C CE2 . PHE A 1 146 ? -1.184  -1.261  16.237  1.00 24.13 ? 187 PHE A CE2 1 
ATOM   1094 C CZ  . PHE A 1 146 ? -1.691  -1.811  17.393  1.00 23.87 ? 187 PHE A CZ  1 
ATOM   1095 N N   . GLY A 1 147 ? -6.767  2.203   13.839  1.00 20.14 ? 188 GLY A N   1 
ATOM   1096 C CA  . GLY A 1 147 ? -7.445  3.204   13.040  1.00 19.99 ? 188 GLY A CA  1 
ATOM   1097 C C   . GLY A 1 147 ? -8.656  3.772   13.749  1.00 19.79 ? 188 GLY A C   1 
ATOM   1098 O O   . GLY A 1 147 ? -8.888  3.503   14.925  1.00 19.86 ? 188 GLY A O   1 
ATOM   1099 N N   . SER A 1 148 ? -9.421  4.570   13.013  1.00 20.10 ? 189 SER A N   1 
ATOM   1100 C CA  . SER A 1 148 ? -10.680 5.132   13.495  1.00 20.15 ? 189 SER A CA  1 
ATOM   1101 C C   . SER A 1 148 ? -11.604 5.370   12.310  1.00 20.56 ? 189 SER A C   1 
ATOM   1102 O O   . SER A 1 148 ? -11.180 5.284   11.158  1.00 19.90 ? 189 SER A O   1 
ATOM   1103 C CB  . SER A 1 148 ? -10.434 6.434   14.265  1.00 20.24 ? 189 SER A CB  1 
ATOM   1104 O OG  . SER A 1 148 ? -9.855  7.435   13.446  1.00 19.72 ? 189 SER A OG  1 
ATOM   1105 N N   . LYS A 1 149 ? -12.867 5.667   12.588  1.00 21.22 ? 190 LYS A N   1 
ATOM   1106 C CA  . LYS A 1 149 ? -13.826 5.947   11.523  1.00 21.78 ? 190 LYS A CA  1 
ATOM   1107 C C   . LYS A 1 149 ? -13.368 7.082   10.604  1.00 21.60 ? 190 LYS A C   1 
ATOM   1108 O O   . LYS A 1 149 ? -13.516 6.985   9.385   1.00 21.83 ? 190 LYS A O   1 
ATOM   1109 C CB  . LYS A 1 149 ? -15.213 6.242   12.102  1.00 22.33 ? 190 LYS A CB  1 
ATOM   1110 C CG  . LYS A 1 149 ? -15.948 4.990   12.560  1.00 23.58 ? 190 LYS A CG  1 
ATOM   1111 C CD  . LYS A 1 149 ? -17.385 5.270   12.951  1.00 25.69 ? 190 LYS A CD  1 
ATOM   1112 C CE  . LYS A 1 149 ? -17.496 6.274   14.091  1.00 26.72 ? 190 LYS A CE  1 
ATOM   1113 N NZ  . LYS A 1 149 ? -17.383 5.645   15.435  1.00 28.70 ? 190 LYS A NZ  1 
ATOM   1114 N N   . SER A 1 150 ? -12.787 8.138   11.179  1.00 21.52 ? 191 SER A N   1 
ATOM   1115 C CA  . SER A 1 150 ? -12.268 9.259   10.383  1.00 21.19 ? 191 SER A CA  1 
ATOM   1116 C C   . SER A 1 150 ? -10.986 8.913   9.613   1.00 20.67 ? 191 SER A C   1 
ATOM   1117 O O   . SER A 1 150 ? -10.541 9.692   8.766   1.00 19.99 ? 191 SER A O   1 
ATOM   1118 C CB  . SER A 1 150 ? -11.992 10.488  11.262  1.00 21.43 ? 191 SER A CB  1 
ATOM   1119 O OG  . SER A 1 150 ? -10.678 10.457  11.810  1.00 22.01 ? 191 SER A OG  1 
ATOM   1120 N N   . GLY A 1 151 ? -10.388 7.762   9.920   1.00 20.13 ? 192 GLY A N   1 
ATOM   1121 C CA  . GLY A 1 151 ? -9.138  7.351   9.294   1.00 19.71 ? 192 GLY A CA  1 
ATOM   1122 C C   . GLY A 1 151 ? -7.936  7.720   10.143  1.00 19.52 ? 192 GLY A C   1 
ATOM   1123 O O   . GLY A 1 151 ? -6.831  7.238   9.901   1.00 19.27 ? 192 GLY A O   1 
ATOM   1124 N N   . ARG A 1 152 ? -8.152  8.572   11.145  1.00 19.22 ? 193 ARG A N   1 
ATOM   1125 C CA  . ARG A 1 152 ? -7.083  9.030   12.026  1.00 19.13 ? 193 ARG A CA  1 
ATOM   1126 C C   . ARG A 1 152 ? -6.570  7.879   12.875  1.00 19.05 ? 193 ARG A C   1 
ATOM   1127 O O   . ARG A 1 152 ? -7.359  7.210   13.541  1.00 18.66 ? 193 ARG A O   1 
ATOM   1128 C CB  . ARG A 1 152 ? -7.599  10.142  12.952  1.00 19.21 ? 193 ARG A CB  1 
ATOM   1129 C CG  . ARG A 1 152 ? -6.602  10.593  14.001  1.00 19.83 ? 193 ARG A CG  1 
ATOM   1130 N N   . THR A 1 153 ? -5.254  7.661   12.855  1.00 18.96 ? 194 THR A N   1 
ATOM   1131 C CA  . THR A 1 153 ? -4.645  6.559   13.595  1.00 18.84 ? 194 THR A CA  1 
ATOM   1132 C C   . THR A 1 153 ? -4.376  6.972   15.031  1.00 19.18 ? 194 THR A C   1 
ATOM   1133 O O   . THR A 1 153 ? -4.010  8.118   15.293  1.00 19.02 ? 194 THR A O   1 
ATOM   1134 C CB  . THR A 1 153 ? -3.305  6.107   12.990  1.00 18.73 ? 194 THR A CB  1 
ATOM   1135 O OG1 . THR A 1 153 ? -2.384  7.208   12.960  1.00 17.60 ? 194 THR A OG1 1 
ATOM   1136 C CG2 . THR A 1 153 ? -3.498  5.540   11.584  1.00 18.68 ? 194 THR A CG2 1 
ATOM   1137 N N   . SER A 1 154 ? -4.521  6.014   15.939  1.00 19.49 ? 195 SER A N   1 
ATOM   1138 C CA  . SER A 1 154 ? -4.327  6.239   17.373  1.00 19.72 ? 195 SER A CA  1 
ATOM   1139 C C   . SER A 1 154 ? -2.923  5.825   17.813  1.00 19.76 ? 195 SER A C   1 
ATOM   1140 O O   . SER A 1 154 ? -2.572  5.943   18.991  1.00 19.72 ? 195 SER A O   1 
ATOM   1141 C CB  . SER A 1 154 ? -5.385  5.470   18.169  1.00 20.02 ? 195 SER A CB  1 
ATOM   1142 O OG  . SER A 1 154 ? -5.282  4.074   17.937  1.00 19.83 ? 195 SER A OG  1 
ATOM   1143 N N   . LYS A 1 155 ? -2.131  5.332   16.860  1.00 19.42 ? 196 LYS A N   1 
ATOM   1144 C CA  . LYS A 1 155 ? -0.744  4.975   17.082  1.00 19.07 ? 196 LYS A CA  1 
ATOM   1145 C C   . LYS A 1 155 ? 0.070   5.447   15.882  1.00 18.89 ? 196 LYS A C   1 
ATOM   1146 O O   . LYS A 1 155 ? -0.463  5.558   14.777  1.00 19.04 ? 196 LYS A O   1 
ATOM   1147 C CB  . LYS A 1 155 ? -0.603  3.461   17.239  1.00 19.03 ? 196 LYS A CB  1 
ATOM   1148 C CG  . LYS A 1 155 ? -1.220  2.904   18.510  1.00 19.27 ? 196 LYS A CG  1 
ATOM   1149 C CD  . LYS A 1 155 ? -0.679  1.519   18.851  1.00 19.88 ? 196 LYS A CD  1 
ATOM   1150 C CE  . LYS A 1 155 ? -1.136  1.079   20.240  1.00 21.05 ? 196 LYS A CE  1 
ATOM   1151 N NZ  . LYS A 1 155 ? -0.506  -0.196  20.687  1.00 22.29 ? 196 LYS A NZ  1 
ATOM   1152 N N   . LYS A 1 156 ? 1.356   5.710   16.103  1.00 18.52 ? 197 LYS A N   1 
ATOM   1153 C CA  . LYS A 1 156 ? 2.262   6.106   15.021  1.00 18.66 ? 197 LYS A CA  1 
ATOM   1154 C C   . LYS A 1 156 ? 2.719   4.854   14.271  1.00 17.94 ? 197 LYS A C   1 
ATOM   1155 O O   . LYS A 1 156 ? 3.558   4.104   14.771  1.00 18.66 ? 197 LYS A O   1 
ATOM   1156 C CB  . LYS A 1 156 ? 3.467   6.879   15.563  1.00 18.57 ? 197 LYS A CB  1 
ATOM   1157 C CG  . LYS A 1 156 ? 4.303   7.538   14.479  1.00 20.04 ? 197 LYS A CG  1 
ATOM   1158 C CD  . LYS A 1 156 ? 5.535   8.222   15.052  0.70 20.20 ? 197 LYS A CD  1 
ATOM   1159 C CE  . LYS A 1 156 ? 6.133   9.223   14.070  0.50 20.50 ? 197 LYS A CE  1 
ATOM   1160 N NZ  . LYS A 1 156 ? 6.919   10.286  14.763  0.40 20.03 ? 197 LYS A NZ  1 
ATOM   1161 N N   . ILE A 1 157 ? 2.157   4.634   13.084  1.00 17.17 ? 198 ILE A N   1 
ATOM   1162 C CA  . ILE A 1 157 ? 2.381   3.401   12.326  1.00 16.98 ? 198 ILE A CA  1 
ATOM   1163 C C   . ILE A 1 157 ? 3.387   3.664   11.198  1.00 16.16 ? 198 ILE A C   1 
ATOM   1164 O O   . ILE A 1 157 ? 3.063   4.307   10.208  1.00 15.94 ? 198 ILE A O   1 
ATOM   1165 C CB  . ILE A 1 157 ? 1.054   2.823   11.765  1.00 16.73 ? 198 ILE A CB  1 
ATOM   1166 C CG1 . ILE A 1 157 ? -0.013  2.737   12.853  1.00 17.53 ? 198 ILE A CG1 1 
ATOM   1167 C CG2 . ILE A 1 157 ? 1.259   1.439   11.198  1.00 16.46 ? 198 ILE A CG2 1 
ATOM   1168 C CD1 . ILE A 1 157 ? -1.416  2.582   12.311  1.00 18.26 ? 198 ILE A CD1 1 
ATOM   1169 N N   . VAL A 1 158 ? 4.610   3.171   11.372  1.00 16.10 ? 199 VAL A N   1 
ATOM   1170 C CA  . VAL A 1 158 ? 5.709   3.469   10.465  1.00 15.88 ? 199 VAL A CA  1 
ATOM   1171 C C   . VAL A 1 158 ? 6.252   2.205   9.778   1.00 16.34 ? 199 VAL A C   1 
ATOM   1172 O O   . VAL A 1 158 ? 6.481   1.178   10.427  1.00 16.37 ? 199 VAL A O   1 
ATOM   1173 C CB  . VAL A 1 158 ? 6.849   4.168   11.237  1.00 16.24 ? 199 VAL A CB  1 
ATOM   1174 C CG1 . VAL A 1 158 ? 8.037   4.474   10.324  1.00 15.54 ? 199 VAL A CG1 1 
ATOM   1175 C CG2 . VAL A 1 158 ? 6.327   5.444   11.892  1.00 15.49 ? 199 VAL A CG2 1 
ATOM   1176 N N   . ILE A 1 159 ? 6.439   2.290   8.460   1.00 16.30 ? 200 ILE A N   1 
ATOM   1177 C CA  . ILE A 1 159 ? 7.148   1.265   7.701   1.00 16.19 ? 200 ILE A CA  1 
ATOM   1178 C C   . ILE A 1 159 ? 8.639   1.501   7.945   1.00 16.62 ? 200 ILE A C   1 
ATOM   1179 O O   . ILE A 1 159 ? 9.262   2.332   7.275   1.00 16.81 ? 200 ILE A O   1 
ATOM   1180 C CB  . ILE A 1 159 ? 6.858   1.358   6.186   1.00 16.09 ? 200 ILE A CB  1 
ATOM   1181 C CG1 . ILE A 1 159 ? 5.373   1.153   5.895   1.00 15.74 ? 200 ILE A CG1 1 
ATOM   1182 C CG2 . ILE A 1 159 ? 7.664   0.328   5.426   1.00 15.48 ? 200 ILE A CG2 1 
ATOM   1183 C CD1 . ILE A 1 159 ? 4.968   1.543   4.474   1.00 13.96 ? 200 ILE A CD1 1 
ATOM   1184 N N   . THR A 1 160 ? 9.201   0.812   8.934   1.00 16.79 ? 201 THR A N   1 
ATOM   1185 C CA  . THR A 1 160 ? 10.592  1.064   9.320   1.00 16.86 ? 201 THR A CA  1 
ATOM   1186 C C   . THR A 1 160 ? 11.568  0.541   8.276   1.00 16.72 ? 201 THR A C   1 
ATOM   1187 O O   . THR A 1 160 ? 12.631  1.139   8.064   1.00 17.12 ? 201 THR A O   1 
ATOM   1188 C CB  . THR A 1 160 ? 10.945  0.448   10.688  1.00 16.91 ? 201 THR A CB  1 
ATOM   1189 O OG1 . THR A 1 160 ? 10.939  -0.984  10.597  1.00 17.93 ? 201 THR A OG1 1 
ATOM   1190 C CG2 . THR A 1 160 ? 9.962   0.909   11.752  1.00 16.49 ? 201 THR A CG2 1 
ATOM   1191 N N   . ASP A 1 161 ? 11.209  -0.579  7.638   1.00 16.23 ? 202 ASP A N   1 
ATOM   1192 C CA  . ASP A 1 161 ? 12.035  -1.203  6.612   1.00 15.65 ? 202 ASP A CA  1 
ATOM   1193 C C   . ASP A 1 161 ? 11.154  -1.829  5.525   1.00 15.07 ? 202 ASP A C   1 
ATOM   1194 O O   . ASP A 1 161 ? 10.017  -2.252  5.778   1.00 14.47 ? 202 ASP A O   1 
ATOM   1195 C CB  . ASP A 1 161 ? 12.925  -2.313  7.214   1.00 16.08 ? 202 ASP A CB  1 
ATOM   1196 C CG  . ASP A 1 161 ? 13.778  -1.838  8.376   1.00 16.52 ? 202 ASP A CG  1 
ATOM   1197 O OD1 . ASP A 1 161 ? 14.964  -1.490  8.155   1.00 17.13 ? 202 ASP A OD1 1 
ATOM   1198 O OD2 . ASP A 1 161 ? 13.269  -1.827  9.518   1.00 17.49 ? 202 ASP A OD2 1 
ATOM   1199 N N   . CYS A 1 162 ? 11.702  -1.910  4.321   1.00 14.33 ? 203 CYS A N   1 
ATOM   1200 C CA  . CYS A 1 162 ? 11.017  -2.568  3.201   1.00 13.93 ? 203 CYS A CA  1 
ATOM   1201 C C   . CYS A 1 162 ? 12.017  -2.963  2.122   1.00 13.97 ? 203 CYS A C   1 
ATOM   1202 O O   . CYS A 1 162 ? 13.189  -2.585  2.178   1.00 13.91 ? 203 CYS A O   1 
ATOM   1203 C CB  . CYS A 1 162 ? 9.931   -1.648  2.622   1.00 14.18 ? 203 CYS A CB  1 
ATOM   1204 S SG  . CYS A 1 162 ? 10.469  0.051   2.357   1.00 13.73 ? 203 CYS A SG  1 
ATOM   1205 N N   . GLY A 1 163 ? 11.562  -3.747  1.150   1.00 13.76 ? 204 GLY A N   1 
ATOM   1206 C CA  . GLY A 1 163 ? 12.442  -4.240  0.100   1.00 13.86 ? 204 GLY A CA  1 
ATOM   1207 C C   . GLY A 1 163 ? 11.854  -5.413  -0.655  1.00 13.58 ? 204 GLY A C   1 
ATOM   1208 O O   . GLY A 1 163 ? 10.698  -5.776  -0.448  1.00 13.72 ? 204 GLY A O   1 
ATOM   1209 N N   . GLN A 1 164 ? 12.674  -6.020  -1.507  1.00 13.60 ? 205 GLN A N   1 
ATOM   1210 C CA  . GLN A 1 164 ? 12.236  -7.119  -2.366  1.00 13.46 ? 205 GLN A CA  1 
ATOM   1211 C C   . GLN A 1 164 ? 12.798  -8.450  -1.885  1.00 13.88 ? 205 GLN A C   1 
ATOM   1212 O O   . GLN A 1 164 ? 13.998  -8.569  -1.605  1.00 13.91 ? 205 GLN A O   1 
ATOM   1213 C CB  . GLN A 1 164 ? 12.666  -6.877  -3.808  1.00 13.22 ? 205 GLN A CB  1 
ATOM   1214 C CG  . GLN A 1 164 ? 12.226  -7.984  -4.782  1.00 12.68 ? 205 GLN A CG  1 
ATOM   1215 C CD  . GLN A 1 164 ? 12.508  -7.624  -6.230  1.00 13.55 ? 205 GLN A CD  1 
ATOM   1216 O OE1 . GLN A 1 164 ? 13.327  -6.753  -6.506  1.00 12.54 ? 205 GLN A OE1 1 
ATOM   1217 N NE2 . GLN A 1 164 ? 11.825  -8.290  -7.160  1.00 12.32 ? 205 GLN A NE2 1 
ATOM   1218 N N   . LEU A 1 165 ? 11.920  -9.447  -1.796  1.00 14.19 ? 206 LEU A N   1 
ATOM   1219 C CA  . LEU A 1 165 ? 12.310  -10.800 -1.391  1.00 14.15 ? 206 LEU A CA  1 
ATOM   1220 C C   . LEU A 1 165 ? 12.673  -11.668 -2.604  1.00 14.23 ? 206 LEU A C   1 
ATOM   1221 O O   . LEU A 1 165 ? 13.575  -12.495 -2.533  1.00 14.63 ? 206 LEU A O   1 
ATOM   1222 C CB  . LEU A 1 165 ? 11.188  -11.453 -0.580  1.00 13.75 ? 206 LEU A CB  1 
ATOM   1223 C CG  . LEU A 1 165 ? 10.893  -10.821 0.788   1.00 13.86 ? 206 LEU A CG  1 
ATOM   1224 C CD1 . LEU A 1 165 ? 9.791   -11.581 1.509   1.00 13.74 ? 206 LEU A CD1 1 
ATOM   1225 C CD2 . LEU A 1 165 ? 12.142  -10.759 1.657   1.00 14.19 ? 206 LEU A CD2 1 
ATOM   1226 N N   . SER A 1 166 ? 11.958  -11.475 -3.707  1.00 14.72 ? 207 SER A N   1 
ATOM   1227 C CA  . SER A 1 166 ? 12.229  -12.185 -4.964  1.00 14.59 ? 207 SER A CA  1 
ATOM   1228 C C   . SER A 1 166 ? 11.574  -11.465 -6.135  1.00 14.70 ? 207 SER A C   1 
ATOM   1229 O O   . SER A 1 166 ? 11.821  -11.780 -7.312  1.00 14.30 ? 207 SER A O   1 
ATOM   1230 C CB  . SER A 1 166 ? 11.721  -13.627 -4.898  1.00 14.61 ? 207 SER A CB  1 
ATOM   1231 O OG  . SER A 1 166 ? 10.322  -13.685 -4.632  1.00 14.32 ? 207 SER A OG  1 
ATOM   1232 O OXT . SER A 1 166 ? 10.773  -10.558 -5.917  1.00 14.20 ? 207 SER A OXT 1 
HETATM 1233 C C   . EA4 B 2 .   ? -8.397  6.671   -1.265  0.80 18.30 ? 1   EA4 A C   1 
HETATM 1234 N N   . EA4 B 2 .   ? -8.031  9.059   -1.548  0.80 18.25 ? 1   EA4 A N   1 
HETATM 1235 O O   . EA4 B 2 .   ? -7.549  6.521   -2.151  0.80 18.10 ? 1   EA4 A O   1 
HETATM 1236 C CA  . EA4 B 2 .   ? -8.780  8.068   -0.776  0.80 18.34 ? 1   EA4 A CA  1 
HETATM 1237 C CAA . EA4 B 2 .   ? -9.446  3.332   -0.355  0.80 16.86 ? 1   EA4 A CAA 1 
HETATM 1238 N NAB . EA4 B 2 .   ? -1.321  9.687   -5.531  0.80 16.85 ? 1   EA4 A NAB 1 
HETATM 1239 O OAC . EA4 B 2 .   ? -6.453  9.350   0.019   0.80 18.73 ? 1   EA4 A OAC 1 
HETATM 1240 C CAE . EA4 B 2 .   ? -3.038  9.123   -4.041  0.80 15.97 ? 1   EA4 A CAE 1 
HETATM 1241 C CAF . EA4 B 2 .   ? -2.304  11.408  -4.234  0.80 16.25 ? 1   EA4 A CAF 1 
HETATM 1242 C CAG . EA4 B 2 .   ? -3.966  9.497   -3.084  0.80 16.82 ? 1   EA4 A CAG 1 
HETATM 1243 C CAH . EA4 B 2 .   ? -3.245  11.794  -3.281  0.80 16.29 ? 1   EA4 A CAH 1 
HETATM 1244 C CAI . EA4 B 2 .   ? -8.433  4.341   -0.894  0.80 17.64 ? 1   EA4 A CAI 1 
HETATM 1245 C CAK . EA4 B 2 .   ? -5.110  11.224  -1.641  0.80 17.91 ? 1   EA4 A CAK 1 
HETATM 1246 N NAM . EA4 B 2 .   ? -6.353  10.505  -1.929  0.80 18.18 ? 1   EA4 A NAM 1 
HETATM 1247 O OAN . EA4 B 2 .   ? -9.050  5.618   -0.701  0.80 18.40 ? 1   EA4 A OAN 1 
HETATM 1248 C CAO . EA4 B 2 .   ? -6.917  9.623   -1.095  0.80 18.49 ? 1   EA4 A CAO 1 
HETATM 1249 C CAQ . EA4 B 2 .   ? -2.204  10.072  -4.615  0.80 16.45 ? 1   EA4 A CAQ 1 
HETATM 1250 C CAR . EA4 B 2 .   ? -4.072  10.832  -2.697  0.80 16.74 ? 1   EA4 A CAR 1 
HETATM 1251 O O   . HOH C 3 .   ? 11.743  -3.626  13.271  1.00 37.11 ? 2   HOH A O   1 
HETATM 1252 O O   . HOH C 3 .   ? -1.078  -7.840  20.338  0.70 27.26 ? 3   HOH A O   1 
HETATM 1253 O O   . HOH C 3 .   ? 2.593   -7.644  18.067  1.00 31.37 ? 4   HOH A O   1 
HETATM 1254 O O   . HOH C 3 .   ? 9.164   -7.472  19.287  1.00 21.27 ? 5   HOH A O   1 
HETATM 1255 O O   . HOH C 3 .   ? 8.960   -8.319  14.794  1.00 25.77 ? 6   HOH A O   1 
HETATM 1256 O O   . HOH C 3 .   ? 14.395  -5.406  7.748   1.00 29.09 ? 7   HOH A O   1 
HETATM 1257 O O   . HOH C 3 .   ? 10.037  -6.981  12.607  1.00 28.44 ? 8   HOH A O   1 
HETATM 1258 O O   . HOH C 3 .   ? 7.532   -11.053 13.316  1.00 24.68 ? 10  HOH A O   1 
HETATM 1259 O O   . HOH C 3 .   ? 9.383   -2.767  12.385  1.00 22.60 ? 11  HOH A O   1 
HETATM 1260 O O   . HOH C 3 .   ? 8.915   3.485   13.966  1.00 23.97 ? 12  HOH A O   1 
HETATM 1261 O O   . HOH C 3 .   ? 6.056   -7.396  -18.279 1.00 23.62 ? 13  HOH A O   1 
HETATM 1262 O O   . HOH C 3 .   ? 1.094   7.752   19.069  1.00 22.48 ? 14  HOH A O   1 
HETATM 1263 O O   . HOH C 3 .   ? 7.321   -7.396  -15.252 1.00 22.43 ? 17  HOH A O   1 
HETATM 1264 O O   . HOH C 3 .   ? 6.731   -2.677  -17.154 0.50 26.53 ? 18  HOH A O   1 
HETATM 1265 O O   . HOH C 3 .   ? 12.841  -14.240 -8.356  1.00 23.43 ? 19  HOH A O   1 
HETATM 1266 O O   . HOH C 3 .   ? 7.654   6.328   18.018  1.00 31.87 ? 20  HOH A O   1 
HETATM 1267 O O   . HOH C 3 .   ? 10.058  -7.815  -11.847 1.00 20.43 ? 22  HOH A O   1 
HETATM 1268 O O   . HOH C 3 .   ? 10.780  -3.039  -15.182 1.00 40.82 ? 23  HOH A O   1 
HETATM 1269 O O   . HOH C 3 .   ? 11.462  -6.811  -13.900 1.00 17.22 ? 24  HOH A O   1 
HETATM 1270 O O   . HOH C 3 .   ? -13.375 -1.336  -14.812 1.00 49.02 ? 25  HOH A O   1 
HETATM 1271 O O   . HOH C 3 .   ? 7.346   -7.860  17.151  1.00 32.31 ? 27  HOH A O   1 
HETATM 1272 O O   . HOH C 3 .   ? 8.224   -5.073  12.520  1.00 15.98 ? 28  HOH A O   1 
HETATM 1273 O O   . HOH C 3 .   ? 17.911  -0.116  -12.934 1.00 29.20 ? 29  HOH A O   1 
HETATM 1274 O O   . HOH C 3 .   ? 10.332  -12.798 4.802   1.00 22.33 ? 30  HOH A O   1 
HETATM 1275 O O   . HOH C 3 .   ? 5.640   -10.959 11.156  1.00 17.43 ? 31  HOH A O   1 
HETATM 1276 O O   . HOH C 3 .   ? -6.656  11.833  10.296  1.00 22.34 ? 32  HOH A O   1 
HETATM 1277 O O   . HOH C 3 .   ? 9.253   7.447   12.893  1.00 32.78 ? 33  HOH A O   1 
HETATM 1278 O O   . HOH C 3 .   ? -0.298  -11.480 -18.705 0.30 20.09 ? 34  HOH A O   1 
HETATM 1279 O O   . HOH C 3 .   ? -2.865  -6.991  -18.150 1.00 24.89 ? 36  HOH A O   1 
HETATM 1280 O O   . HOH C 3 .   ? -1.983  19.169  6.759   1.00 21.36 ? 37  HOH A O   1 
HETATM 1281 O O   . HOH C 3 .   ? -12.483 -13.710 -7.535  1.00 25.19 ? 38  HOH A O   1 
HETATM 1282 O O   . HOH C 3 .   ? 6.695   -5.580  -13.634 1.00 14.17 ? 39  HOH A O   1 
HETATM 1283 O O   . HOH C 3 .   ? 5.104   -2.908  -19.202 1.00 18.15 ? 40  HOH A O   1 
HETATM 1284 O O   . HOH C 3 .   ? 2.519   0.974   -7.658  1.00 11.06 ? 41  HOH A O   1 
HETATM 1285 O O   . HOH C 3 .   ? -4.962  -11.607 13.358  1.00 25.24 ? 208 HOH A O   1 
HETATM 1286 O O   . HOH C 3 .   ? 8.624   -10.149 -12.314 1.00 18.26 ? 209 HOH A O   1 
HETATM 1287 O O   . HOH C 3 .   ? 3.588   -10.730 13.076  1.00 25.63 ? 210 HOH A O   1 
HETATM 1288 O O   . HOH C 3 .   ? -1.996  1.795   -12.407 1.00 16.40 ? 211 HOH A O   1 
HETATM 1289 O O   . HOH C 3 .   ? 7.383   -1.982  -20.646 1.00 45.82 ? 212 HOH A O   1 
HETATM 1290 O O   . HOH C 3 .   ? 12.353  -4.518  -12.787 1.00 30.26 ? 213 HOH A O   1 
HETATM 1291 O O   . HOH C 3 .   ? 8.406   -5.597  -11.357 1.00 13.48 ? 214 HOH A O   1 
HETATM 1292 O O   . HOH C 3 .   ? 10.376  -2.562  21.091  0.50 25.51 ? 215 HOH A O   1 
HETATM 1293 O O   . HOH C 3 .   ? 12.456  0.685   -13.059 1.00 23.90 ? 216 HOH A O   1 
HETATM 1294 O O   . HOH C 3 .   ? -1.023  -0.226  -19.622 1.00 20.66 ? 217 HOH A O   1 
HETATM 1295 O O   . HOH C 3 .   ? -12.382 -11.400 -9.070  1.00 17.24 ? 218 HOH A O   1 
HETATM 1296 O O   . HOH C 3 .   ? -16.019 1.625   -11.703 0.40 14.32 ? 219 HOH A O   1 
HETATM 1297 O O   . HOH C 3 .   ? 10.507  10.665  -12.669 1.00 29.44 ? 220 HOH A O   1 
HETATM 1298 O O   . HOH C 3 .   ? 3.067   -1.037  20.149  1.00 44.70 ? 221 HOH A O   1 
HETATM 1299 O O   . HOH C 3 .   ? 1.879   -8.107  15.673  1.00 17.91 ? 222 HOH A O   1 
HETATM 1300 O O   . HOH C 3 .   ? 12.057  0.907   15.126  1.00 22.74 ? 223 HOH A O   1 
HETATM 1301 O O   . HOH C 3 .   ? 12.343  2.388   0.518   1.00 17.31 ? 224 HOH A O   1 
HETATM 1302 O O   . HOH C 3 .   ? 6.026   -5.334  21.528  0.50 31.59 ? 225 HOH A O   1 
HETATM 1303 O O   . HOH C 3 .   ? 14.270  0.304   1.309   1.00 12.82 ? 226 HOH A O   1 
HETATM 1304 O O   . HOH C 3 .   ? -18.422 -5.781  1.142   1.00 39.34 ? 227 HOH A O   1 
HETATM 1305 O O   . HOH C 3 .   ? -9.918  11.410  -3.420  1.00 31.49 ? 228 HOH A O   1 
HETATM 1306 O O   . HOH C 3 .   ? 18.570  1.081   -2.769  1.00 25.28 ? 229 HOH A O   1 
HETATM 1307 O O   . HOH C 3 .   ? 4.020   18.430  4.471   1.00 38.94 ? 230 HOH A O   1 
HETATM 1308 O O   . HOH C 3 .   ? -10.656 9.450   -17.342 1.00 30.07 ? 231 HOH A O   1 
HETATM 1309 O O   . HOH C 3 .   ? 10.363  -15.158 -9.122  1.00 20.43 ? 232 HOH A O   1 
HETATM 1310 O O   . HOH C 3 .   ? 9.331   -5.527  20.684  1.00 21.47 ? 233 HOH A O   1 
HETATM 1311 O O   . HOH C 3 .   ? -10.142 12.561  13.341  1.00 25.72 ? 234 HOH A O   1 
HETATM 1312 O O   . HOH C 3 .   ? 16.091  5.026   -0.878  1.00 15.71 ? 235 HOH A O   1 
HETATM 1313 O O   . HOH C 3 .   ? 6.930   10.510  9.552   1.00 32.78 ? 236 HOH A O   1 
HETATM 1314 O O   . HOH C 3 .   ? 11.785  -15.869 -12.025 0.50 18.43 ? 237 HOH A O   1 
HETATM 1315 O O   . HOH C 3 .   ? 10.799  -0.914  22.366  0.50 18.02 ? 238 HOH A O   1 
HETATM 1316 O O   . HOH C 3 .   ? 8.326   -2.367  24.043  1.00 53.61 ? 239 HOH A O   1 
HETATM 1317 O O   . HOH C 3 .   ? 6.750   -1.613  26.269  1.00 49.24 ? 240 HOH A O   1 
HETATM 1318 O O   . HOH C 3 .   ? 15.214  -9.610  3.891   1.00 33.20 ? 241 HOH A O   1 
HETATM 1319 O O   . HOH C 3 .   ? -1.679  -12.872 -15.953 0.30 7.38  ? 242 HOH A O   1 
HETATM 1320 O O   . HOH C 3 .   ? 5.603   -5.158  -20.238 1.00 33.35 ? 243 HOH A O   1 
HETATM 1321 O O   . HOH C 3 .   ? 16.320  -5.421  -8.858  0.50 18.02 ? 244 HOH A O   1 
HETATM 1322 O O   . HOH C 3 .   ? 19.745  5.096   -5.167  0.30 9.29  ? 245 HOH A O   1 
HETATM 1323 O O   . HOH C 3 .   ? 13.101  12.485  -3.556  1.00 38.71 ? 246 HOH A O   1 
HETATM 1324 O O   . HOH C 3 .   ? 6.426   14.061  11.896  1.00 35.73 ? 247 HOH A O   1 
HETATM 1325 O O   . HOH C 3 .   ? 17.880  0.953   3.947   0.40 16.26 ? 248 HOH A O   1 
HETATM 1326 O O   . HOH C 3 .   ? 1.963   8.730   11.802  1.00 29.19 ? 249 HOH A O   1 
HETATM 1327 O O   . HOH C 3 .   ? -11.720 9.214   6.020   0.40 19.50 ? 250 HOH A O   1 
HETATM 1328 O O   . HOH C 3 .   ? -15.009 1.570   13.332  1.00 38.18 ? 251 HOH A O   1 
HETATM 1329 O O   . HOH C 3 .   ? 10.843  4.320   -14.067 1.00 56.38 ? 252 HOH A O   1 
HETATM 1330 O O   . HOH C 3 .   ? -6.792  -11.686 -2.656  1.00 35.00 ? 253 HOH A O   1 
HETATM 1331 O O   . HOH C 3 .   ? -4.437  -12.032 1.255   1.00 21.77 ? 254 HOH A O   1 
HETATM 1332 O O   . HOH C 3 .   ? -19.926 -11.411 -0.160  1.00 32.96 ? 255 HOH A O   1 
HETATM 1333 O O   . HOH C 3 .   ? -1.978  -14.209 5.579   1.00 23.62 ? 256 HOH A O   1 
HETATM 1334 O O   . HOH C 3 .   ? 0.829   -14.612 8.146   1.00 22.91 ? 257 HOH A O   1 
HETATM 1335 O O   . HOH C 3 .   ? -19.290 -2.122  -7.606  0.70 36.91 ? 258 HOH A O   1 
HETATM 1336 O O   . HOH C 3 .   ? -5.825  9.601   17.921  0.30 8.73  ? 259 HOH A O   1 
HETATM 1337 O O   . HOH C 3 .   ? -4.586  3.148   20.457  1.00 31.08 ? 260 HOH A O   1 
HETATM 1338 O O   . HOH C 3 .   ? -15.452 10.119  13.843  0.40 18.92 ? 261 HOH A O   1 
HETATM 1339 O O   . HOH C 3 .   ? -10.974 10.205  14.977  0.50 34.02 ? 262 HOH A O   1 
HETATM 1340 O O   . HOH C 3 .   ? 19.451  3.527   -2.512  1.00 43.11 ? 263 HOH A O   1 
HETATM 1341 O O   . HOH C 3 .   ? 16.302  -3.134  -10.271 0.80 24.08 ? 264 HOH A O   1 
HETATM 1342 O O   . HOH C 3 .   ? 16.682  0.893   -10.946 1.00 20.11 ? 265 HOH A O   1 
HETATM 1343 O O   . HOH C 3 .   ? -8.763  -11.033 7.373   1.00 23.63 ? 266 HOH A O   1 
HETATM 1344 O O   . HOH C 3 .   ? 13.084  3.797   -5.579  1.00 13.03 ? 267 HOH A O   1 
HETATM 1345 O O   . HOH C 3 .   ? -1.726  4.601   23.168  1.00 39.58 ? 268 HOH A O   1 
HETATM 1346 O O   . HOH C 3 .   ? 12.036  8.555   0.480   1.00 17.79 ? 269 HOH A O   1 
HETATM 1347 O O   . HOH C 3 .   ? 13.680  4.652   0.268   1.00 17.13 ? 270 HOH A O   1 
HETATM 1348 O O   . HOH C 3 .   ? -13.880 6.578   -11.972 1.00 29.33 ? 271 HOH A O   1 
HETATM 1349 O O   . HOH C 3 .   ? 12.691  6.324   2.134   1.00 15.53 ? 272 HOH A O   1 
HETATM 1350 O O   . HOH C 3 .   ? 14.448  -0.712  4.267   1.00 17.43 ? 273 HOH A O   1 
HETATM 1351 O O   . HOH C 3 .   ? -17.704 7.735   17.241  1.00 38.07 ? 274 HOH A O   1 
HETATM 1352 O O   . HOH C 3 .   ? -5.513  -12.807 -7.819  1.00 16.41 ? 275 HOH A O   1 
HETATM 1353 O O   . HOH C 3 .   ? 9.703   -12.306 8.762   1.00 28.97 ? 276 HOH A O   1 
HETATM 1354 O O   . HOH C 3 .   ? 4.196   8.978   5.700   1.00 19.94 ? 277 HOH A O   1 
HETATM 1355 O O   . HOH C 3 .   ? 1.163   9.938   9.296   1.00 20.24 ? 278 HOH A O   1 
HETATM 1356 O O   . HOH C 3 .   ? 1.601   8.177   4.618   1.00 12.47 ? 279 HOH A O   1 
HETATM 1357 O O   . HOH C 3 .   ? 16.674  -5.691  -3.444  1.00 13.23 ? 280 HOH A O   1 
HETATM 1358 O O   . HOH C 3 .   ? 0.210   6.571   11.925  1.00 11.79 ? 281 HOH A O   1 
HETATM 1359 O O   . HOH C 3 .   ? -3.212  9.062   11.148  1.00 14.36 ? 282 HOH A O   1 
HETATM 1360 O O   . HOH C 3 .   ? -4.988  10.376  2.123   1.00 16.97 ? 283 HOH A O   1 
HETATM 1361 O O   . HOH C 3 .   ? -6.172  10.229  8.429   1.00 22.88 ? 284 HOH A O   1 
HETATM 1362 O O   . HOH C 3 .   ? -10.671 -2.265  14.555  0.40 38.07 ? 285 HOH A O   1 
HETATM 1363 O O   . HOH C 3 .   ? -9.311  6.293   17.808  1.00 18.58 ? 286 HOH A O   1 
HETATM 1364 O O   . HOH C 3 .   ? -15.089 -10.528 -8.704  1.00 17.23 ? 287 HOH A O   1 
HETATM 1365 O O   . HOH C 3 .   ? -15.333 -9.880  -6.167  1.00 18.35 ? 288 HOH A O   1 
HETATM 1366 O O   . HOH C 3 .   ? -14.971 2.015   10.691  1.00 33.42 ? 289 HOH A O   1 
HETATM 1367 O O   . HOH C 3 .   ? -12.937 -4.613  12.749  1.00 32.20 ? 290 HOH A O   1 
HETATM 1368 O O   . HOH C 3 .   ? 11.446  4.834   10.619  1.00 36.50 ? 291 HOH A O   1 
HETATM 1369 O O   . HOH C 3 .   ? 15.081  -10.087 -7.159  1.00 20.70 ? 292 HOH A O   1 
HETATM 1370 O O   . HOH C 3 .   ? 10.909  9.725   2.486   1.00 24.96 ? 293 HOH A O   1 
HETATM 1371 O O   . HOH C 3 .   ? 4.641   15.991  -3.187  1.00 26.99 ? 294 HOH A O   1 
HETATM 1372 O O   . HOH C 3 .   ? 7.311   17.970  0.564   1.00 39.12 ? 295 HOH A O   1 
HETATM 1373 O O   . HOH C 3 .   ? -3.018  14.037  -7.988  1.00 15.52 ? 296 HOH A O   1 
HETATM 1374 O O   . HOH C 3 .   ? -0.022  18.910  8.600   0.50 11.85 ? 297 HOH A O   1 
HETATM 1375 O O   . HOH C 3 .   ? -0.911  11.376  9.027   1.00 28.51 ? 298 HOH A O   1 
HETATM 1376 O O   . HOH C 3 .   ? -4.807  11.435  6.698   1.00 32.89 ? 299 HOH A O   1 
HETATM 1377 O O   . HOH C 3 .   ? -2.945  12.692  7.554   1.00 17.44 ? 300 HOH A O   1 
HETATM 1378 O O   . HOH C 3 .   ? -3.763  15.229  4.381   1.00 15.92 ? 301 HOH A O   1 
HETATM 1379 O O   . HOH C 3 .   ? 0.409   19.253  2.370   1.00 23.52 ? 302 HOH A O   1 
HETATM 1380 O O   . HOH C 3 .   ? 0.877   9.198   -4.223  1.00 15.28 ? 303 HOH A O   1 
HETATM 1381 O O   . HOH C 3 .   ? 1.760   16.036  -9.247  1.00 31.46 ? 304 HOH A O   1 
HETATM 1382 O O   . HOH C 3 .   ? 8.139   13.330  -9.204  1.00 19.76 ? 305 HOH A O   1 
HETATM 1383 O O   . HOH C 3 .   ? 0.188   2.303   -15.633 1.00 11.59 ? 306 HOH A O   1 
HETATM 1384 O O   . HOH C 3 .   ? -8.703  5.283   -15.671 1.00 14.19 ? 307 HOH A O   1 
HETATM 1385 O O   . HOH C 3 .   ? -8.061  0.895   -18.216 1.00 31.17 ? 308 HOH A O   1 
HETATM 1386 O O   . HOH C 3 .   ? -3.677  2.480   -19.112 1.00 30.68 ? 309 HOH A O   1 
HETATM 1387 O O   . HOH C 3 .   ? -5.650  6.846   -10.397 1.00 9.45  ? 310 HOH A O   1 
HETATM 1388 O O   . HOH C 3 .   ? 0.412   -2.373  -18.907 1.00 28.05 ? 311 HOH A O   1 
HETATM 1389 O O   . HOH C 3 .   ? -3.470  -3.458  -18.993 1.00 29.89 ? 312 HOH A O   1 
HETATM 1390 O O   . HOH C 3 .   ? -5.616  -4.922  -12.058 1.00 8.64  ? 313 HOH A O   1 
HETATM 1391 O O   . HOH C 3 .   ? -9.306  -2.253  -17.175 1.00 18.54 ? 314 HOH A O   1 
HETATM 1392 O O   . HOH C 3 .   ? -10.681 -6.168  -17.794 1.00 22.88 ? 315 HOH A O   1 
HETATM 1393 O O   . HOH C 3 .   ? -5.544  -6.978  -18.416 1.00 14.38 ? 316 HOH A O   1 
HETATM 1394 O O   . HOH C 3 .   ? -11.774 -8.935  -15.080 1.00 17.12 ? 317 HOH A O   1 
HETATM 1395 O O   . HOH C 3 .   ? -7.667  -3.436  -10.626 1.00 12.32 ? 318 HOH A O   1 
HETATM 1396 O O   . HOH C 3 .   ? -7.774  -9.358  -6.484  1.00 15.92 ? 319 HOH A O   1 
HETATM 1397 O O   . HOH C 3 .   ? -15.263 -4.093  -12.133 1.00 28.76 ? 320 HOH A O   1 
HETATM 1398 O O   . HOH C 3 .   ? -12.352 -5.500  -15.867 1.00 22.35 ? 321 HOH A O   1 
HETATM 1399 O O   . HOH C 3 .   ? -9.801  -10.605 -9.261  1.00 14.42 ? 322 HOH A O   1 
HETATM 1400 O O   . HOH C 3 .   ? -15.063 -11.658 -3.951  1.00 24.94 ? 323 HOH A O   1 
HETATM 1401 O O   . HOH C 3 .   ? -14.769 -11.705 0.383   1.00 31.10 ? 324 HOH A O   1 
HETATM 1402 O O   . HOH C 3 .   ? -3.820  -10.884 -6.310  1.00 18.38 ? 325 HOH A O   1 
HETATM 1403 O O   . HOH C 3 .   ? -1.131  6.457   -5.475  1.00 13.33 ? 326 HOH A O   1 
HETATM 1404 O O   . HOH C 3 .   ? -10.169 8.566   -4.983  1.00 31.94 ? 327 HOH A O   1 
HETATM 1405 O O   . HOH C 3 .   ? -10.924 6.863   -7.558  1.00 24.26 ? 328 HOH A O   1 
HETATM 1406 O O   . HOH C 3 .   ? -12.315 10.915  -6.933  1.00 35.37 ? 329 HOH A O   1 
HETATM 1407 O O   . HOH C 3 .   ? -5.249  5.224   -18.359 1.00 16.33 ? 330 HOH A O   1 
HETATM 1408 O O   . HOH C 3 .   ? -8.795  6.655   -17.995 0.50 18.40 ? 331 HOH A O   1 
HETATM 1409 O O   . HOH C 3 .   ? -5.792  3.654   -8.715  1.00 15.59 ? 332 HOH A O   1 
HETATM 1410 O O   . HOH C 3 .   ? -9.984  -8.887  7.807   1.00 19.46 ? 333 HOH A O   1 
HETATM 1411 O O   . HOH C 3 .   ? -11.041 -6.056  -1.230  1.00 11.01 ? 334 HOH A O   1 
HETATM 1412 O O   . HOH C 3 .   ? -0.811  5.844   20.877  1.00 16.49 ? 335 HOH A O   1 
HETATM 1413 O O   . HOH C 3 .   ? -21.839 -4.767  -4.472  1.00 29.02 ? 336 HOH A O   1 
HETATM 1414 O O   . HOH C 3 .   ? -15.151 -7.295  -5.856  1.00 14.84 ? 337 HOH A O   1 
HETATM 1415 O O   . HOH C 3 .   ? -12.015 4.994   -12.925 1.00 16.38 ? 338 HOH A O   1 
HETATM 1416 O O   . HOH C 3 .   ? -13.480 1.817   -14.754 1.00 24.71 ? 339 HOH A O   1 
HETATM 1417 O O   . HOH C 3 .   ? -9.644  5.418   -11.627 1.00 18.55 ? 340 HOH A O   1 
HETATM 1418 O O   . HOH C 3 .   ? -12.278 5.816   -3.624  1.00 40.63 ? 341 HOH A O   1 
HETATM 1419 O O   . HOH C 3 .   ? -10.384 -2.562  -9.933  1.00 14.89 ? 342 HOH A O   1 
HETATM 1420 O O   . HOH C 3 .   ? 9.292   7.943   -16.572 1.00 28.41 ? 343 HOH A O   1 
HETATM 1421 O O   . HOH C 3 .   ? 1.950   -17.105 4.405   1.00 15.28 ? 344 HOH A O   1 
HETATM 1422 O O   . HOH C 3 .   ? 7.830   -16.727 6.386   1.00 16.57 ? 345 HOH A O   1 
HETATM 1423 O O   . HOH C 3 .   ? 4.872   -17.194 4.006   1.00 17.42 ? 346 HOH A O   1 
HETATM 1424 O O   . HOH C 3 .   ? 4.718   -12.085 8.905   1.00 14.80 ? 347 HOH A O   1 
HETATM 1425 O O   . HOH C 3 .   ? 6.984   -14.851 10.111  1.00 31.36 ? 348 HOH A O   1 
HETATM 1426 O O   . HOH C 3 .   ? 8.633   -13.495 6.929   1.00 22.57 ? 349 HOH A O   1 
HETATM 1427 O O   . HOH C 3 .   ? -3.704  -9.417  14.526  1.00 15.55 ? 350 HOH A O   1 
HETATM 1428 O O   . HOH C 3 .   ? 0.467   -10.525 15.295  1.00 22.03 ? 351 HOH A O   1 
HETATM 1429 O O   . HOH C 3 .   ? -5.309  -7.784  15.665  1.00 23.04 ? 352 HOH A O   1 
HETATM 1430 O O   . HOH C 3 .   ? -8.437  -5.366  13.387  1.00 20.12 ? 353 HOH A O   1 
HETATM 1431 O O   . HOH C 3 .   ? 13.223  -1.037  13.838  1.00 21.63 ? 354 HOH A O   1 
HETATM 1432 O O   . HOH C 3 .   ? -13.773 8.543   7.284   1.00 31.70 ? 355 HOH A O   1 
HETATM 1433 O O   . HOH C 3 .   ? -13.042 8.868   14.197  1.00 25.26 ? 356 HOH A O   1 
HETATM 1434 O O   . HOH C 3 .   ? -7.911  7.405   16.265  1.00 25.45 ? 357 HOH A O   1 
HETATM 1435 O O   . HOH C 3 .   ? -0.902  8.797   14.778  1.00 25.53 ? 358 HOH A O   1 
HETATM 1436 O O   . HOH C 3 .   ? -7.658  3.053   17.326  1.00 24.28 ? 359 HOH A O   1 
HETATM 1437 O O   . HOH C 3 .   ? 1.665   1.465   21.866  1.00 20.78 ? 360 HOH A O   1 
HETATM 1438 O O   . HOH C 3 .   ? 13.019  3.617   8.813   1.00 30.74 ? 361 HOH A O   1 
HETATM 1439 O O   . HOH C 3 .   ? 15.749  -8.703  0.521   1.00 40.29 ? 362 HOH A O   1 
HETATM 1440 O O   . HOH C 3 .   ? 15.636  -9.605  -3.594  1.00 13.19 ? 363 HOH A O   1 
HETATM 1441 O O   . HOH C 3 .   ? 15.641  -5.676  -5.951  1.00 15.57 ? 364 HOH A O   1 
HETATM 1442 O O   . HOH C 3 .   ? 15.248  -4.974  -1.385  1.00 11.72 ? 365 HOH A O   1 
HETATM 1443 O O   . HOH C 3 .   ? 16.441  -12.604 -3.146  1.00 40.38 ? 366 HOH A O   1 
HETATM 1444 O O   . HOH C 3 .   ? 10.749  -11.096 -9.533  1.00 24.49 ? 367 HOH A O   1 
HETATM 1445 O O   . HOH C 3 .   ? 6.546   -10.141 -14.905 0.50 18.92 ? 368 HOH A O   1 
HETATM 1446 O O   . HOH C 3 .   ? 6.045   -14.393 -14.395 1.00 35.39 ? 369 HOH A O   1 
HETATM 1447 O O   . HOH C 3 .   ? 10.432  -8.177  10.472  1.00 28.46 ? 370 HOH A O   1 
HETATM 1448 O O   . HOH C 3 .   ? -16.106 1.852   -14.330 1.00 25.57 ? 371 HOH A O   1 
HETATM 1449 O O   . HOH C 3 .   ? -16.394 -6.154  -9.839  1.00 31.22 ? 372 HOH A O   1 
HETATM 1450 O O   . HOH C 3 .   ? -13.216 7.877   -9.725  0.70 35.60 ? 373 HOH A O   1 
HETATM 1451 O O   . HOH C 3 .   ? -6.100  -13.080 3.042   1.00 29.30 ? 374 HOH A O   1 
HETATM 1452 O O   . HOH C 3 .   ? -13.709 5.637   15.763  1.00 32.90 ? 375 HOH A O   1 
HETATM 1453 O O   . HOH C 3 .   ? -8.747  10.143  7.224   1.00 22.19 ? 376 HOH A O   1 
HETATM 1454 O O   . HOH C 3 .   ? 8.959   -14.523 -7.009  1.00 20.98 ? 377 HOH A O   1 
HETATM 1455 O O   . HOH C 3 .   ? 9.757   -7.814  -15.401 0.50 14.03 ? 378 HOH A O   1 
HETATM 1456 O O   . HOH C 3 .   ? 15.626  -0.898  10.550  0.50 27.87 ? 379 HOH A O   1 
HETATM 1457 O O   . HOH C 3 .   ? -15.445 -8.862  2.962   1.00 22.79 ? 380 HOH A O   1 
HETATM 1458 O O   . HOH C 3 .   ? -5.295  -8.951  -5.438  1.00 34.62 ? 381 HOH A O   1 
HETATM 1459 O O   . HOH C 3 .   ? 9.053   10.858  -9.610  1.00 15.28 ? 382 HOH A O   1 
HETATM 1460 O O   . HOH C 3 .   ? 2.886   -13.052 10.368  1.00 14.82 ? 383 HOH A O   1 
HETATM 1461 O O   . HOH C 3 .   ? 6.124   3.947   15.354  1.00 19.18 ? 384 HOH A O   1 
HETATM 1462 O O   . HOH C 3 .   ? 10.290  -13.793 -13.757 1.00 19.37 ? 385 HOH A O   1 
HETATM 1463 O O   . HOH C 3 .   ? 7.662   -0.245  -15.993 1.00 22.36 ? 386 HOH A O   1 
HETATM 1464 O O   . HOH C 3 .   ? 9.736   8.627   4.441   1.00 26.10 ? 387 HOH A O   1 
HETATM 1465 O O   . HOH C 3 .   ? -2.500  -15.550 -6.734  1.00 16.89 ? 388 HOH A O   1 
HETATM 1466 O O   . HOH C 3 .   ? -10.796 7.055   -9.864  1.00 20.99 ? 389 HOH A O   1 
HETATM 1467 O O   . HOH C 3 .   ? 6.026   1.972   -18.340 1.00 21.40 ? 390 HOH A O   1 
HETATM 1468 O O   . HOH C 3 .   ? 4.942   -11.698 -13.894 1.00 23.78 ? 391 HOH A O   1 
HETATM 1469 O O   . HOH C 3 .   ? -12.143 -6.083  8.896   1.00 16.91 ? 392 HOH A O   1 
HETATM 1470 O O   . HOH C 3 .   ? -8.317  12.365  -12.747 1.00 26.55 ? 393 HOH A O   1 
HETATM 1471 O O   . HOH C 3 .   ? -5.343  -11.985 10.657  1.00 21.72 ? 394 HOH A O   1 
HETATM 1472 O O   . HOH C 3 .   ? 12.453  -8.434  -9.810  1.00 28.53 ? 395 HOH A O   1 
HETATM 1473 O O   . HOH C 3 .   ? 15.571  -3.032  0.347   1.00 31.53 ? 396 HOH A O   1 
# 
loop_
_pdbx_poly_seq_scheme.asym_id 
_pdbx_poly_seq_scheme.entity_id 
_pdbx_poly_seq_scheme.seq_id 
_pdbx_poly_seq_scheme.mon_id 
_pdbx_poly_seq_scheme.ndb_seq_num 
_pdbx_poly_seq_scheme.pdb_seq_num 
_pdbx_poly_seq_scheme.auth_seq_num 
_pdbx_poly_seq_scheme.pdb_mon_id 
_pdbx_poly_seq_scheme.auth_mon_id 
_pdbx_poly_seq_scheme.pdb_strand_id 
_pdbx_poly_seq_scheme.pdb_ins_code 
_pdbx_poly_seq_scheme.hetero 
A 1 1   MET 1   42  ?   ?   ?   A . n 
A 1 2   SER 2   43  ?   ?   ?   A . n 
A 1 3   GLY 3   44  44  GLY GLY A . n 
A 1 4   ASN 4   45  45  ASN ASN A . n 
A 1 5   PRO 5   46  46  PRO PRO A . n 
A 1 6   LEU 6   47  47  LEU LEU A . n 
A 1 7   VAL 7   48  48  VAL VAL A . n 
A 1 8   TYR 8   49  49  TYR TYR A . n 
A 1 9   LEU 9   50  50  LEU LEU A . n 
A 1 10  ASP 10  51  51  ASP ASP A . n 
A 1 11  VAL 11  52  52  VAL VAL A . n 
A 1 12  ASP 12  53  53  ASP ASP A . n 
A 1 13  ALA 13  54  54  ALA ALA A . n 
A 1 14  ASN 14  55  55  ASN ASN A . n 
A 1 15  GLY 15  56  56  GLY GLY A . n 
A 1 16  LYS 16  57  57  LYS LYS A . n 
A 1 17  PRO 17  58  58  PRO PRO A . n 
A 1 18  LEU 18  59  59  LEU LEU A . n 
A 1 19  GLY 19  60  60  GLY GLY A . n 
A 1 20  ARG 20  61  61  ARG ARG A . n 
A 1 21  VAL 21  62  62  VAL VAL A . n 
A 1 22  VAL 22  63  63  VAL VAL A . n 
A 1 23  LEU 23  64  64  LEU LEU A . n 
A 1 24  GLU 24  65  65  GLU GLU A . n 
A 1 25  LEU 25  66  66  LEU LEU A . n 
A 1 26  LYS 26  67  67  LYS LYS A . n 
A 1 27  ALA 27  68  68  ALA ALA A . n 
A 1 28  ASP 28  69  69  ASP ASP A . n 
A 1 29  VAL 29  70  70  VAL VAL A . n 
A 1 30  VAL 30  71  71  VAL VAL A . n 
A 1 31  PRO 31  72  72  PRO PRO A . n 
A 1 32  LYS 32  73  73  LYS LYS A . n 
A 1 33  THR 33  74  74  THR THR A . n 
A 1 34  ALA 34  75  75  ALA ALA A . n 
A 1 35  GLU 35  76  76  GLU GLU A . n 
A 1 36  ASN 36  77  77  ASN ASN A . n 
A 1 37  PHE 37  78  78  PHE PHE A . n 
A 1 38  ARG 38  79  79  ARG ARG A . n 
A 1 39  ALA 39  80  80  ALA ALA A . n 
A 1 40  LEU 40  81  81  LEU LEU A . n 
A 1 41  CYS 41  82  82  CYS CYS A . n 
A 1 42  THR 42  83  83  THR THR A . n 
A 1 43  GLY 43  84  84  GLY GLY A . n 
A 1 44  GLU 44  85  85  GLU GLU A . n 
A 1 45  LYS 45  86  86  LYS LYS A . n 
A 1 46  GLY 46  87  87  GLY GLY A . n 
A 1 47  PHE 47  88  88  PHE PHE A . n 
A 1 48  GLY 48  89  89  GLY GLY A . n 
A 1 49  TYR 49  90  90  TYR TYR A . n 
A 1 50  LYS 50  91  91  LYS LYS A . n 
A 1 51  GLY 51  92  92  GLY GLY A . n 
A 1 52  SER 52  93  93  SER SER A . n 
A 1 53  THR 53  94  94  THR THR A . n 
A 1 54  PHE 54  95  95  PHE PHE A . n 
A 1 55  HIS 55  96  96  HIS HIS A . n 
A 1 56  ARG 56  97  97  ARG ARG A . n 
A 1 57  VAL 57  98  98  VAL VAL A . n 
A 1 58  ILE 58  99  99  ILE ILE A . n 
A 1 59  PRO 59  100 100 PRO PRO A . n 
A 1 60  SER 60  101 101 SER SER A . n 
A 1 61  PHE 61  102 102 PHE PHE A . n 
A 1 62  MET 62  103 103 MET MET A . n 
A 1 63  CYS 63  104 104 CYS CYS A . n 
A 1 64  GLN 64  105 105 GLN GLN A . n 
A 1 65  ALA 65  106 106 ALA ALA A . n 
A 1 66  GLY 66  107 107 GLY GLY A . n 
A 1 67  ASP 67  108 108 ASP ASP A . n 
A 1 68  PHE 68  109 109 PHE PHE A . n 
A 1 69  THR 69  110 110 THR THR A . n 
A 1 70  ASN 70  111 111 ASN ASN A . n 
A 1 71  HIS 71  112 112 HIS HIS A . n 
A 1 72  ASN 72  113 113 ASN ASN A . n 
A 1 73  GLY 73  114 114 GLY GLY A . n 
A 1 74  THR 74  115 115 THR THR A . n 
A 1 75  GLY 75  116 116 GLY GLY A . n 
A 1 76  GLY 76  117 117 GLY GLY A . n 
A 1 77  LYS 77  118 118 LYS LYS A . n 
A 1 78  SER 78  119 119 SER SER A . n 
A 1 79  ILE 79  120 120 ILE ILE A . n 
A 1 80  TYR 80  121 121 TYR TYR A . n 
A 1 81  GLY 81  122 122 GLY GLY A . n 
A 1 82  SER 82  123 123 SER SER A . n 
A 1 83  ARG 83  124 124 ARG ARG A . n 
A 1 84  PHE 84  125 125 PHE PHE A . n 
A 1 85  PRO 85  126 126 PRO PRO A . n 
A 1 86  ASP 86  127 127 ASP ASP A . n 
A 1 87  GLU 87  128 128 GLU GLU A . n 
A 1 88  ASN 88  129 129 ASN ASN A . n 
A 1 89  PHE 89  130 130 PHE PHE A . n 
A 1 90  THR 90  131 131 THR THR A . n 
A 1 91  LEU 91  132 132 LEU LEU A . n 
A 1 92  LYS 92  133 133 LYS LYS A . n 
A 1 93  HIS 93  134 134 HIS HIS A . n 
A 1 94  VAL 94  135 135 VAL VAL A . n 
A 1 95  GLY 95  136 136 GLY GLY A . n 
A 1 96  PRO 96  137 137 PRO PRO A . n 
A 1 97  GLY 97  138 138 GLY GLY A . n 
A 1 98  VAL 98  139 139 VAL VAL A . n 
A 1 99  LEU 99  140 140 LEU LEU A . n 
A 1 100 SER 100 141 141 SER SER A . n 
A 1 101 MET 101 142 142 MET MET A . n 
A 1 102 ALA 102 143 143 ALA ALA A . n 
A 1 103 ASN 103 144 144 ASN ASN A . n 
A 1 104 ALA 104 145 145 ALA ALA A . n 
A 1 105 GLY 105 146 146 GLY GLY A . n 
A 1 106 PRO 106 147 147 PRO PRO A . n 
A 1 107 ASN 107 148 148 ASN ASN A . n 
A 1 108 THR 108 149 149 THR THR A . n 
A 1 109 ASN 109 150 150 ASN ASN A . n 
A 1 110 GLY 110 151 151 GLY GLY A . n 
A 1 111 SER 111 152 152 SER SER A . n 
A 1 112 GLN 112 153 153 GLN GLN A . n 
A 1 113 PHE 113 154 154 PHE PHE A . n 
A 1 114 PHE 114 155 155 PHE PHE A . n 
A 1 115 ILE 115 156 156 ILE ILE A . n 
A 1 116 CYS 116 157 157 CYS CYS A . n 
A 1 117 THR 117 158 158 THR THR A . n 
A 1 118 ILE 118 159 159 ILE ILE A . n 
A 1 119 LYS 119 160 160 LYS LYS A . n 
A 1 120 THR 120 161 161 THR THR A . n 
A 1 121 ASP 121 162 162 ASP ASP A . n 
A 1 122 TRP 122 163 163 TRP TRP A . n 
A 1 123 LEU 123 164 164 LEU LEU A . n 
A 1 124 ASP 124 165 165 ASP ASP A . n 
A 1 125 GLY 125 166 166 GLY GLY A . n 
A 1 126 LYS 126 167 167 LYS LYS A . n 
A 1 127 HIS 127 168 168 HIS HIS A . n 
A 1 128 VAL 128 169 169 VAL VAL A . n 
A 1 129 VAL 129 170 170 VAL VAL A . n 
A 1 130 PHE 130 171 171 PHE PHE A . n 
A 1 131 GLY 131 172 172 GLY GLY A . n 
A 1 132 HIS 132 173 173 HIS HIS A . n 
A 1 133 VAL 133 174 174 VAL VAL A . n 
A 1 134 ILE 134 175 175 ILE ILE A . n 
A 1 135 GLU 135 176 176 GLU GLU A . n 
A 1 136 GLY 136 177 177 GLY GLY A . n 
A 1 137 MET 137 178 178 MET MET A . n 
A 1 138 ASP 138 179 179 ASP ASP A . n 
A 1 139 VAL 139 180 180 VAL VAL A . n 
A 1 140 VAL 140 181 181 VAL VAL A . n 
A 1 141 LYS 141 182 182 LYS LYS A . n 
A 1 142 LYS 142 183 183 LYS LYS A . n 
A 1 143 ILE 143 184 184 ILE ILE A . n 
A 1 144 GLU 144 185 185 GLU GLU A . n 
A 1 145 SER 145 186 186 SER SER A . n 
A 1 146 PHE 146 187 187 PHE PHE A . n 
A 1 147 GLY 147 188 188 GLY GLY A . n 
A 1 148 SER 148 189 189 SER SER A . n 
A 1 149 LYS 149 190 190 LYS LYS A . n 
A 1 150 SER 150 191 191 SER SER A . n 
A 1 151 GLY 151 192 192 GLY GLY A . n 
A 1 152 ARG 152 193 193 ARG ARG A . n 
A 1 153 THR 153 194 194 THR THR A . n 
A 1 154 SER 154 195 195 SER SER A . n 
A 1 155 LYS 155 196 196 LYS LYS A . n 
A 1 156 LYS 156 197 197 LYS LYS A . n 
A 1 157 ILE 157 198 198 ILE ILE A . n 
A 1 158 VAL 158 199 199 VAL VAL A . n 
A 1 159 ILE 159 200 200 ILE ILE A . n 
A 1 160 THR 160 201 201 THR THR A . n 
A 1 161 ASP 161 202 202 ASP ASP A . n 
A 1 162 CYS 162 203 203 CYS CYS A . n 
A 1 163 GLY 163 204 204 GLY GLY A . n 
A 1 164 GLN 164 205 205 GLN GLN A . n 
A 1 165 LEU 165 206 206 LEU LEU A . n 
A 1 166 SER 166 207 207 SER SER A . n 
# 
loop_
_pdbx_nonpoly_scheme.asym_id 
_pdbx_nonpoly_scheme.entity_id 
_pdbx_nonpoly_scheme.mon_id 
_pdbx_nonpoly_scheme.ndb_seq_num 
_pdbx_nonpoly_scheme.pdb_seq_num 
_pdbx_nonpoly_scheme.auth_seq_num 
_pdbx_nonpoly_scheme.pdb_mon_id 
_pdbx_nonpoly_scheme.auth_mon_id 
_pdbx_nonpoly_scheme.pdb_strand_id 
_pdbx_nonpoly_scheme.pdb_ins_code 
B 2 EA4 1   1   1   EA4 EA4 A . 
C 3 HOH 1   2   2   HOH HOH A . 
C 3 HOH 2   3   3   HOH HOH A . 
C 3 HOH 3   4   4   HOH HOH A . 
C 3 HOH 4   5   5   HOH HOH A . 
C 3 HOH 5   6   6   HOH HOH A . 
C 3 HOH 6   7   7   HOH HOH A . 
C 3 HOH 7   8   8   HOH HOH A . 
C 3 HOH 8   10  10  HOH HOH A . 
C 3 HOH 9   11  11  HOH HOH A . 
C 3 HOH 10  12  12  HOH HOH A . 
C 3 HOH 11  13  13  HOH HOH A . 
C 3 HOH 12  14  14  HOH HOH A . 
C 3 HOH 13  17  17  HOH HOH A . 
C 3 HOH 14  18  18  HOH HOH A . 
C 3 HOH 15  19  19  HOH HOH A . 
C 3 HOH 16  20  20  HOH HOH A . 
C 3 HOH 17  22  22  HOH HOH A . 
C 3 HOH 18  23  23  HOH HOH A . 
C 3 HOH 19  24  24  HOH HOH A . 
C 3 HOH 20  25  25  HOH HOH A . 
C 3 HOH 21  27  27  HOH HOH A . 
C 3 HOH 22  28  28  HOH HOH A . 
C 3 HOH 23  29  29  HOH HOH A . 
C 3 HOH 24  30  30  HOH HOH A . 
C 3 HOH 25  31  31  HOH HOH A . 
C 3 HOH 26  32  32  HOH HOH A . 
C 3 HOH 27  33  33  HOH HOH A . 
C 3 HOH 28  34  34  HOH HOH A . 
C 3 HOH 29  36  36  HOH HOH A . 
C 3 HOH 30  37  37  HOH HOH A . 
C 3 HOH 31  38  38  HOH HOH A . 
C 3 HOH 32  39  39  HOH HOH A . 
C 3 HOH 33  40  40  HOH HOH A . 
C 3 HOH 34  41  41  HOH HOH A . 
C 3 HOH 35  208 208 HOH HOH A . 
C 3 HOH 36  209 1   HOH HOH A . 
C 3 HOH 37  210 210 HOH HOH A . 
C 3 HOH 38  211 42  HOH HOH A . 
C 3 HOH 39  212 212 HOH HOH A . 
C 3 HOH 40  213 43  HOH HOH A . 
C 3 HOH 41  214 44  HOH HOH A . 
C 3 HOH 42  215 215 HOH HOH A . 
C 3 HOH 43  216 45  HOH HOH A . 
C 3 HOH 44  217 47  HOH HOH A . 
C 3 HOH 45  218 48  HOH HOH A . 
C 3 HOH 46  219 49  HOH HOH A . 
C 3 HOH 47  220 220 HOH HOH A . 
C 3 HOH 48  221 221 HOH HOH A . 
C 3 HOH 49  222 222 HOH HOH A . 
C 3 HOH 50  223 223 HOH HOH A . 
C 3 HOH 51  224 50  HOH HOH A . 
C 3 HOH 52  225 225 HOH HOH A . 
C 3 HOH 53  226 51  HOH HOH A . 
C 3 HOH 54  227 227 HOH HOH A . 
C 3 HOH 55  228 52  HOH HOH A . 
C 3 HOH 56  229 53  HOH HOH A . 
C 3 HOH 57  230 230 HOH HOH A . 
C 3 HOH 58  231 55  HOH HOH A . 
C 3 HOH 59  232 232 HOH HOH A . 
C 3 HOH 60  233 233 HOH HOH A . 
C 3 HOH 61  234 234 HOH HOH A . 
C 3 HOH 62  235 56  HOH HOH A . 
C 3 HOH 63  236 236 HOH HOH A . 
C 3 HOH 64  237 237 HOH HOH A . 
C 3 HOH 65  238 238 HOH HOH A . 
C 3 HOH 66  239 239 HOH HOH A . 
C 3 HOH 67  240 240 HOH HOH A . 
C 3 HOH 68  241 241 HOH HOH A . 
C 3 HOH 69  242 242 HOH HOH A . 
C 3 HOH 70  243 243 HOH HOH A . 
C 3 HOH 71  244 244 HOH HOH A . 
C 3 HOH 72  245 245 HOH HOH A . 
C 3 HOH 73  246 246 HOH HOH A . 
C 3 HOH 74  247 247 HOH HOH A . 
C 3 HOH 75  248 248 HOH HOH A . 
C 3 HOH 76  249 249 HOH HOH A . 
C 3 HOH 77  250 250 HOH HOH A . 
C 3 HOH 78  251 251 HOH HOH A . 
C 3 HOH 79  252 252 HOH HOH A . 
C 3 HOH 80  253 253 HOH HOH A . 
C 3 HOH 81  254 254 HOH HOH A . 
C 3 HOH 82  255 255 HOH HOH A . 
C 3 HOH 83  256 256 HOH HOH A . 
C 3 HOH 84  257 257 HOH HOH A . 
C 3 HOH 85  258 258 HOH HOH A . 
C 3 HOH 86  259 259 HOH HOH A . 
C 3 HOH 87  260 260 HOH HOH A . 
C 3 HOH 88  261 261 HOH HOH A . 
C 3 HOH 89  262 262 HOH HOH A . 
C 3 HOH 90  263 57  HOH HOH A . 
C 3 HOH 91  264 58  HOH HOH A . 
C 3 HOH 92  265 59  HOH HOH A . 
C 3 HOH 93  266 60  HOH HOH A . 
C 3 HOH 94  267 61  HOH HOH A . 
C 3 HOH 95  268 62  HOH HOH A . 
C 3 HOH 96  269 63  HOH HOH A . 
C 3 HOH 97  270 64  HOH HOH A . 
C 3 HOH 98  271 65  HOH HOH A . 
C 3 HOH 99  272 66  HOH HOH A . 
C 3 HOH 100 273 67  HOH HOH A . 
C 3 HOH 101 274 68  HOH HOH A . 
C 3 HOH 102 275 70  HOH HOH A . 
C 3 HOH 103 276 72  HOH HOH A . 
C 3 HOH 104 277 73  HOH HOH A . 
C 3 HOH 105 278 74  HOH HOH A . 
C 3 HOH 106 279 75  HOH HOH A . 
C 3 HOH 107 280 76  HOH HOH A . 
C 3 HOH 108 281 77  HOH HOH A . 
C 3 HOH 109 282 78  HOH HOH A . 
C 3 HOH 110 283 79  HOH HOH A . 
C 3 HOH 111 284 80  HOH HOH A . 
C 3 HOH 112 285 81  HOH HOH A . 
C 3 HOH 113 286 82  HOH HOH A . 
C 3 HOH 114 287 83  HOH HOH A . 
C 3 HOH 115 288 84  HOH HOH A . 
C 3 HOH 116 289 85  HOH HOH A . 
C 3 HOH 117 290 86  HOH HOH A . 
C 3 HOH 118 291 87  HOH HOH A . 
C 3 HOH 119 292 88  HOH HOH A . 
C 3 HOH 120 293 89  HOH HOH A . 
C 3 HOH 121 294 90  HOH HOH A . 
C 3 HOH 122 295 91  HOH HOH A . 
C 3 HOH 123 296 92  HOH HOH A . 
C 3 HOH 124 297 93  HOH HOH A . 
C 3 HOH 125 298 95  HOH HOH A . 
C 3 HOH 126 299 96  HOH HOH A . 
C 3 HOH 127 300 97  HOH HOH A . 
C 3 HOH 128 301 98  HOH HOH A . 
C 3 HOH 129 302 99  HOH HOH A . 
C 3 HOH 130 303 101 HOH HOH A . 
C 3 HOH 131 304 102 HOH HOH A . 
C 3 HOH 132 305 103 HOH HOH A . 
C 3 HOH 133 306 105 HOH HOH A . 
C 3 HOH 134 307 106 HOH HOH A . 
C 3 HOH 135 308 107 HOH HOH A . 
C 3 HOH 136 309 108 HOH HOH A . 
C 3 HOH 137 310 109 HOH HOH A . 
C 3 HOH 138 311 110 HOH HOH A . 
C 3 HOH 139 312 112 HOH HOH A . 
C 3 HOH 140 313 113 HOH HOH A . 
C 3 HOH 141 314 114 HOH HOH A . 
C 3 HOH 142 315 115 HOH HOH A . 
C 3 HOH 143 316 116 HOH HOH A . 
C 3 HOH 144 317 117 HOH HOH A . 
C 3 HOH 145 318 118 HOH HOH A . 
C 3 HOH 146 319 119 HOH HOH A . 
C 3 HOH 147 320 120 HOH HOH A . 
C 3 HOH 148 321 121 HOH HOH A . 
C 3 HOH 149 322 122 HOH HOH A . 
C 3 HOH 150 323 123 HOH HOH A . 
C 3 HOH 151 324 124 HOH HOH A . 
C 3 HOH 152 325 125 HOH HOH A . 
C 3 HOH 153 326 126 HOH HOH A . 
C 3 HOH 154 327 127 HOH HOH A . 
C 3 HOH 155 328 128 HOH HOH A . 
C 3 HOH 156 329 129 HOH HOH A . 
C 3 HOH 157 330 130 HOH HOH A . 
C 3 HOH 158 331 131 HOH HOH A . 
C 3 HOH 159 332 132 HOH HOH A . 
C 3 HOH 160 333 133 HOH HOH A . 
C 3 HOH 161 334 134 HOH HOH A . 
C 3 HOH 162 335 136 HOH HOH A . 
C 3 HOH 163 336 137 HOH HOH A . 
C 3 HOH 164 337 139 HOH HOH A . 
C 3 HOH 165 338 140 HOH HOH A . 
C 3 HOH 166 339 141 HOH HOH A . 
C 3 HOH 167 340 142 HOH HOH A . 
C 3 HOH 168 341 143 HOH HOH A . 
C 3 HOH 169 342 144 HOH HOH A . 
C 3 HOH 170 343 145 HOH HOH A . 
C 3 HOH 171 344 146 HOH HOH A . 
C 3 HOH 172 345 147 HOH HOH A . 
C 3 HOH 173 346 148 HOH HOH A . 
C 3 HOH 174 347 149 HOH HOH A . 
C 3 HOH 175 348 150 HOH HOH A . 
C 3 HOH 176 349 151 HOH HOH A . 
C 3 HOH 177 350 152 HOH HOH A . 
C 3 HOH 178 351 153 HOH HOH A . 
C 3 HOH 179 352 154 HOH HOH A . 
C 3 HOH 180 353 155 HOH HOH A . 
C 3 HOH 181 354 156 HOH HOH A . 
C 3 HOH 182 355 157 HOH HOH A . 
C 3 HOH 183 356 158 HOH HOH A . 
C 3 HOH 184 357 159 HOH HOH A . 
C 3 HOH 185 358 160 HOH HOH A . 
C 3 HOH 186 359 162 HOH HOH A . 
C 3 HOH 187 360 164 HOH HOH A . 
C 3 HOH 188 361 165 HOH HOH A . 
C 3 HOH 189 362 166 HOH HOH A . 
C 3 HOH 190 363 167 HOH HOH A . 
C 3 HOH 191 364 168 HOH HOH A . 
C 3 HOH 192 365 169 HOH HOH A . 
C 3 HOH 193 366 170 HOH HOH A . 
C 3 HOH 194 367 171 HOH HOH A . 
C 3 HOH 195 368 172 HOH HOH A . 
C 3 HOH 196 369 173 HOH HOH A . 
C 3 HOH 197 370 174 HOH HOH A . 
C 3 HOH 198 371 175 HOH HOH A . 
C 3 HOH 199 372 176 HOH HOH A . 
C 3 HOH 200 373 177 HOH HOH A . 
C 3 HOH 201 374 178 HOH HOH A . 
C 3 HOH 202 375 179 HOH HOH A . 
C 3 HOH 203 376 180 HOH HOH A . 
C 3 HOH 204 377 181 HOH HOH A . 
C 3 HOH 205 378 182 HOH HOH A . 
C 3 HOH 206 379 183 HOH HOH A . 
C 3 HOH 207 380 189 HOH HOH A . 
C 3 HOH 208 381 191 HOH HOH A . 
C 3 HOH 209 382 192 HOH HOH A . 
C 3 HOH 210 383 193 HOH HOH A . 
C 3 HOH 211 384 194 HOH HOH A . 
C 3 HOH 212 385 195 HOH HOH A . 
C 3 HOH 213 386 196 HOH HOH A . 
C 3 HOH 214 387 197 HOH HOH A . 
C 3 HOH 215 388 198 HOH HOH A . 
C 3 HOH 216 389 199 HOH HOH A . 
C 3 HOH 217 390 201 HOH HOH A . 
C 3 HOH 218 391 202 HOH HOH A . 
C 3 HOH 219 392 203 HOH HOH A . 
C 3 HOH 220 393 204 HOH HOH A . 
C 3 HOH 221 394 205 HOH HOH A . 
C 3 HOH 222 395 206 HOH HOH A . 
C 3 HOH 223 396 207 HOH HOH A . 
# 
_pdbx_struct_assembly.id                   1 
_pdbx_struct_assembly.details              author_and_software_defined_assembly 
_pdbx_struct_assembly.method_details       PISA 
_pdbx_struct_assembly.oligomeric_details   monomeric 
_pdbx_struct_assembly.oligomeric_count     1 
# 
_pdbx_struct_assembly_gen.assembly_id       1 
_pdbx_struct_assembly_gen.oper_expression   1 
_pdbx_struct_assembly_gen.asym_id_list      A,B,C 
# 
_pdbx_struct_oper_list.id                   1 
_pdbx_struct_oper_list.type                 'identity operation' 
_pdbx_struct_oper_list.name                 1_555 
_pdbx_struct_oper_list.symmetry_operation   x,y,z 
_pdbx_struct_oper_list.matrix[1][1]         1.0000000000 
_pdbx_struct_oper_list.matrix[1][2]         0.0000000000 
_pdbx_struct_oper_list.matrix[1][3]         0.0000000000 
_pdbx_struct_oper_list.vector[1]            0.0000000000 
_pdbx_struct_oper_list.matrix[2][1]         0.0000000000 
_pdbx_struct_oper_list.matrix[2][2]         1.0000000000 
_pdbx_struct_oper_list.matrix[2][3]         0.0000000000 
_pdbx_struct_oper_list.vector[2]            0.0000000000 
_pdbx_struct_oper_list.matrix[3][1]         0.0000000000 
_pdbx_struct_oper_list.matrix[3][2]         0.0000000000 
_pdbx_struct_oper_list.matrix[3][3]         1.0000000000 
_pdbx_struct_oper_list.vector[3]            0.0000000000 
# 
loop_
_pdbx_audit_revision_history.ordinal 
_pdbx_audit_revision_history.data_content_type 
_pdbx_audit_revision_history.major_revision 
_pdbx_audit_revision_history.minor_revision 
_pdbx_audit_revision_history.revision_date 
1 'Structure model' 1 0 2012-03-21 
2 'Structure model' 1 1 2015-08-12 
3 'Structure model' 1 2 2016-10-19 
4 'Structure model' 1 3 2023-09-13 
# 
_pdbx_audit_revision_details.ordinal             1 
_pdbx_audit_revision_details.revision_ordinal    1 
_pdbx_audit_revision_details.data_content_type   'Structure model' 
_pdbx_audit_revision_details.provider            repository 
_pdbx_audit_revision_details.type                'Initial release' 
_pdbx_audit_revision_details.description         ? 
_pdbx_audit_revision_details.details             ? 
# 
loop_
_pdbx_audit_revision_group.ordinal 
_pdbx_audit_revision_group.revision_ordinal 
_pdbx_audit_revision_group.data_content_type 
_pdbx_audit_revision_group.group 
1 2 'Structure model' 'Database references'    
2 3 'Structure model' 'Database references'    
3 4 'Structure model' 'Data collection'        
4 4 'Structure model' 'Database references'    
5 4 'Structure model' 'Derived calculations'   
6 4 'Structure model' 'Refinement description' 
# 
loop_
_pdbx_audit_revision_category.ordinal 
_pdbx_audit_revision_category.revision_ordinal 
_pdbx_audit_revision_category.data_content_type 
_pdbx_audit_revision_category.category 
1 4 'Structure model' chem_comp_atom                
2 4 'Structure model' chem_comp_bond                
3 4 'Structure model' database_2                    
4 4 'Structure model' pdbx_initial_refinement_model 
5 4 'Structure model' struct_ref_seq_dif            
6 4 'Structure model' struct_site                   
# 
loop_
_pdbx_audit_revision_item.ordinal 
_pdbx_audit_revision_item.revision_ordinal 
_pdbx_audit_revision_item.data_content_type 
_pdbx_audit_revision_item.item 
1 4 'Structure model' '_database_2.pdbx_DOI'                
2 4 'Structure model' '_database_2.pdbx_database_accession' 
3 4 'Structure model' '_struct_ref_seq_dif.details'         
4 4 'Structure model' '_struct_site.pdbx_auth_asym_id'      
5 4 'Structure model' '_struct_site.pdbx_auth_comp_id'      
6 4 'Structure model' '_struct_site.pdbx_auth_seq_id'       
# 
loop_
_software.name 
_software.classification 
_software.version 
_software.citation_id 
_software.pdbx_ordinal 
MAR345dtb 'data collection' .        ? 1 
X-PLOR    'model building'  .        ? 2 
REFMAC    refinement        5.4.0062 ? 3 
MOSFLM    'data reduction'  .        ? 4 
SCALA     'data scaling'    .        ? 5 
X-PLOR    phasing           .        ? 6 
# 
loop_
_pdbx_validate_torsion.id 
_pdbx_validate_torsion.PDB_model_num 
_pdbx_validate_torsion.auth_comp_id 
_pdbx_validate_torsion.auth_asym_id 
_pdbx_validate_torsion.auth_seq_id 
_pdbx_validate_torsion.PDB_ins_code 
_pdbx_validate_torsion.label_alt_id 
_pdbx_validate_torsion.phi 
_pdbx_validate_torsion.psi 
1 1 PHE A 102 ? ? -149.19 -77.55 
2 1 THR A 161 ? ? -115.45 64.24  
# 
loop_
_pdbx_unobs_or_zero_occ_atoms.id 
_pdbx_unobs_or_zero_occ_atoms.PDB_model_num 
_pdbx_unobs_or_zero_occ_atoms.polymer_flag 
_pdbx_unobs_or_zero_occ_atoms.occupancy_flag 
_pdbx_unobs_or_zero_occ_atoms.auth_asym_id 
_pdbx_unobs_or_zero_occ_atoms.auth_comp_id 
_pdbx_unobs_or_zero_occ_atoms.auth_seq_id 
_pdbx_unobs_or_zero_occ_atoms.PDB_ins_code 
_pdbx_unobs_or_zero_occ_atoms.auth_atom_id 
_pdbx_unobs_or_zero_occ_atoms.label_alt_id 
_pdbx_unobs_or_zero_occ_atoms.label_asym_id 
_pdbx_unobs_or_zero_occ_atoms.label_comp_id 
_pdbx_unobs_or_zero_occ_atoms.label_seq_id 
_pdbx_unobs_or_zero_occ_atoms.label_atom_id 
1 1 Y 1 A LYS 57  ? CD  ? A LYS 16  CD  
2 1 Y 1 A LYS 57  ? CE  ? A LYS 16  CE  
3 1 Y 1 A LYS 57  ? NZ  ? A LYS 16  NZ  
4 1 Y 1 A ARG 193 ? CD  ? A ARG 152 CD  
5 1 Y 1 A ARG 193 ? NE  ? A ARG 152 NE  
6 1 Y 1 A ARG 193 ? CZ  ? A ARG 152 CZ  
7 1 Y 1 A ARG 193 ? NH1 ? A ARG 152 NH1 
8 1 Y 1 A ARG 193 ? NH2 ? A ARG 152 NH2 
# 
loop_
_pdbx_unobs_or_zero_occ_residues.id 
_pdbx_unobs_or_zero_occ_residues.PDB_model_num 
_pdbx_unobs_or_zero_occ_residues.polymer_flag 
_pdbx_unobs_or_zero_occ_residues.occupancy_flag 
_pdbx_unobs_or_zero_occ_residues.auth_asym_id 
_pdbx_unobs_or_zero_occ_residues.auth_comp_id 
_pdbx_unobs_or_zero_occ_residues.auth_seq_id 
_pdbx_unobs_or_zero_occ_residues.PDB_ins_code 
_pdbx_unobs_or_zero_occ_residues.label_asym_id 
_pdbx_unobs_or_zero_occ_residues.label_comp_id 
_pdbx_unobs_or_zero_occ_residues.label_seq_id 
1 1 Y 1 A MET 42 ? A MET 1 
2 1 Y 1 A SER 43 ? A SER 2 
# 
loop_
_chem_comp_atom.comp_id 
_chem_comp_atom.atom_id 
_chem_comp_atom.type_symbol 
_chem_comp_atom.pdbx_aromatic_flag 
_chem_comp_atom.pdbx_stereo_config 
_chem_comp_atom.pdbx_ordinal 
ALA N    N N N 1   
ALA CA   C N S 2   
ALA C    C N N 3   
ALA O    O N N 4   
ALA CB   C N N 5   
ALA OXT  O N N 6   
ALA H    H N N 7   
ALA H2   H N N 8   
ALA HA   H N N 9   
ALA HB1  H N N 10  
ALA HB2  H N N 11  
ALA HB3  H N N 12  
ALA HXT  H N N 13  
ARG N    N N N 14  
ARG CA   C N S 15  
ARG C    C N N 16  
ARG O    O N N 17  
ARG CB   C N N 18  
ARG CG   C N N 19  
ARG CD   C N N 20  
ARG NE   N N N 21  
ARG CZ   C N N 22  
ARG NH1  N N N 23  
ARG NH2  N N N 24  
ARG OXT  O N N 25  
ARG H    H N N 26  
ARG H2   H N N 27  
ARG HA   H N N 28  
ARG HB2  H N N 29  
ARG HB3  H N N 30  
ARG HG2  H N N 31  
ARG HG3  H N N 32  
ARG HD2  H N N 33  
ARG HD3  H N N 34  
ARG HE   H N N 35  
ARG HH11 H N N 36  
ARG HH12 H N N 37  
ARG HH21 H N N 38  
ARG HH22 H N N 39  
ARG HXT  H N N 40  
ASN N    N N N 41  
ASN CA   C N S 42  
ASN C    C N N 43  
ASN O    O N N 44  
ASN CB   C N N 45  
ASN CG   C N N 46  
ASN OD1  O N N 47  
ASN ND2  N N N 48  
ASN OXT  O N N 49  
ASN H    H N N 50  
ASN H2   H N N 51  
ASN HA   H N N 52  
ASN HB2  H N N 53  
ASN HB3  H N N 54  
ASN HD21 H N N 55  
ASN HD22 H N N 56  
ASN HXT  H N N 57  
ASP N    N N N 58  
ASP CA   C N S 59  
ASP C    C N N 60  
ASP O    O N N 61  
ASP CB   C N N 62  
ASP CG   C N N 63  
ASP OD1  O N N 64  
ASP OD2  O N N 65  
ASP OXT  O N N 66  
ASP H    H N N 67  
ASP H2   H N N 68  
ASP HA   H N N 69  
ASP HB2  H N N 70  
ASP HB3  H N N 71  
ASP HD2  H N N 72  
ASP HXT  H N N 73  
CYS N    N N N 74  
CYS CA   C N R 75  
CYS C    C N N 76  
CYS O    O N N 77  
CYS CB   C N N 78  
CYS SG   S N N 79  
CYS OXT  O N N 80  
CYS H    H N N 81  
CYS H2   H N N 82  
CYS HA   H N N 83  
CYS HB2  H N N 84  
CYS HB3  H N N 85  
CYS HG   H N N 86  
CYS HXT  H N N 87  
EA4 C    C N N 88  
EA4 N    N N N 89  
EA4 O    O N N 90  
EA4 CA   C N N 91  
EA4 CAA  C N N 92  
EA4 NAB  N N N 93  
EA4 OAC  O N N 94  
EA4 CAE  C Y N 95  
EA4 CAF  C Y N 96  
EA4 CAG  C Y N 97  
EA4 CAH  C Y N 98  
EA4 CAI  C N N 99  
EA4 CAK  C N N 100 
EA4 NAM  N N N 101 
EA4 OAN  O N N 102 
EA4 CAO  C N N 103 
EA4 CAQ  C Y N 104 
EA4 CAR  C Y N 105 
EA4 HN   H N N 106 
EA4 HA   H N N 107 
EA4 HAA  H N N 108 
EA4 HAAA H N N 109 
EA4 HAAB H N N 110 
EA4 HAAC H N N 111 
EA4 HNAB H N N 112 
EA4 HNAA H N N 113 
EA4 HAE  H N N 114 
EA4 HAF  H N N 115 
EA4 HAG  H N N 116 
EA4 HAH  H N N 117 
EA4 HAI  H N N 118 
EA4 HAIA H N N 119 
EA4 HAK  H N N 120 
EA4 HAKA H N N 121 
EA4 HNAM H N N 122 
GLN N    N N N 123 
GLN CA   C N S 124 
GLN C    C N N 125 
GLN O    O N N 126 
GLN CB   C N N 127 
GLN CG   C N N 128 
GLN CD   C N N 129 
GLN OE1  O N N 130 
GLN NE2  N N N 131 
GLN OXT  O N N 132 
GLN H    H N N 133 
GLN H2   H N N 134 
GLN HA   H N N 135 
GLN HB2  H N N 136 
GLN HB3  H N N 137 
GLN HG2  H N N 138 
GLN HG3  H N N 139 
GLN HE21 H N N 140 
GLN HE22 H N N 141 
GLN HXT  H N N 142 
GLU N    N N N 143 
GLU CA   C N S 144 
GLU C    C N N 145 
GLU O    O N N 146 
GLU CB   C N N 147 
GLU CG   C N N 148 
GLU CD   C N N 149 
GLU OE1  O N N 150 
GLU OE2  O N N 151 
GLU OXT  O N N 152 
GLU H    H N N 153 
GLU H2   H N N 154 
GLU HA   H N N 155 
GLU HB2  H N N 156 
GLU HB3  H N N 157 
GLU HG2  H N N 158 
GLU HG3  H N N 159 
GLU HE2  H N N 160 
GLU HXT  H N N 161 
GLY N    N N N 162 
GLY CA   C N N 163 
GLY C    C N N 164 
GLY O    O N N 165 
GLY OXT  O N N 166 
GLY H    H N N 167 
GLY H2   H N N 168 
GLY HA2  H N N 169 
GLY HA3  H N N 170 
GLY HXT  H N N 171 
HIS N    N N N 172 
HIS CA   C N S 173 
HIS C    C N N 174 
HIS O    O N N 175 
HIS CB   C N N 176 
HIS CG   C Y N 177 
HIS ND1  N Y N 178 
HIS CD2  C Y N 179 
HIS CE1  C Y N 180 
HIS NE2  N Y N 181 
HIS OXT  O N N 182 
HIS H    H N N 183 
HIS H2   H N N 184 
HIS HA   H N N 185 
HIS HB2  H N N 186 
HIS HB3  H N N 187 
HIS HD1  H N N 188 
HIS HD2  H N N 189 
HIS HE1  H N N 190 
HIS HE2  H N N 191 
HIS HXT  H N N 192 
HOH O    O N N 193 
HOH H1   H N N 194 
HOH H2   H N N 195 
ILE N    N N N 196 
ILE CA   C N S 197 
ILE C    C N N 198 
ILE O    O N N 199 
ILE CB   C N S 200 
ILE CG1  C N N 201 
ILE CG2  C N N 202 
ILE CD1  C N N 203 
ILE OXT  O N N 204 
ILE H    H N N 205 
ILE H2   H N N 206 
ILE HA   H N N 207 
ILE HB   H N N 208 
ILE HG12 H N N 209 
ILE HG13 H N N 210 
ILE HG21 H N N 211 
ILE HG22 H N N 212 
ILE HG23 H N N 213 
ILE HD11 H N N 214 
ILE HD12 H N N 215 
ILE HD13 H N N 216 
ILE HXT  H N N 217 
LEU N    N N N 218 
LEU CA   C N S 219 
LEU C    C N N 220 
LEU O    O N N 221 
LEU CB   C N N 222 
LEU CG   C N N 223 
LEU CD1  C N N 224 
LEU CD2  C N N 225 
LEU OXT  O N N 226 
LEU H    H N N 227 
LEU H2   H N N 228 
LEU HA   H N N 229 
LEU HB2  H N N 230 
LEU HB3  H N N 231 
LEU HG   H N N 232 
LEU HD11 H N N 233 
LEU HD12 H N N 234 
LEU HD13 H N N 235 
LEU HD21 H N N 236 
LEU HD22 H N N 237 
LEU HD23 H N N 238 
LEU HXT  H N N 239 
LYS N    N N N 240 
LYS CA   C N S 241 
LYS C    C N N 242 
LYS O    O N N 243 
LYS CB   C N N 244 
LYS CG   C N N 245 
LYS CD   C N N 246 
LYS CE   C N N 247 
LYS NZ   N N N 248 
LYS OXT  O N N 249 
LYS H    H N N 250 
LYS H2   H N N 251 
LYS HA   H N N 252 
LYS HB2  H N N 253 
LYS HB3  H N N 254 
LYS HG2  H N N 255 
LYS HG3  H N N 256 
LYS HD2  H N N 257 
LYS HD3  H N N 258 
LYS HE2  H N N 259 
LYS HE3  H N N 260 
LYS HZ1  H N N 261 
LYS HZ2  H N N 262 
LYS HZ3  H N N 263 
LYS HXT  H N N 264 
MET N    N N N 265 
MET CA   C N S 266 
MET C    C N N 267 
MET O    O N N 268 
MET CB   C N N 269 
MET CG   C N N 270 
MET SD   S N N 271 
MET CE   C N N 272 
MET OXT  O N N 273 
MET H    H N N 274 
MET H2   H N N 275 
MET HA   H N N 276 
MET HB2  H N N 277 
MET HB3  H N N 278 
MET HG2  H N N 279 
MET HG3  H N N 280 
MET HE1  H N N 281 
MET HE2  H N N 282 
MET HE3  H N N 283 
MET HXT  H N N 284 
PHE N    N N N 285 
PHE CA   C N S 286 
PHE C    C N N 287 
PHE O    O N N 288 
PHE CB   C N N 289 
PHE CG   C Y N 290 
PHE CD1  C Y N 291 
PHE CD2  C Y N 292 
PHE CE1  C Y N 293 
PHE CE2  C Y N 294 
PHE CZ   C Y N 295 
PHE OXT  O N N 296 
PHE H    H N N 297 
PHE H2   H N N 298 
PHE HA   H N N 299 
PHE HB2  H N N 300 
PHE HB3  H N N 301 
PHE HD1  H N N 302 
PHE HD2  H N N 303 
PHE HE1  H N N 304 
PHE HE2  H N N 305 
PHE HZ   H N N 306 
PHE HXT  H N N 307 
PRO N    N N N 308 
PRO CA   C N S 309 
PRO C    C N N 310 
PRO O    O N N 311 
PRO CB   C N N 312 
PRO CG   C N N 313 
PRO CD   C N N 314 
PRO OXT  O N N 315 
PRO H    H N N 316 
PRO HA   H N N 317 
PRO HB2  H N N 318 
PRO HB3  H N N 319 
PRO HG2  H N N 320 
PRO HG3  H N N 321 
PRO HD2  H N N 322 
PRO HD3  H N N 323 
PRO HXT  H N N 324 
SER N    N N N 325 
SER CA   C N S 326 
SER C    C N N 327 
SER O    O N N 328 
SER CB   C N N 329 
SER OG   O N N 330 
SER OXT  O N N 331 
SER H    H N N 332 
SER H2   H N N 333 
SER HA   H N N 334 
SER HB2  H N N 335 
SER HB3  H N N 336 
SER HG   H N N 337 
SER HXT  H N N 338 
THR N    N N N 339 
THR CA   C N S 340 
THR C    C N N 341 
THR O    O N N 342 
THR CB   C N R 343 
THR OG1  O N N 344 
THR CG2  C N N 345 
THR OXT  O N N 346 
THR H    H N N 347 
THR H2   H N N 348 
THR HA   H N N 349 
THR HB   H N N 350 
THR HG1  H N N 351 
THR HG21 H N N 352 
THR HG22 H N N 353 
THR HG23 H N N 354 
THR HXT  H N N 355 
TRP N    N N N 356 
TRP CA   C N S 357 
TRP C    C N N 358 
TRP O    O N N 359 
TRP CB   C N N 360 
TRP CG   C Y N 361 
TRP CD1  C Y N 362 
TRP CD2  C Y N 363 
TRP NE1  N Y N 364 
TRP CE2  C Y N 365 
TRP CE3  C Y N 366 
TRP CZ2  C Y N 367 
TRP CZ3  C Y N 368 
TRP CH2  C Y N 369 
TRP OXT  O N N 370 
TRP H    H N N 371 
TRP H2   H N N 372 
TRP HA   H N N 373 
TRP HB2  H N N 374 
TRP HB3  H N N 375 
TRP HD1  H N N 376 
TRP HE1  H N N 377 
TRP HE3  H N N 378 
TRP HZ2  H N N 379 
TRP HZ3  H N N 380 
TRP HH2  H N N 381 
TRP HXT  H N N 382 
TYR N    N N N 383 
TYR CA   C N S 384 
TYR C    C N N 385 
TYR O    O N N 386 
TYR CB   C N N 387 
TYR CG   C Y N 388 
TYR CD1  C Y N 389 
TYR CD2  C Y N 390 
TYR CE1  C Y N 391 
TYR CE2  C Y N 392 
TYR CZ   C Y N 393 
TYR OH   O N N 394 
TYR OXT  O N N 395 
TYR H    H N N 396 
TYR H2   H N N 397 
TYR HA   H N N 398 
TYR HB2  H N N 399 
TYR HB3  H N N 400 
TYR HD1  H N N 401 
TYR HD2  H N N 402 
TYR HE1  H N N 403 
TYR HE2  H N N 404 
TYR HH   H N N 405 
TYR HXT  H N N 406 
VAL N    N N N 407 
VAL CA   C N S 408 
VAL C    C N N 409 
VAL O    O N N 410 
VAL CB   C N N 411 
VAL CG1  C N N 412 
VAL CG2  C N N 413 
VAL OXT  O N N 414 
VAL H    H N N 415 
VAL H2   H N N 416 
VAL HA   H N N 417 
VAL HB   H N N 418 
VAL HG11 H N N 419 
VAL HG12 H N N 420 
VAL HG13 H N N 421 
VAL HG21 H N N 422 
VAL HG22 H N N 423 
VAL HG23 H N N 424 
VAL HXT  H N N 425 
# 
loop_
_chem_comp_bond.comp_id 
_chem_comp_bond.atom_id_1 
_chem_comp_bond.atom_id_2 
_chem_comp_bond.value_order 
_chem_comp_bond.pdbx_aromatic_flag 
_chem_comp_bond.pdbx_stereo_config 
_chem_comp_bond.pdbx_ordinal 
ALA N   CA   sing N N 1   
ALA N   H    sing N N 2   
ALA N   H2   sing N N 3   
ALA CA  C    sing N N 4   
ALA CA  CB   sing N N 5   
ALA CA  HA   sing N N 6   
ALA C   O    doub N N 7   
ALA C   OXT  sing N N 8   
ALA CB  HB1  sing N N 9   
ALA CB  HB2  sing N N 10  
ALA CB  HB3  sing N N 11  
ALA OXT HXT  sing N N 12  
ARG N   CA   sing N N 13  
ARG N   H    sing N N 14  
ARG N   H2   sing N N 15  
ARG CA  C    sing N N 16  
ARG CA  CB   sing N N 17  
ARG CA  HA   sing N N 18  
ARG C   O    doub N N 19  
ARG C   OXT  sing N N 20  
ARG CB  CG   sing N N 21  
ARG CB  HB2  sing N N 22  
ARG CB  HB3  sing N N 23  
ARG CG  CD   sing N N 24  
ARG CG  HG2  sing N N 25  
ARG CG  HG3  sing N N 26  
ARG CD  NE   sing N N 27  
ARG CD  HD2  sing N N 28  
ARG CD  HD3  sing N N 29  
ARG NE  CZ   sing N N 30  
ARG NE  HE   sing N N 31  
ARG CZ  NH1  sing N N 32  
ARG CZ  NH2  doub N N 33  
ARG NH1 HH11 sing N N 34  
ARG NH1 HH12 sing N N 35  
ARG NH2 HH21 sing N N 36  
ARG NH2 HH22 sing N N 37  
ARG OXT HXT  sing N N 38  
ASN N   CA   sing N N 39  
ASN N   H    sing N N 40  
ASN N   H2   sing N N 41  
ASN CA  C    sing N N 42  
ASN CA  CB   sing N N 43  
ASN CA  HA   sing N N 44  
ASN C   O    doub N N 45  
ASN C   OXT  sing N N 46  
ASN CB  CG   sing N N 47  
ASN CB  HB2  sing N N 48  
ASN CB  HB3  sing N N 49  
ASN CG  OD1  doub N N 50  
ASN CG  ND2  sing N N 51  
ASN ND2 HD21 sing N N 52  
ASN ND2 HD22 sing N N 53  
ASN OXT HXT  sing N N 54  
ASP N   CA   sing N N 55  
ASP N   H    sing N N 56  
ASP N   H2   sing N N 57  
ASP CA  C    sing N N 58  
ASP CA  CB   sing N N 59  
ASP CA  HA   sing N N 60  
ASP C   O    doub N N 61  
ASP C   OXT  sing N N 62  
ASP CB  CG   sing N N 63  
ASP CB  HB2  sing N N 64  
ASP CB  HB3  sing N N 65  
ASP CG  OD1  doub N N 66  
ASP CG  OD2  sing N N 67  
ASP OD2 HD2  sing N N 68  
ASP OXT HXT  sing N N 69  
CYS N   CA   sing N N 70  
CYS N   H    sing N N 71  
CYS N   H2   sing N N 72  
CYS CA  C    sing N N 73  
CYS CA  CB   sing N N 74  
CYS CA  HA   sing N N 75  
CYS C   O    doub N N 76  
CYS C   OXT  sing N N 77  
CYS CB  SG   sing N N 78  
CYS CB  HB2  sing N N 79  
CYS CB  HB3  sing N N 80  
CYS SG  HG   sing N N 81  
CYS OXT HXT  sing N N 82  
EA4 C   O    doub N N 83  
EA4 C   CA   sing N N 84  
EA4 C   OAN  sing N N 85  
EA4 N   CA   sing N N 86  
EA4 N   CAO  sing N N 87  
EA4 CAA CAI  sing N N 88  
EA4 NAB CAQ  sing N N 89  
EA4 OAC CAO  doub N N 90  
EA4 CAE CAG  doub Y N 91  
EA4 CAE CAQ  sing Y N 92  
EA4 CAF CAH  sing Y N 93  
EA4 CAF CAQ  doub Y N 94  
EA4 CAG CAR  sing Y N 95  
EA4 CAH CAR  doub Y N 96  
EA4 CAI OAN  sing N N 97  
EA4 CAK NAM  sing N N 98  
EA4 CAK CAR  sing N N 99  
EA4 NAM CAO  sing N N 100 
EA4 N   HN   sing N N 101 
EA4 CA  HA   sing N N 102 
EA4 CA  HAA  sing N N 103 
EA4 CAA HAAA sing N N 104 
EA4 CAA HAAB sing N N 105 
EA4 CAA HAAC sing N N 106 
EA4 NAB HNAB sing N N 107 
EA4 NAB HNAA sing N N 108 
EA4 CAE HAE  sing N N 109 
EA4 CAF HAF  sing N N 110 
EA4 CAG HAG  sing N N 111 
EA4 CAH HAH  sing N N 112 
EA4 CAI HAI  sing N N 113 
EA4 CAI HAIA sing N N 114 
EA4 CAK HAK  sing N N 115 
EA4 CAK HAKA sing N N 116 
EA4 NAM HNAM sing N N 117 
GLN N   CA   sing N N 118 
GLN N   H    sing N N 119 
GLN N   H2   sing N N 120 
GLN CA  C    sing N N 121 
GLN CA  CB   sing N N 122 
GLN CA  HA   sing N N 123 
GLN C   O    doub N N 124 
GLN C   OXT  sing N N 125 
GLN CB  CG   sing N N 126 
GLN CB  HB2  sing N N 127 
GLN CB  HB3  sing N N 128 
GLN CG  CD   sing N N 129 
GLN CG  HG2  sing N N 130 
GLN CG  HG3  sing N N 131 
GLN CD  OE1  doub N N 132 
GLN CD  NE2  sing N N 133 
GLN NE2 HE21 sing N N 134 
GLN NE2 HE22 sing N N 135 
GLN OXT HXT  sing N N 136 
GLU N   CA   sing N N 137 
GLU N   H    sing N N 138 
GLU N   H2   sing N N 139 
GLU CA  C    sing N N 140 
GLU CA  CB   sing N N 141 
GLU CA  HA   sing N N 142 
GLU C   O    doub N N 143 
GLU C   OXT  sing N N 144 
GLU CB  CG   sing N N 145 
GLU CB  HB2  sing N N 146 
GLU CB  HB3  sing N N 147 
GLU CG  CD   sing N N 148 
GLU CG  HG2  sing N N 149 
GLU CG  HG3  sing N N 150 
GLU CD  OE1  doub N N 151 
GLU CD  OE2  sing N N 152 
GLU OE2 HE2  sing N N 153 
GLU OXT HXT  sing N N 154 
GLY N   CA   sing N N 155 
GLY N   H    sing N N 156 
GLY N   H2   sing N N 157 
GLY CA  C    sing N N 158 
GLY CA  HA2  sing N N 159 
GLY CA  HA3  sing N N 160 
GLY C   O    doub N N 161 
GLY C   OXT  sing N N 162 
GLY OXT HXT  sing N N 163 
HIS N   CA   sing N N 164 
HIS N   H    sing N N 165 
HIS N   H2   sing N N 166 
HIS CA  C    sing N N 167 
HIS CA  CB   sing N N 168 
HIS CA  HA   sing N N 169 
HIS C   O    doub N N 170 
HIS C   OXT  sing N N 171 
HIS CB  CG   sing N N 172 
HIS CB  HB2  sing N N 173 
HIS CB  HB3  sing N N 174 
HIS CG  ND1  sing Y N 175 
HIS CG  CD2  doub Y N 176 
HIS ND1 CE1  doub Y N 177 
HIS ND1 HD1  sing N N 178 
HIS CD2 NE2  sing Y N 179 
HIS CD2 HD2  sing N N 180 
HIS CE1 NE2  sing Y N 181 
HIS CE1 HE1  sing N N 182 
HIS NE2 HE2  sing N N 183 
HIS OXT HXT  sing N N 184 
HOH O   H1   sing N N 185 
HOH O   H2   sing N N 186 
ILE N   CA   sing N N 187 
ILE N   H    sing N N 188 
ILE N   H2   sing N N 189 
ILE CA  C    sing N N 190 
ILE CA  CB   sing N N 191 
ILE CA  HA   sing N N 192 
ILE C   O    doub N N 193 
ILE C   OXT  sing N N 194 
ILE CB  CG1  sing N N 195 
ILE CB  CG2  sing N N 196 
ILE CB  HB   sing N N 197 
ILE CG1 CD1  sing N N 198 
ILE CG1 HG12 sing N N 199 
ILE CG1 HG13 sing N N 200 
ILE CG2 HG21 sing N N 201 
ILE CG2 HG22 sing N N 202 
ILE CG2 HG23 sing N N 203 
ILE CD1 HD11 sing N N 204 
ILE CD1 HD12 sing N N 205 
ILE CD1 HD13 sing N N 206 
ILE OXT HXT  sing N N 207 
LEU N   CA   sing N N 208 
LEU N   H    sing N N 209 
LEU N   H2   sing N N 210 
LEU CA  C    sing N N 211 
LEU CA  CB   sing N N 212 
LEU CA  HA   sing N N 213 
LEU C   O    doub N N 214 
LEU C   OXT  sing N N 215 
LEU CB  CG   sing N N 216 
LEU CB  HB2  sing N N 217 
LEU CB  HB3  sing N N 218 
LEU CG  CD1  sing N N 219 
LEU CG  CD2  sing N N 220 
LEU CG  HG   sing N N 221 
LEU CD1 HD11 sing N N 222 
LEU CD1 HD12 sing N N 223 
LEU CD1 HD13 sing N N 224 
LEU CD2 HD21 sing N N 225 
LEU CD2 HD22 sing N N 226 
LEU CD2 HD23 sing N N 227 
LEU OXT HXT  sing N N 228 
LYS N   CA   sing N N 229 
LYS N   H    sing N N 230 
LYS N   H2   sing N N 231 
LYS CA  C    sing N N 232 
LYS CA  CB   sing N N 233 
LYS CA  HA   sing N N 234 
LYS C   O    doub N N 235 
LYS C   OXT  sing N N 236 
LYS CB  CG   sing N N 237 
LYS CB  HB2  sing N N 238 
LYS CB  HB3  sing N N 239 
LYS CG  CD   sing N N 240 
LYS CG  HG2  sing N N 241 
LYS CG  HG3  sing N N 242 
LYS CD  CE   sing N N 243 
LYS CD  HD2  sing N N 244 
LYS CD  HD3  sing N N 245 
LYS CE  NZ   sing N N 246 
LYS CE  HE2  sing N N 247 
LYS CE  HE3  sing N N 248 
LYS NZ  HZ1  sing N N 249 
LYS NZ  HZ2  sing N N 250 
LYS NZ  HZ3  sing N N 251 
LYS OXT HXT  sing N N 252 
MET N   CA   sing N N 253 
MET N   H    sing N N 254 
MET N   H2   sing N N 255 
MET CA  C    sing N N 256 
MET CA  CB   sing N N 257 
MET CA  HA   sing N N 258 
MET C   O    doub N N 259 
MET C   OXT  sing N N 260 
MET CB  CG   sing N N 261 
MET CB  HB2  sing N N 262 
MET CB  HB3  sing N N 263 
MET CG  SD   sing N N 264 
MET CG  HG2  sing N N 265 
MET CG  HG3  sing N N 266 
MET SD  CE   sing N N 267 
MET CE  HE1  sing N N 268 
MET CE  HE2  sing N N 269 
MET CE  HE3  sing N N 270 
MET OXT HXT  sing N N 271 
PHE N   CA   sing N N 272 
PHE N   H    sing N N 273 
PHE N   H2   sing N N 274 
PHE CA  C    sing N N 275 
PHE CA  CB   sing N N 276 
PHE CA  HA   sing N N 277 
PHE C   O    doub N N 278 
PHE C   OXT  sing N N 279 
PHE CB  CG   sing N N 280 
PHE CB  HB2  sing N N 281 
PHE CB  HB3  sing N N 282 
PHE CG  CD1  doub Y N 283 
PHE CG  CD2  sing Y N 284 
PHE CD1 CE1  sing Y N 285 
PHE CD1 HD1  sing N N 286 
PHE CD2 CE2  doub Y N 287 
PHE CD2 HD2  sing N N 288 
PHE CE1 CZ   doub Y N 289 
PHE CE1 HE1  sing N N 290 
PHE CE2 CZ   sing Y N 291 
PHE CE2 HE2  sing N N 292 
PHE CZ  HZ   sing N N 293 
PHE OXT HXT  sing N N 294 
PRO N   CA   sing N N 295 
PRO N   CD   sing N N 296 
PRO N   H    sing N N 297 
PRO CA  C    sing N N 298 
PRO CA  CB   sing N N 299 
PRO CA  HA   sing N N 300 
PRO C   O    doub N N 301 
PRO C   OXT  sing N N 302 
PRO CB  CG   sing N N 303 
PRO CB  HB2  sing N N 304 
PRO CB  HB3  sing N N 305 
PRO CG  CD   sing N N 306 
PRO CG  HG2  sing N N 307 
PRO CG  HG3  sing N N 308 
PRO CD  HD2  sing N N 309 
PRO CD  HD3  sing N N 310 
PRO OXT HXT  sing N N 311 
SER N   CA   sing N N 312 
SER N   H    sing N N 313 
SER N   H2   sing N N 314 
SER CA  C    sing N N 315 
SER CA  CB   sing N N 316 
SER CA  HA   sing N N 317 
SER C   O    doub N N 318 
SER C   OXT  sing N N 319 
SER CB  OG   sing N N 320 
SER CB  HB2  sing N N 321 
SER CB  HB3  sing N N 322 
SER OG  HG   sing N N 323 
SER OXT HXT  sing N N 324 
THR N   CA   sing N N 325 
THR N   H    sing N N 326 
THR N   H2   sing N N 327 
THR CA  C    sing N N 328 
THR CA  CB   sing N N 329 
THR CA  HA   sing N N 330 
THR C   O    doub N N 331 
THR C   OXT  sing N N 332 
THR CB  OG1  sing N N 333 
THR CB  CG2  sing N N 334 
THR CB  HB   sing N N 335 
THR OG1 HG1  sing N N 336 
THR CG2 HG21 sing N N 337 
THR CG2 HG22 sing N N 338 
THR CG2 HG23 sing N N 339 
THR OXT HXT  sing N N 340 
TRP N   CA   sing N N 341 
TRP N   H    sing N N 342 
TRP N   H2   sing N N 343 
TRP CA  C    sing N N 344 
TRP CA  CB   sing N N 345 
TRP CA  HA   sing N N 346 
TRP C   O    doub N N 347 
TRP C   OXT  sing N N 348 
TRP CB  CG   sing N N 349 
TRP CB  HB2  sing N N 350 
TRP CB  HB3  sing N N 351 
TRP CG  CD1  doub Y N 352 
TRP CG  CD2  sing Y N 353 
TRP CD1 NE1  sing Y N 354 
TRP CD1 HD1  sing N N 355 
TRP CD2 CE2  doub Y N 356 
TRP CD2 CE3  sing Y N 357 
TRP NE1 CE2  sing Y N 358 
TRP NE1 HE1  sing N N 359 
TRP CE2 CZ2  sing Y N 360 
TRP CE3 CZ3  doub Y N 361 
TRP CE3 HE3  sing N N 362 
TRP CZ2 CH2  doub Y N 363 
TRP CZ2 HZ2  sing N N 364 
TRP CZ3 CH2  sing Y N 365 
TRP CZ3 HZ3  sing N N 366 
TRP CH2 HH2  sing N N 367 
TRP OXT HXT  sing N N 368 
TYR N   CA   sing N N 369 
TYR N   H    sing N N 370 
TYR N   H2   sing N N 371 
TYR CA  C    sing N N 372 
TYR CA  CB   sing N N 373 
TYR CA  HA   sing N N 374 
TYR C   O    doub N N 375 
TYR C   OXT  sing N N 376 
TYR CB  CG   sing N N 377 
TYR CB  HB2  sing N N 378 
TYR CB  HB3  sing N N 379 
TYR CG  CD1  doub Y N 380 
TYR CG  CD2  sing Y N 381 
TYR CD1 CE1  sing Y N 382 
TYR CD1 HD1  sing N N 383 
TYR CD2 CE2  doub Y N 384 
TYR CD2 HD2  sing N N 385 
TYR CE1 CZ   doub Y N 386 
TYR CE1 HE1  sing N N 387 
TYR CE2 CZ   sing Y N 388 
TYR CE2 HE2  sing N N 389 
TYR CZ  OH   sing N N 390 
TYR OH  HH   sing N N 391 
TYR OXT HXT  sing N N 392 
VAL N   CA   sing N N 393 
VAL N   H    sing N N 394 
VAL N   H2   sing N N 395 
VAL CA  C    sing N N 396 
VAL CA  CB   sing N N 397 
VAL CA  HA   sing N N 398 
VAL C   O    doub N N 399 
VAL C   OXT  sing N N 400 
VAL CB  CG1  sing N N 401 
VAL CB  CG2  sing N N 402 
VAL CB  HB   sing N N 403 
VAL CG1 HG11 sing N N 404 
VAL CG1 HG12 sing N N 405 
VAL CG1 HG13 sing N N 406 
VAL CG2 HG21 sing N N 407 
VAL CG2 HG22 sing N N 408 
VAL CG2 HG23 sing N N 409 
VAL OXT HXT  sing N N 410 
# 
loop_
_pdbx_entity_nonpoly.entity_id 
_pdbx_entity_nonpoly.name 
_pdbx_entity_nonpoly.comp_id 
2 'ethyl N-[(4-aminobenzyl)carbamoyl]glycinate' EA4 
3 water                                         HOH 
# 
_pdbx_initial_refinement_model.id               1 
_pdbx_initial_refinement_model.entity_id_list   ? 
_pdbx_initial_refinement_model.type             'experimental model' 
_pdbx_initial_refinement_model.source_name      PDB 
_pdbx_initial_refinement_model.accession_code   2BIT 
_pdbx_initial_refinement_model.details          'PDB ENTRY 2BIT' 
# 
